data_7EB2
#
_entry.id   7EB2
#
_cell.length_a   1.00
_cell.length_b   1.00
_cell.length_c   1.00
_cell.angle_alpha   90.00
_cell.angle_beta   90.00
_cell.angle_gamma   90.00
#
_symmetry.space_group_name_H-M   'P 1'
#
loop_
_entity.id
_entity.type
_entity.pdbx_description
1 polymer 'Guanine nucleotide-binding protein G(i) subunit alpha-1'
2 polymer 'Guanine nucleotide-binding protein G(I)/G(S)/G(T) subunit beta-1'
3 polymer 'Guanine nucleotide-binding protein G(I)/G(S)/G(O) subunit gamma-2'
4 polymer ScFv16
5 polymer 'Gamma-aminobutyric acid type B receptor subunit 1'
6 polymer 'Gamma-aminobutyric acid type B receptor subunit 2'
7 non-polymer baclofen
8 non-polymer (3S)-5,7-ditert-butyl-3-oxidanyl-3-(trifluoromethyl)-1-benzofuran-2-one
#
loop_
_entity_poly.entity_id
_entity_poly.type
_entity_poly.pdbx_seq_one_letter_code
_entity_poly.pdbx_strand_id
1 'polypeptide(L)'
;MGCTLSAEDKAAVERSKMIDRNLREDGEKAAREVKLLLLGAGESGKNTIVKQMKIIHEAGYSEEECKQYKAVVYSNTIQS
IIAIIRAMGRLKIDFGDSARADDARQLFVLAGAAEEGFMTAELAGVIKRLWKDSGVQACFNRSREYQLNDSAAYYLNDLD
RIAQPNYIPTQQDVLRTRVKTTGIVETHFTFKDLHFKMFDVGAQRSERKKWIHCFEGVTAIIFCVALSDYDLVLAEDEEM
NRMHASMKLFDSICNNKWFTDTSIILFLNKKDLFEEKIKKSPLTICYPEYAGSNTYEEAAAYIQCQFEDLNKRKDTKEIY
THFTCSTDTKNVQFVFDAVTDVIIKNNLKDCGLF
;
A
2 'polypeptide(L)'
;MHHHHHHLEVLFQGPGSSGSELDQLRQEAEQLKNQIRDARKACADATLSQITNNIDPVGRIQMRTRRTLRGHLAKIYAMH
WGTDSRLLVSASQDGKLIIWDSYTTNKVHAIPLRSSWVMTCAYAPSGNYVACGGLDNICSIYNLKTREGNVRVSRELAGH
TGYLSCCRFLDDNQIVTSSGDTTCALWDIETGQQTTTFTGHTGDVMSLSLAPDTRLFVSGACDASAKLWDVREGMCRQTF
TGHESDINAICFFPNGNAFATGSDDATCRLFDLRADQELMTYSHDNIICGITSVSFSKSGRLLLAGYDDFNCNVWDALKA
DRAGVLAGHDNRVSCLGVTDDGMAVATGSWDSFLKIWN
;
B
3 'polypeptide(L)' MASNNTASIAQARKLVEQLKMEANIDRIKVSKAAADLMAYCEAHAKEDPLLTPVPASENPFREKKFFCAIL Y
4 'polypeptide(L)'
;DVQLVESGGGLVQPGGSRKLSCSASGFAFSSFGMHWVRQAPEKGLEWVAYISSGSGTIYYADTVKGRFTISRDDPKNTLF
LQMTSLRSEDTAMYYCVRSIYYYGSSPFDFWGQGTTLTVSSGGGGSGGGGSGGGGSDIVMTQATSSVPVTPGESVSISCR
SSKSLLHSNGNTYLYWFLQRPGQSPQLLIYRMSNLASGVPDRFSGSGSGTAFTLTISRLEAEDVGVYYCMQHLEYPLTFG
AGTKLELKGSLEVLFQGPAAAHHHHHHHH
;
N
5 'polypeptide(L)'
;MKTIIALSYIFCLVFAPGAGGAQTPNATSEGCQIIHPPWEGGIRYRGLTRDQVKAINFLPVDYEIEYVCRGEREVVGPKV
RKCLANGSWTDMDTPSRCVRICSKSYLTLENGKVFLTGGDLPALDGARVDFRCDPDFHLVGSSRSICSQGQWSTPKPHCQ
VNRTPHSERRAVYIGALFPMSGGWPGGQACQPAVEMALEDVNSRRDILPDYELKLIHHDSKCDPGQATKYLYELLYNDPI
KIILMPGCSSVSTLVAEAARMWNLIVLSYGSSSPALSNRQRFPTFFRTHPSATLHNPTRVKLFEKWGWKKIATIQQTTEV
FTSTLDDLEERVKEAGIEITFRQSFFSDPAVPVKNLKRQDARIIVGLFYETEARKVFCEVYKERLFGKKYVWFLIGWYAD
NWFKIYDPSINCTVDEMTEAVEGHITTEIVMLNPANTRSISNMTSQEFVEKLTKRLKRHPEETGGFQEAPLAYDAIWALA
LALNKTSGGGGRSGVRLEDFNYNNQTITDQIYRAMNSSSFEGVSGHVVFDASGSRMAWTLIEQLQGGSYKKIGYYDSTKD
DLSWSKTDKWIGGSPPADQTLVIKTFRFLSQKLFISVSVLSSLGIVLAVVCLSFNIYNSHVRYIQNSQPNLNNLTAVGCS
LALAAVFPLGLDGYHIGRNQFPFVCQARLWLLGLGFSLGYGSMFTKIWWVHTVFTKKEEKKEWRKTLEPWKLYATVGLLV
GMDVLTLAIWQIVDPLHRTIETFAKEEPKEDIDVSILPQLEHCSSRKMNTWLGIFYGYKGLLLLLGIFLAYETKSVSTEK
INDHRAVGMAIYNVAVLCLITAPVTMILSSQQDAAFAFASLAIVFSSYITLVVLFVPKMRRLITRGEWQSEAQDTMKTGS
STNNNEEEKSRLLEKENRELEKIIAEKEERVSELRHQLQSRLEVLFQGPHHHHHHHH
;
C
6 'polypeptide(L)'
;MKTIIALSYIFCLVFADYKDDDDKGSGGSGWARGAPRPPPSSPPLSIMGLMPLTKEVAKGSIGRGVLPAVELAIEQIRNE
SLLRPYFLDLRLYDTECDNAKGLKAFYDAIKYGPNHLMVFGGVCPSVTSIIAESLQGWNLVQLSFAATTPVLADKKKYPY
FFRTVPSDNAVNPAILKLLKHYQWKRVGTLTQDVQRFSEVRNDLTGVLYGEDIEISDTESFSNDPCTSVKKLKGNDVRII
LGQFDQNMAAKVFCCAYEENMYGSKYQWIIPGWYEPSWWEQVHTEANSSRCLRKNLLAAMEGYIGVDFEPLSSKQIKTIS
GKTPQQYEREYNNKRSGVGPSKFHGYAYDGIWVIAKTLQRAMETLHASSRHQRIQDFNYTDHTLGRIILNAMNETNFFGV
TGQVVFRNGERMGTIKFTQFQDSREVKVGEYNAVADTLEIINDTIRFQGSEPPKDKTIILEQLRKISLPLYSILSALTIL
GMIMASAFLFFNIKNRNQKLIKMSSPYMNNLIILGGMLSYASIFLFGLDGSFVSEKTFETLCTVRTWILTVGYTTAFGAM
FAKTWRVHAIFKNVKMKKKIIKDQKLLVIVGGMLLIDLCILICWQAVDPLRRTVEKYSMEPDPAGRDISIRPLLEHCENT
HMTIWLGIVYAYKGLLMLFGCFLAWETRNVSIPALNDSKYIGMSVYNVGIMCIIGAAVSFLTRDQPNVQFCIVALVIIFC
STITLCLVFVPKLITLRTNPDAATQNRRFQFTQNQKKEDSKTSTSVTSVNQASTSRLEGLQSENHRLRMKITELDKDLEE
VTMQLQDT
;
D
#
# COMPACT_ATOMS: atom_id res chain seq x y z
N CYS A 3 35.42 -17.42 -11.83
CA CYS A 3 35.07 -18.45 -12.80
C CYS A 3 36.24 -18.81 -13.71
N THR A 4 37.32 -18.03 -13.66
CA THR A 4 38.49 -18.31 -14.48
C THR A 4 39.66 -18.83 -13.66
N LEU A 5 39.51 -18.93 -12.35
CA LEU A 5 40.63 -19.26 -11.48
C LEU A 5 40.84 -20.77 -11.38
N SER A 6 42.10 -21.16 -11.23
CA SER A 6 42.45 -22.55 -10.97
C SER A 6 42.14 -22.90 -9.52
N ALA A 7 42.15 -24.19 -9.21
CA ALA A 7 41.93 -24.61 -7.82
C ALA A 7 42.95 -23.97 -6.89
N GLU A 8 44.21 -23.86 -7.32
CA GLU A 8 45.20 -23.23 -6.46
C GLU A 8 45.03 -21.72 -6.40
N ASP A 9 44.69 -21.09 -7.52
CA ASP A 9 44.50 -19.63 -7.49
C ASP A 9 43.43 -19.25 -6.47
N LYS A 10 42.34 -19.99 -6.39
CA LYS A 10 41.30 -19.66 -5.42
C LYS A 10 41.82 -19.79 -4.00
N ALA A 11 42.59 -20.83 -3.71
CA ALA A 11 43.17 -20.96 -2.38
C ALA A 11 44.10 -19.79 -2.06
N ALA A 12 44.87 -19.34 -3.05
CA ALA A 12 45.75 -18.21 -2.83
C ALA A 12 44.95 -16.95 -2.52
N VAL A 13 43.79 -16.78 -3.15
CA VAL A 13 42.95 -15.62 -2.84
C VAL A 13 42.44 -15.69 -1.41
N GLU A 14 42.01 -16.87 -0.95
CA GLU A 14 41.58 -16.97 0.43
C GLU A 14 42.70 -16.57 1.39
N ARG A 15 43.94 -16.96 1.10
CA ARG A 15 45.05 -16.53 1.93
C ARG A 15 45.14 -15.01 1.98
N SER A 16 45.09 -14.36 0.83
CA SER A 16 45.19 -12.91 0.82
C SER A 16 44.07 -12.28 1.63
N LYS A 17 42.85 -12.79 1.49
CA LYS A 17 41.73 -12.22 2.25
C LYS A 17 41.91 -12.42 3.74
N MET A 18 42.41 -13.59 4.15
CA MET A 18 42.64 -13.79 5.59
C MET A 18 43.71 -12.84 6.12
N ILE A 19 44.72 -12.52 5.31
CA ILE A 19 45.70 -11.52 5.70
C ILE A 19 45.05 -10.16 5.89
N ASP A 20 44.19 -9.76 4.96
CA ASP A 20 43.45 -8.50 5.11
C ASP A 20 42.61 -8.50 6.38
N ARG A 21 41.99 -9.62 6.69
CA ARG A 21 41.22 -9.74 7.92
C ARG A 21 42.10 -9.49 9.14
N ASN A 22 43.26 -10.14 9.19
CA ASN A 22 44.16 -9.93 10.32
C ASN A 22 44.65 -8.49 10.39
N LEU A 23 44.88 -7.86 9.24
CA LEU A 23 45.32 -6.47 9.26
C LEU A 23 44.22 -5.54 9.78
N ARG A 24 42.99 -5.81 9.38
CA ARG A 24 41.85 -5.00 9.80
C ARG A 24 41.65 -5.08 11.31
N GLU A 25 41.81 -6.29 11.85
CA GLU A 25 41.67 -6.50 13.29
C GLU A 25 42.79 -5.78 14.02
N ASP A 26 43.99 -5.86 13.47
CA ASP A 26 45.16 -5.20 14.04
C ASP A 26 45.00 -3.69 14.04
N GLY A 27 44.43 -3.17 12.97
CA GLY A 27 44.23 -1.73 12.85
C GLY A 27 43.30 -1.18 13.91
N GLU A 28 42.21 -1.91 14.19
CA GLU A 28 41.25 -1.48 15.21
C GLU A 28 41.93 -1.46 16.57
N LYS A 29 42.74 -2.49 16.83
CA LYS A 29 43.50 -2.59 18.08
C LYS A 29 44.53 -1.47 18.14
N ALA A 30 45.15 -1.22 16.99
CA ALA A 30 46.17 -0.19 16.88
C ALA A 30 45.79 1.26 17.17
N ALA A 31 44.56 1.61 16.88
CA ALA A 31 44.01 2.98 17.01
C ALA A 31 43.96 3.70 18.37
N ARG A 32 43.72 2.99 19.46
CA ARG A 32 43.53 3.63 20.77
C ARG A 32 44.65 4.50 21.39
N GLU A 33 45.91 4.09 21.27
CA GLU A 33 47.01 4.87 21.87
C GLU A 33 47.21 6.29 21.30
N VAL A 34 47.54 7.24 22.18
CA VAL A 34 47.77 8.61 21.77
C VAL A 34 49.27 8.78 21.59
N LYS A 35 49.68 9.31 20.44
CA LYS A 35 51.08 9.54 20.14
C LYS A 35 51.44 10.97 20.49
N LEU A 36 52.38 11.15 21.40
CA LEU A 36 52.81 12.47 21.85
C LEU A 36 54.32 12.58 21.65
N LEU A 37 54.77 13.68 21.05
CA LEU A 37 56.17 13.89 20.78
C LEU A 37 56.70 14.96 21.72
N LEU A 38 57.69 14.61 22.53
CA LEU A 38 58.18 15.49 23.59
C LEU A 38 59.48 16.16 23.14
N LEU A 39 59.42 17.47 22.91
CA LEU A 39 60.56 18.22 22.43
C LEU A 39 60.86 19.36 23.39
N GLY A 40 62.11 19.81 23.41
CA GLY A 40 62.46 20.99 24.17
C GLY A 40 63.88 20.98 24.69
N ALA A 41 64.29 22.07 25.32
CA ALA A 41 65.63 22.22 25.86
C ALA A 41 65.93 21.29 27.03
N GLY A 42 67.21 20.94 27.17
CA GLY A 42 67.66 20.07 28.24
C GLY A 42 67.49 20.71 29.61
N GLU A 43 67.22 19.87 30.61
CA GLU A 43 67.02 20.29 32.00
C GLU A 43 65.87 21.31 32.13
N SER A 44 64.82 21.10 31.35
CA SER A 44 63.69 22.03 31.26
C SER A 44 62.45 21.71 32.09
N GLY A 45 62.56 20.78 33.04
CA GLY A 45 61.38 20.44 33.83
C GLY A 45 60.53 19.40 33.13
N LYS A 46 61.09 18.74 32.13
CA LYS A 46 60.39 17.70 31.40
C LYS A 46 60.05 16.55 32.35
N ASN A 47 61.01 16.21 33.20
CA ASN A 47 60.84 15.14 34.18
C ASN A 47 59.62 15.39 35.08
N THR A 48 59.36 16.66 35.41
CA THR A 48 58.23 16.99 36.26
C THR A 48 56.96 16.51 35.57
N ILE A 49 56.88 16.72 34.26
CA ILE A 49 55.73 16.19 33.53
C ILE A 49 55.73 14.67 33.58
N VAL A 50 56.88 14.08 33.27
CA VAL A 50 56.95 12.64 33.24
C VAL A 50 56.88 12.03 34.59
N LYS A 51 57.61 12.57 35.55
CA LYS A 51 57.58 12.01 36.86
C LYS A 51 56.17 12.10 37.36
N GLN A 52 55.46 13.21 37.15
CA GLN A 52 54.14 13.23 37.70
C GLN A 52 53.29 12.12 37.11
N MET A 53 53.44 11.84 35.81
CA MET A 53 52.68 10.74 35.26
C MET A 53 53.06 9.43 35.98
N LYS A 54 54.35 9.33 36.33
CA LYS A 54 54.89 8.18 37.03
C LYS A 54 54.75 8.25 38.57
N ILE A 55 54.33 9.40 39.09
CA ILE A 55 54.16 9.51 40.54
C ILE A 55 53.03 8.64 41.09
N ILE A 56 51.87 8.66 40.44
CA ILE A 56 50.72 7.87 40.89
C ILE A 56 50.88 6.36 40.75
N HIS A 57 51.38 5.90 39.61
CA HIS A 57 51.62 4.47 39.38
C HIS A 57 50.37 3.62 39.18
N GLU A 58 49.23 4.29 39.02
CA GLU A 58 47.98 3.62 38.75
C GLU A 58 48.16 2.95 37.40
N ALA A 59 48.81 3.66 36.49
CA ALA A 59 49.10 3.16 35.15
C ALA A 59 50.38 2.33 35.16
N GLY A 60 50.29 1.15 35.75
CA GLY A 60 51.39 0.19 35.84
C GLY A 60 51.37 -0.75 34.66
N TYR A 61 52.10 -1.85 34.74
CA TYR A 61 52.06 -2.80 33.65
C TYR A 61 50.62 -3.25 33.58
N SER A 62 49.98 -3.09 32.42
CA SER A 62 48.53 -3.37 32.31
C SER A 62 48.25 -4.84 32.43
N GLU A 63 47.00 -5.25 32.64
CA GLU A 63 46.77 -6.69 32.70
C GLU A 63 47.10 -7.31 31.33
N GLU A 64 46.62 -6.65 30.28
CA GLU A 64 46.86 -7.06 28.90
C GLU A 64 48.34 -6.91 28.59
N GLU A 65 48.91 -5.81 29.10
CA GLU A 65 50.32 -5.53 28.93
C GLU A 65 51.17 -6.60 29.59
N CYS A 66 50.66 -7.10 30.71
CA CYS A 66 51.29 -8.17 31.49
C CYS A 66 51.35 -9.39 30.60
N LYS A 67 50.29 -9.58 29.81
CA LYS A 67 50.22 -10.69 28.86
C LYS A 67 51.34 -10.53 27.83
N GLN A 68 51.53 -9.29 27.37
CA GLN A 68 52.60 -8.96 26.41
C GLN A 68 53.96 -9.23 27.05
N TYR A 69 54.08 -8.89 28.34
CA TYR A 69 55.30 -9.12 29.11
C TYR A 69 55.59 -10.61 29.19
N LYS A 70 54.55 -11.42 29.37
CA LYS A 70 54.70 -12.87 29.42
C LYS A 70 55.26 -13.20 28.06
N ALA A 71 54.75 -12.53 27.04
CA ALA A 71 55.29 -12.70 25.69
C ALA A 71 56.72 -12.18 25.59
N VAL A 72 57.00 -11.05 26.26
CA VAL A 72 58.36 -10.49 26.29
C VAL A 72 59.32 -11.44 26.99
N VAL A 73 58.89 -12.02 28.12
CA VAL A 73 59.72 -12.96 28.87
C VAL A 73 60.04 -14.20 28.02
N TYR A 74 59.03 -14.73 27.32
CA TYR A 74 59.27 -15.85 26.42
C TYR A 74 60.31 -15.50 25.34
N SER A 75 60.19 -14.31 24.75
CA SER A 75 61.17 -13.87 23.76
C SER A 75 62.56 -13.72 24.37
N ASN A 76 62.66 -13.07 25.53
CA ASN A 76 63.95 -12.90 26.19
C ASN A 76 64.51 -14.21 26.71
N THR A 77 63.63 -15.13 27.14
CA THR A 77 64.11 -16.42 27.65
C THR A 77 64.75 -17.25 26.54
N ILE A 78 64.14 -17.22 25.34
CA ILE A 78 64.73 -17.86 24.17
C ILE A 78 66.08 -17.25 23.82
N GLN A 79 66.18 -15.92 23.91
CA GLN A 79 67.46 -15.24 23.67
C GLN A 79 68.49 -15.62 24.73
N SER A 80 68.05 -15.84 25.98
CA SER A 80 68.94 -16.24 27.05
C SER A 80 69.54 -17.61 26.79
N ILE A 81 68.70 -18.60 26.45
CA ILE A 81 69.22 -19.96 26.30
C ILE A 81 70.10 -20.09 25.06
N ILE A 82 69.79 -19.35 23.98
CA ILE A 82 70.69 -19.39 22.82
C ILE A 82 71.96 -18.59 23.12
N ALA A 83 71.87 -17.56 23.96
CA ALA A 83 73.03 -16.74 24.26
C ALA A 83 74.12 -17.56 24.93
N ILE A 84 73.74 -18.45 25.86
CA ILE A 84 74.72 -19.19 26.65
C ILE A 84 75.34 -20.32 25.84
N ILE A 85 74.55 -21.00 25.01
CA ILE A 85 75.14 -22.04 24.18
C ILE A 85 75.88 -21.42 22.99
N ARG A 86 75.49 -20.21 22.55
CA ARG A 86 76.26 -19.54 21.51
C ARG A 86 77.55 -18.95 22.08
N ALA A 87 77.48 -18.32 23.25
CA ALA A 87 78.65 -17.66 23.83
C ALA A 87 79.79 -18.64 24.05
N MET A 88 79.48 -19.88 24.41
CA MET A 88 80.50 -20.89 24.67
C MET A 88 80.94 -21.62 23.40
N GLY A 89 80.37 -21.29 22.25
CA GLY A 89 80.73 -21.94 21.00
C GLY A 89 81.42 -21.01 20.03
N ARG A 90 81.68 -19.77 20.47
CA ARG A 90 82.30 -18.75 19.64
C ARG A 90 83.53 -18.14 20.34
N LEU A 91 84.18 -18.90 21.22
CA LEU A 91 85.23 -18.37 22.08
C LEU A 91 86.55 -18.25 21.32
N LYS A 92 87.34 -17.25 21.67
CA LYS A 92 88.73 -17.18 21.21
C LYS A 92 89.61 -18.18 21.94
N ILE A 93 89.22 -18.54 23.16
CA ILE A 93 89.87 -19.60 23.91
C ILE A 93 88.78 -20.56 24.37
N ASP A 94 88.92 -21.83 24.00
CA ASP A 94 87.95 -22.86 24.36
C ASP A 94 88.22 -23.40 25.77
N PHE A 95 87.17 -23.92 26.39
CA PHE A 95 87.26 -24.60 27.68
C PHE A 95 86.67 -26.00 27.54
N GLY A 96 87.15 -26.92 28.38
CA GLY A 96 86.53 -28.23 28.47
C GLY A 96 85.25 -28.20 29.28
N ASP A 97 84.24 -28.91 28.79
CA ASP A 97 82.95 -29.04 29.45
C ASP A 97 83.07 -30.02 30.60
N SER A 98 82.19 -29.87 31.59
CA SER A 98 82.13 -30.79 32.72
C SER A 98 81.55 -32.14 32.31
N ALA A 99 80.86 -32.20 31.18
CA ALA A 99 80.24 -33.43 30.70
C ALA A 99 80.19 -33.41 29.18
N ARG A 100 80.41 -34.58 28.57
CA ARG A 100 80.29 -34.68 27.11
C ARG A 100 78.85 -34.53 26.66
N ALA A 101 77.89 -34.65 27.58
CA ALA A 101 76.46 -34.51 27.30
C ALA A 101 76.04 -33.08 26.96
N ASP A 102 76.87 -32.08 27.28
CA ASP A 102 76.57 -30.66 27.10
C ASP A 102 76.37 -30.29 25.63
N ASP A 103 77.11 -30.96 24.73
CA ASP A 103 76.97 -30.70 23.30
C ASP A 103 75.59 -31.11 22.80
N ALA A 104 75.06 -32.23 23.29
CA ALA A 104 73.71 -32.65 22.94
C ALA A 104 72.68 -31.64 23.45
N ARG A 105 72.92 -31.09 24.65
CA ARG A 105 72.04 -30.06 25.20
C ARG A 105 72.04 -28.81 24.34
N GLN A 106 73.23 -28.43 23.82
CA GLN A 106 73.36 -27.26 22.96
C GLN A 106 72.54 -27.41 21.69
N LEU A 107 72.55 -28.64 21.13
CA LEU A 107 71.83 -28.92 19.89
C LEU A 107 70.34 -28.74 20.12
N PHE A 108 69.85 -29.24 21.26
CA PHE A 108 68.45 -29.13 21.63
C PHE A 108 68.05 -27.67 21.80
N VAL A 109 68.91 -26.88 22.45
CA VAL A 109 68.61 -25.47 22.65
C VAL A 109 68.62 -24.73 21.32
N LEU A 110 69.61 -25.02 20.47
CA LEU A 110 69.72 -24.32 19.19
C LEU A 110 68.56 -24.71 18.26
N ALA A 111 68.14 -25.98 18.31
CA ALA A 111 66.98 -26.41 17.52
C ALA A 111 65.70 -25.74 18.00
N GLY A 112 65.49 -25.70 19.31
CA GLY A 112 64.31 -25.04 19.85
C GLY A 112 64.33 -23.55 19.63
N ALA A 113 65.49 -22.91 19.82
CA ALA A 113 65.60 -21.48 19.59
C ALA A 113 65.38 -21.13 18.13
N ALA A 114 65.82 -22.00 17.21
CA ALA A 114 65.61 -21.78 15.79
C ALA A 114 64.12 -21.72 15.46
N GLU A 115 63.31 -22.57 16.09
CA GLU A 115 61.86 -22.47 15.94
C GLU A 115 61.31 -21.20 16.58
N GLU A 116 61.92 -20.79 17.70
CA GLU A 116 61.58 -19.56 18.45
C GLU A 116 60.10 -19.52 18.84
N GLY A 117 59.61 -20.57 19.46
CA GLY A 117 58.21 -20.64 19.82
C GLY A 117 57.96 -20.16 21.23
N PHE A 118 58.24 -21.03 22.20
CA PHE A 118 57.90 -20.83 23.60
C PHE A 118 58.97 -21.50 24.44
N MET A 119 58.92 -21.26 25.75
CA MET A 119 59.91 -21.81 26.66
C MET A 119 59.63 -23.29 26.92
N THR A 120 60.64 -24.13 26.71
CA THR A 120 60.53 -25.56 26.98
C THR A 120 61.27 -25.87 28.27
N ALA A 121 60.60 -26.59 29.17
CA ALA A 121 61.15 -26.86 30.50
C ALA A 121 62.50 -27.59 30.42
N GLU A 122 62.63 -28.53 29.48
CA GLU A 122 63.90 -29.24 29.34
C GLU A 122 65.02 -28.30 28.91
N LEU A 123 64.72 -27.33 28.06
CA LEU A 123 65.74 -26.38 27.61
C LEU A 123 66.08 -25.37 28.71
N ALA A 124 65.09 -25.04 29.55
CA ALA A 124 65.35 -24.25 30.75
C ALA A 124 66.28 -24.98 31.69
N GLY A 125 66.18 -26.31 31.74
CA GLY A 125 67.15 -27.10 32.49
C GLY A 125 68.57 -26.96 31.95
N VAL A 126 68.72 -26.78 30.63
CA VAL A 126 70.07 -26.68 30.08
C VAL A 126 70.77 -25.42 30.57
N ILE A 127 70.13 -24.25 30.52
CA ILE A 127 70.78 -23.01 30.92
C ILE A 127 71.13 -23.05 32.41
N LYS A 128 70.28 -23.71 33.22
CA LYS A 128 70.59 -23.88 34.65
C LYS A 128 71.86 -24.70 34.86
N ARG A 129 72.02 -25.79 34.10
CA ARG A 129 73.21 -26.63 34.25
C ARG A 129 74.45 -25.96 33.65
N LEU A 130 74.31 -25.31 32.50
CA LEU A 130 75.46 -24.68 31.87
C LEU A 130 76.02 -23.55 32.72
N TRP A 131 75.14 -22.75 33.33
CA TRP A 131 75.54 -21.69 34.24
C TRP A 131 76.31 -22.21 35.45
N LYS A 132 75.86 -23.32 36.05
CA LYS A 132 76.60 -23.95 37.15
C LYS A 132 77.95 -24.49 36.70
N ASP A 133 78.06 -24.97 35.47
CA ASP A 133 79.31 -25.53 34.96
C ASP A 133 80.41 -24.46 35.00
N SER A 134 81.50 -24.77 35.71
CA SER A 134 82.59 -23.82 35.90
C SER A 134 83.27 -23.46 34.59
N GLY A 135 83.30 -24.38 33.63
CA GLY A 135 83.92 -24.08 32.34
C GLY A 135 83.14 -23.05 31.55
N VAL A 136 81.80 -23.12 31.61
CA VAL A 136 80.95 -22.16 30.90
C VAL A 136 81.05 -20.78 31.55
N GLN A 137 81.07 -20.74 32.88
CA GLN A 137 81.23 -19.47 33.58
C GLN A 137 82.64 -18.92 33.42
N ALA A 138 83.65 -19.79 33.43
CA ALA A 138 85.04 -19.34 33.29
C ALA A 138 85.31 -18.62 31.98
N CYS A 139 84.67 -19.03 30.88
CA CYS A 139 84.87 -18.39 29.58
C CYS A 139 84.17 -17.03 29.49
N PHE A 140 83.34 -16.68 30.47
CA PHE A 140 82.64 -15.40 30.45
C PHE A 140 83.61 -14.23 30.41
N ASN A 141 84.69 -14.28 31.20
CA ASN A 141 85.64 -13.17 31.28
C ASN A 141 86.24 -12.88 29.90
N ARG A 142 86.33 -13.88 29.04
CA ARG A 142 86.76 -13.64 27.66
C ARG A 142 85.58 -13.30 26.75
N SER A 143 84.45 -13.98 26.92
CA SER A 143 83.28 -13.72 26.08
C SER A 143 82.77 -12.29 26.22
N ARG A 144 82.80 -11.72 27.43
CA ARG A 144 82.27 -10.39 27.69
C ARG A 144 83.06 -9.28 26.97
N GLU A 145 84.17 -9.61 26.30
CA GLU A 145 84.91 -8.66 25.49
C GLU A 145 84.13 -8.25 24.24
N TYR A 146 83.12 -9.03 23.87
CA TYR A 146 82.34 -8.72 22.69
C TYR A 146 81.16 -7.81 23.05
N GLN A 147 80.38 -7.44 22.03
CA GLN A 147 79.26 -6.52 22.21
C GLN A 147 78.06 -7.24 22.82
N LEU A 148 78.08 -7.38 24.14
CA LEU A 148 77.00 -8.07 24.86
C LEU A 148 76.04 -7.01 25.37
N ASN A 149 74.78 -7.41 25.56
CA ASN A 149 73.80 -6.55 26.21
C ASN A 149 74.16 -6.33 27.67
N ASP A 150 74.15 -5.06 28.09
CA ASP A 150 74.44 -4.74 29.49
C ASP A 150 73.48 -5.46 30.43
N SER A 151 72.27 -5.76 29.95
CA SER A 151 71.26 -6.44 30.76
C SER A 151 71.40 -7.95 30.66
N ALA A 152 72.39 -8.41 29.90
CA ALA A 152 72.60 -9.84 29.65
C ALA A 152 72.74 -10.66 30.92
N ALA A 153 73.28 -10.07 32.00
CA ALA A 153 73.36 -10.76 33.28
C ALA A 153 72.00 -11.21 33.78
N TYR A 154 70.95 -10.41 33.51
CA TYR A 154 69.60 -10.77 33.94
C TYR A 154 69.04 -11.91 33.11
N TYR A 155 69.31 -11.92 31.80
CA TYR A 155 68.88 -13.03 30.97
C TYR A 155 69.26 -14.38 31.57
N LEU A 156 70.50 -14.51 32.07
CA LEU A 156 70.93 -15.74 32.73
C LEU A 156 70.56 -15.79 34.21
N ASN A 157 70.78 -14.72 34.96
CA ASN A 157 70.66 -14.79 36.40
C ASN A 157 69.23 -15.09 36.85
N ASP A 158 68.23 -14.73 36.04
CA ASP A 158 66.83 -14.89 36.40
C ASP A 158 66.28 -16.27 36.05
N LEU A 159 67.15 -17.20 35.64
CA LEU A 159 66.73 -18.54 35.23
C LEU A 159 65.82 -19.18 36.26
N ASP A 160 65.95 -18.79 37.54
CA ASP A 160 65.17 -19.43 38.58
C ASP A 160 63.68 -19.22 38.36
N ARG A 161 63.30 -18.07 37.81
CA ARG A 161 61.88 -17.71 37.68
C ARG A 161 61.40 -17.81 36.25
N ILE A 162 62.27 -17.52 35.27
CA ILE A 162 61.87 -17.56 33.87
C ILE A 162 61.92 -18.99 33.34
N ALA A 163 62.40 -19.93 34.16
CA ALA A 163 62.27 -21.36 33.89
C ALA A 163 60.90 -21.91 34.29
N GLN A 164 60.08 -21.11 34.97
CA GLN A 164 58.79 -21.58 35.44
C GLN A 164 57.72 -21.35 34.37
N PRO A 165 57.06 -22.40 33.87
CA PRO A 165 56.07 -22.19 32.80
C PRO A 165 55.04 -21.13 33.11
N ASN A 166 54.64 -20.98 34.37
CA ASN A 166 53.66 -19.96 34.73
C ASN A 166 54.40 -18.71 35.22
N TYR A 167 54.52 -17.72 34.34
CA TYR A 167 55.30 -16.53 34.65
C TYR A 167 54.50 -15.61 35.54
N ILE A 168 55.19 -14.92 36.44
CA ILE A 168 54.71 -13.70 37.07
C ILE A 168 55.57 -12.53 36.58
N PRO A 169 55.03 -11.62 35.76
CA PRO A 169 55.88 -10.59 35.14
C PRO A 169 56.33 -9.52 36.12
N THR A 170 57.48 -8.90 35.85
CA THR A 170 57.97 -7.75 36.60
C THR A 170 58.52 -6.71 35.65
N GLN A 171 58.90 -5.56 36.22
CA GLN A 171 59.40 -4.46 35.39
C GLN A 171 60.72 -4.81 34.71
N GLN A 172 61.57 -5.60 35.37
CA GLN A 172 62.86 -5.99 34.80
C GLN A 172 62.67 -6.69 33.46
N ASP A 173 61.51 -7.35 33.27
CA ASP A 173 61.29 -8.18 32.09
C ASP A 173 61.23 -7.34 30.82
N VAL A 174 60.88 -6.06 30.94
CA VAL A 174 60.94 -5.17 29.79
C VAL A 174 62.14 -4.25 29.85
N LEU A 175 62.64 -3.94 31.05
CA LEU A 175 63.82 -3.08 31.17
C LEU A 175 65.02 -3.69 30.45
N ARG A 176 65.09 -5.03 30.40
CA ARG A 176 66.18 -5.68 29.67
C ARG A 176 66.45 -5.03 28.31
N THR A 177 65.40 -4.57 27.64
CA THR A 177 65.57 -4.03 26.29
C THR A 177 65.39 -2.51 26.25
N ARG A 178 64.73 -1.95 27.27
CA ARG A 178 64.48 -0.52 27.34
C ARG A 178 65.73 0.27 27.73
N VAL A 179 66.56 -0.26 28.64
CA VAL A 179 67.73 0.46 29.15
C VAL A 179 68.78 0.72 28.07
N LYS A 180 68.67 0.06 26.93
CA LYS A 180 69.60 0.29 25.84
C LYS A 180 69.66 1.76 25.44
N THR A 181 68.55 2.48 25.68
CA THR A 181 68.48 3.91 25.39
C THR A 181 69.05 4.29 24.03
N THR A 182 68.59 3.64 22.98
CA THR A 182 69.09 3.92 21.64
C THR A 182 68.04 4.73 20.89
N GLY A 183 68.47 5.88 20.37
CA GLY A 183 67.58 6.73 19.60
C GLY A 183 66.52 7.35 20.48
N ILE A 184 65.35 7.61 19.90
CA ILE A 184 64.25 8.16 20.65
C ILE A 184 63.70 7.06 21.54
N VAL A 185 63.34 7.38 22.77
CA VAL A 185 62.79 6.36 23.67
C VAL A 185 61.43 6.86 24.13
N GLU A 186 60.39 6.07 23.87
CA GLU A 186 59.04 6.43 24.28
C GLU A 186 58.71 5.81 25.62
N THR A 187 57.80 6.45 26.35
CA THR A 187 57.22 5.90 27.57
C THR A 187 55.80 5.44 27.29
N HIS A 188 55.53 4.17 27.56
CA HIS A 188 54.19 3.59 27.40
C HIS A 188 53.45 3.58 28.73
N PHE A 189 52.31 4.25 28.76
CA PHE A 189 51.50 4.36 29.96
C PHE A 189 50.05 4.47 29.53
N THR A 190 49.15 4.30 30.50
CA THR A 190 47.72 4.44 30.26
C THR A 190 47.16 5.52 31.16
N PHE A 191 45.94 5.96 30.83
CA PHE A 191 45.21 6.87 31.70
C PHE A 191 43.72 6.72 31.40
N LYS A 192 42.96 6.30 32.40
CA LYS A 192 41.53 6.08 32.25
C LYS A 192 41.21 5.29 30.98
N ASP A 193 41.90 4.15 30.85
CA ASP A 193 41.56 3.17 29.81
C ASP A 193 41.95 3.67 28.42
N LEU A 194 42.72 4.76 28.37
CA LEU A 194 43.37 5.17 27.14
C LEU A 194 44.85 4.82 27.24
N HIS A 195 45.46 4.47 26.11
CA HIS A 195 46.89 4.18 26.04
C HIS A 195 47.61 5.40 25.49
N PHE A 196 48.85 5.59 25.93
CA PHE A 196 49.70 6.68 25.49
C PHE A 196 51.12 6.20 25.25
N LYS A 197 51.77 6.80 24.26
CA LYS A 197 53.20 6.63 24.05
C LYS A 197 53.80 8.02 23.84
N MET A 198 54.57 8.51 24.81
CA MET A 198 55.20 9.82 24.71
C MET A 198 56.67 9.66 24.36
N PHE A 199 57.07 10.23 23.22
CA PHE A 199 58.40 9.98 22.66
C PHE A 199 59.40 11.02 23.18
N ASP A 200 60.33 10.55 23.99
CA ASP A 200 61.22 11.49 24.65
C ASP A 200 62.44 11.73 23.78
N VAL A 201 62.55 12.92 23.20
CA VAL A 201 63.64 13.26 22.30
C VAL A 201 64.64 14.08 23.11
N GLY A 202 65.88 13.58 23.12
CA GLY A 202 66.97 14.23 23.82
C GLY A 202 68.30 13.89 23.17
N ALA A 203 69.20 14.87 23.12
CA ALA A 203 70.54 14.71 22.54
C ALA A 203 70.54 14.15 21.10
N GLN A 204 69.59 14.62 20.29
CA GLN A 204 69.45 14.17 18.91
C GLN A 204 70.63 14.56 18.04
N ARG A 205 71.14 15.77 18.27
CA ARG A 205 72.25 16.38 17.52
C ARG A 205 71.88 16.49 16.05
N SER A 206 72.84 16.26 15.16
CA SER A 206 72.61 16.30 13.70
C SER A 206 71.95 17.62 13.33
N GLU A 207 70.81 17.49 12.66
CA GLU A 207 69.97 18.60 12.28
C GLU A 207 68.79 18.37 13.21
N ARG A 208 68.36 19.41 13.91
CA ARG A 208 67.28 19.25 14.88
C ARG A 208 65.98 18.79 14.24
N LYS A 209 65.67 19.33 13.07
CA LYS A 209 64.42 18.99 12.40
C LYS A 209 64.46 18.01 11.21
N LYS A 210 65.58 17.34 10.93
CA LYS A 210 65.55 16.47 9.75
C LYS A 210 64.92 15.07 9.87
N TRP A 211 65.27 14.32 10.91
CA TRP A 211 64.74 12.97 11.11
C TRP A 211 63.23 12.91 11.41
N ILE A 212 62.80 13.85 12.23
CA ILE A 212 61.44 14.00 12.73
C ILE A 212 60.34 14.08 11.68
N HIS A 213 60.59 14.78 10.58
CA HIS A 213 59.51 14.91 9.60
C HIS A 213 58.62 13.67 9.51
N CYS A 214 59.23 12.50 9.62
CA CYS A 214 58.49 11.24 9.47
C CYS A 214 57.28 11.06 10.40
N PHE A 215 57.35 11.74 11.54
CA PHE A 215 56.35 11.68 12.61
C PHE A 215 55.14 12.57 12.42
N GLU A 216 55.00 13.17 11.23
CA GLU A 216 53.85 14.03 10.94
C GLU A 216 52.59 13.19 11.18
N GLY A 217 51.63 13.79 11.89
CA GLY A 217 50.44 13.10 12.31
C GLY A 217 50.36 12.82 13.79
N VAL A 218 51.43 13.09 14.52
CA VAL A 218 51.44 12.95 15.98
C VAL A 218 50.33 13.82 16.55
N THR A 219 49.64 13.30 17.57
CA THR A 219 48.48 14.01 18.11
C THR A 219 48.84 15.41 18.58
N ALA A 220 49.95 15.53 19.30
CA ALA A 220 50.40 16.79 19.87
C ALA A 220 51.91 16.76 20.03
N ILE A 221 52.51 17.94 20.04
CA ILE A 221 53.90 18.08 20.45
C ILE A 221 53.94 18.66 21.85
N ILE A 222 54.73 18.06 22.74
CA ILE A 222 54.76 18.57 24.10
C ILE A 222 56.01 19.40 24.25
N PHE A 223 55.85 20.63 24.74
CA PHE A 223 56.97 21.54 24.89
C PHE A 223 56.93 22.10 26.30
N CYS A 224 58.07 22.12 26.97
CA CYS A 224 58.16 22.53 28.37
C CYS A 224 59.09 23.71 28.51
N VAL A 225 58.73 24.66 29.36
CA VAL A 225 59.59 25.76 29.75
C VAL A 225 59.51 25.92 31.25
N ALA A 226 60.66 26.14 31.88
CA ALA A 226 60.71 26.36 33.33
C ALA A 226 60.66 27.85 33.59
N LEU A 227 59.53 28.31 34.14
CA LEU A 227 59.33 29.74 34.30
C LEU A 227 60.36 30.33 35.26
N SER A 228 60.63 29.65 36.35
CA SER A 228 61.48 30.18 37.42
C SER A 228 62.94 30.29 37.02
N ASP A 229 63.35 29.75 35.88
CA ASP A 229 64.74 29.76 35.44
C ASP A 229 65.00 30.91 34.47
N TYR A 230 64.05 31.84 34.37
CA TYR A 230 64.20 32.97 33.48
C TYR A 230 65.43 33.82 33.81
N ASP A 231 65.93 33.75 35.04
CA ASP A 231 67.07 34.57 35.44
C ASP A 231 68.41 33.89 35.19
N LEU A 232 68.43 32.72 34.57
CA LEU A 232 69.67 32.01 34.34
C LEU A 232 70.13 32.18 32.90
N VAL A 233 71.45 32.30 32.74
CA VAL A 233 72.08 32.44 31.44
C VAL A 233 72.46 31.06 30.93
N LEU A 234 72.31 30.86 29.62
CA LEU A 234 72.65 29.57 29.03
C LEU A 234 74.13 29.25 29.22
N ALA A 235 74.41 28.07 29.76
CA ALA A 235 75.78 27.66 30.01
C ALA A 235 76.58 27.45 28.73
N GLU A 236 75.95 26.94 27.67
CA GLU A 236 76.68 26.68 26.44
C GLU A 236 77.16 27.98 25.79
N ASP A 237 76.38 29.04 25.94
CA ASP A 237 76.73 30.33 25.34
C ASP A 237 76.38 31.42 26.36
N GLU A 238 77.41 31.98 26.99
CA GLU A 238 77.25 32.92 28.09
C GLU A 238 76.62 34.24 27.68
N GLU A 239 76.39 34.50 26.39
CA GLU A 239 75.71 35.73 25.97
C GLU A 239 74.20 35.57 25.82
N MET A 240 73.69 34.34 25.87
CA MET A 240 72.29 34.07 25.61
C MET A 240 71.58 33.64 26.88
N ASN A 241 70.48 34.31 27.19
CA ASN A 241 69.60 33.85 28.26
C ASN A 241 68.83 32.60 27.84
N ARG A 242 68.62 31.71 28.80
CA ARG A 242 67.95 30.45 28.50
C ARG A 242 66.57 30.68 27.89
N MET A 243 65.92 31.79 28.23
CA MET A 243 64.59 32.03 27.68
C MET A 243 64.64 32.18 26.18
N HIS A 244 65.72 32.74 25.64
CA HIS A 244 65.80 32.91 24.20
C HIS A 244 66.15 31.62 23.48
N ALA A 245 66.97 30.75 24.10
CA ALA A 245 67.20 29.43 23.53
C ALA A 245 65.93 28.61 23.44
N SER A 246 65.07 28.66 24.45
CA SER A 246 63.79 27.95 24.36
C SER A 246 62.91 28.55 23.28
N MET A 247 62.86 29.88 23.19
CA MET A 247 62.09 30.50 22.12
C MET A 247 62.62 30.17 20.74
N LYS A 248 63.94 30.11 20.53
CA LYS A 248 64.43 29.71 19.22
C LYS A 248 64.05 28.28 18.86
N LEU A 249 64.10 27.35 19.80
CA LEU A 249 63.63 26.00 19.53
C LEU A 249 62.13 26.00 19.24
N PHE A 250 61.34 26.71 20.04
CA PHE A 250 59.91 26.76 19.80
C PHE A 250 59.61 27.33 18.42
N ASP A 251 60.26 28.44 18.07
CA ASP A 251 60.02 29.07 16.78
C ASP A 251 60.40 28.16 15.62
N SER A 252 61.52 27.44 15.73
CA SER A 252 61.97 26.54 14.68
C SER A 252 61.20 25.23 14.63
N ILE A 253 60.54 24.84 15.72
CA ILE A 253 59.72 23.63 15.72
C ILE A 253 58.27 23.92 15.37
N CYS A 254 57.65 24.91 16.02
CA CYS A 254 56.22 25.13 15.86
C CYS A 254 55.85 25.61 14.46
N ASN A 255 56.80 26.13 13.71
CA ASN A 255 56.55 26.66 12.37
C ASN A 255 57.12 25.75 11.28
N ASN A 256 57.46 24.52 11.65
CA ASN A 256 57.99 23.57 10.68
C ASN A 256 56.89 23.17 9.69
N LYS A 257 57.22 23.24 8.41
CA LYS A 257 56.23 22.93 7.39
C LYS A 257 55.73 21.49 7.48
N TRP A 258 56.48 20.59 8.12
CA TRP A 258 56.03 19.22 8.32
C TRP A 258 54.88 19.11 9.30
N PHE A 259 54.69 20.11 10.15
CA PHE A 259 53.69 20.08 11.21
C PHE A 259 52.82 21.33 11.19
N THR A 260 51.97 21.44 10.17
CA THR A 260 51.34 22.72 9.88
C THR A 260 50.24 23.05 10.87
N ASP A 261 49.50 22.05 11.32
CA ASP A 261 48.30 22.25 12.14
C ASP A 261 48.40 21.30 13.33
N THR A 262 49.55 20.64 13.46
CA THR A 262 49.78 19.70 14.55
C THR A 262 49.68 20.48 15.84
N SER A 263 48.90 19.98 16.78
CA SER A 263 48.70 20.68 18.03
C SER A 263 49.99 20.74 18.82
N ILE A 264 50.13 21.79 19.61
CA ILE A 264 51.23 21.94 20.55
C ILE A 264 50.63 22.23 21.92
N ILE A 265 51.11 21.54 22.94
CA ILE A 265 50.67 21.81 24.31
C ILE A 265 51.86 22.33 25.09
N LEU A 266 51.82 23.59 25.47
CA LEU A 266 52.97 24.22 26.13
C LEU A 266 52.78 24.18 27.63
N PHE A 267 53.72 23.57 28.35
CA PHE A 267 53.67 23.49 29.80
C PHE A 267 54.71 24.42 30.40
N LEU A 268 54.25 25.38 31.19
CA LEU A 268 55.11 26.39 31.79
C LEU A 268 55.27 26.00 33.25
N ASN A 269 56.47 25.53 33.60
CA ASN A 269 56.72 24.88 34.88
C ASN A 269 57.21 25.87 35.93
N LYS A 270 57.08 25.46 37.19
CA LYS A 270 57.62 26.18 38.34
C LYS A 270 56.99 27.57 38.47
N LYS A 271 55.68 27.60 38.25
CA LYS A 271 54.94 28.85 38.30
C LYS A 271 54.94 29.46 39.69
N ASP A 272 55.06 28.65 40.73
CA ASP A 272 55.09 29.18 42.09
C ASP A 272 56.43 29.81 42.42
N LEU A 273 57.53 29.10 42.13
CA LEU A 273 58.85 29.71 42.23
C LEU A 273 59.01 30.90 41.30
N PHE A 274 58.41 30.84 40.11
CA PHE A 274 58.40 32.00 39.22
C PHE A 274 57.73 33.19 39.88
N GLU A 275 56.49 33.01 40.34
CA GLU A 275 55.76 34.11 40.96
C GLU A 275 56.51 34.73 42.14
N GLU A 276 57.21 33.94 42.94
CA GLU A 276 57.92 34.45 44.11
C GLU A 276 59.28 35.00 43.75
N LYS A 277 59.64 35.04 42.47
CA LYS A 277 60.89 35.62 42.00
C LYS A 277 60.69 36.90 41.20
N ILE A 278 59.61 37.00 40.42
CA ILE A 278 59.37 38.21 39.64
C ILE A 278 59.16 39.42 40.53
N LYS A 279 58.74 39.22 41.78
CA LYS A 279 58.68 40.29 42.77
C LYS A 279 60.06 40.79 43.18
N LYS A 280 61.12 40.04 42.92
CA LYS A 280 62.48 40.46 43.23
C LYS A 280 63.30 40.80 42.00
N SER A 281 63.05 40.13 40.87
CA SER A 281 63.85 40.31 39.66
C SER A 281 62.92 40.49 38.48
N PRO A 282 62.70 41.70 37.97
CA PRO A 282 61.76 41.87 36.85
C PRO A 282 62.20 41.07 35.64
N LEU A 283 61.23 40.73 34.78
CA LEU A 283 61.53 39.96 33.58
C LEU A 283 62.58 40.64 32.73
N THR A 284 62.85 41.92 32.94
CA THR A 284 63.83 42.64 32.14
C THR A 284 65.21 42.02 32.25
N ILE A 285 65.42 41.09 33.18
CA ILE A 285 66.68 40.35 33.23
C ILE A 285 66.85 39.50 31.98
N CYS A 286 65.73 39.03 31.41
CA CYS A 286 65.77 38.24 30.20
C CYS A 286 65.00 38.87 29.06
N TYR A 287 64.09 39.79 29.36
CA TYR A 287 63.31 40.51 28.36
C TYR A 287 63.43 42.00 28.62
N PRO A 288 64.56 42.64 28.29
CA PRO A 288 64.68 44.08 28.56
C PRO A 288 63.55 44.90 27.99
N GLU A 289 62.91 44.43 26.91
CA GLU A 289 61.78 45.15 26.34
C GLU A 289 60.53 45.06 27.20
N TYR A 290 60.53 44.24 28.25
CA TYR A 290 59.36 44.13 29.10
C TYR A 290 59.02 45.48 29.70
N ALA A 291 57.74 45.84 29.66
CA ALA A 291 57.24 47.12 30.16
C ALA A 291 55.97 46.91 30.98
N GLY A 292 56.06 46.11 32.04
CA GLY A 292 54.94 45.84 32.89
C GLY A 292 55.34 45.86 34.35
N SER A 293 54.35 45.60 35.20
CA SER A 293 54.59 45.56 36.64
C SER A 293 55.02 44.17 37.07
N ASN A 294 55.52 44.08 38.30
CA ASN A 294 55.98 42.81 38.87
C ASN A 294 54.77 42.12 39.49
N THR A 295 53.81 41.73 38.66
CA THR A 295 52.63 41.02 39.13
C THR A 295 52.37 39.84 38.19
N TYR A 296 51.88 38.75 38.77
CA TYR A 296 51.78 37.50 38.01
C TYR A 296 50.95 37.70 36.74
N GLU A 297 49.80 38.36 36.86
CA GLU A 297 48.89 38.48 35.73
C GLU A 297 49.51 39.22 34.56
N GLU A 298 50.58 39.98 34.81
CA GLU A 298 51.30 40.66 33.75
C GLU A 298 52.55 39.90 33.32
N ALA A 299 53.34 39.39 34.28
CA ALA A 299 54.55 38.65 33.92
C ALA A 299 54.21 37.32 33.25
N ALA A 300 53.24 36.59 33.80
CA ALA A 300 52.88 35.32 33.21
C ALA A 300 52.19 35.49 31.86
N ALA A 301 51.32 36.48 31.74
CA ALA A 301 50.70 36.82 30.46
C ALA A 301 51.70 37.31 29.42
N TYR A 302 52.70 38.10 29.81
CA TYR A 302 53.73 38.51 28.87
C TYR A 302 54.48 37.34 28.27
N ILE A 303 54.98 36.43 29.12
CA ILE A 303 55.72 35.28 28.61
C ILE A 303 54.83 34.40 27.74
N GLN A 304 53.61 34.12 28.18
CA GLN A 304 52.71 33.35 27.33
C GLN A 304 52.54 34.03 25.98
N CYS A 305 52.34 35.35 26.00
CA CYS A 305 52.19 36.08 24.74
C CYS A 305 53.44 35.98 23.89
N GLN A 306 54.62 36.07 24.50
CA GLN A 306 55.86 35.97 23.73
C GLN A 306 56.01 34.63 23.03
N PHE A 307 55.58 33.54 23.66
CA PHE A 307 55.59 32.24 22.99
C PHE A 307 54.51 32.15 21.93
N GLU A 308 53.31 32.64 22.22
CA GLU A 308 52.25 32.64 21.22
C GLU A 308 52.62 33.46 20.00
N ASP A 309 53.33 34.57 20.18
CA ASP A 309 53.72 35.38 19.03
C ASP A 309 54.80 34.71 18.19
N LEU A 310 55.29 33.54 18.58
CA LEU A 310 56.21 32.79 17.72
C LEU A 310 55.47 31.94 16.70
N ASN A 311 54.15 31.84 16.83
CA ASN A 311 53.36 31.03 15.91
C ASN A 311 53.02 31.82 14.66
N LYS A 312 53.58 31.40 13.54
CA LYS A 312 53.29 32.03 12.25
C LYS A 312 52.03 31.49 11.59
N ARG A 313 51.36 30.53 12.22
CA ARG A 313 50.15 29.92 11.67
C ARG A 313 49.07 30.01 12.75
N LYS A 314 48.89 31.21 13.29
CA LYS A 314 47.93 31.38 14.38
C LYS A 314 46.53 30.96 13.97
N ASP A 315 46.16 31.15 12.72
CA ASP A 315 44.81 30.84 12.29
C ASP A 315 44.63 29.36 11.96
N THR A 316 45.69 28.57 12.09
CA THR A 316 45.64 27.15 11.74
C THR A 316 46.04 26.23 12.88
N LYS A 317 47.12 26.52 13.58
CA LYS A 317 47.60 25.66 14.66
C LYS A 317 47.22 26.27 15.99
N GLU A 318 46.51 25.51 16.82
CA GLU A 318 46.14 25.95 18.16
C GLU A 318 47.24 25.57 19.13
N ILE A 319 47.61 26.54 19.98
CA ILE A 319 48.63 26.37 21.01
C ILE A 319 47.93 26.37 22.36
N TYR A 320 48.13 25.31 23.13
CA TYR A 320 47.54 25.19 24.45
C TYR A 320 48.56 25.61 25.49
N THR A 321 48.12 26.30 26.53
CA THR A 321 48.99 26.74 27.60
C THR A 321 48.45 26.25 28.94
N HIS A 322 49.31 25.64 29.74
CA HIS A 322 48.94 25.26 31.09
C HIS A 322 50.08 25.62 32.03
N PHE A 323 49.74 26.16 33.19
CA PHE A 323 50.71 26.60 34.19
C PHE A 323 50.78 25.54 35.28
N THR A 324 51.93 24.91 35.44
CA THR A 324 52.07 23.72 36.27
C THR A 324 52.88 24.04 37.52
N CYS A 325 52.75 23.14 38.50
CA CYS A 325 53.59 23.17 39.68
C CYS A 325 53.76 21.75 40.20
N SER A 326 54.62 21.55 41.19
CA SER A 326 54.96 20.19 41.60
C SER A 326 53.87 19.58 42.48
N THR A 327 52.92 20.40 42.94
CA THR A 327 51.91 19.97 43.90
C THR A 327 50.53 20.27 43.33
N ASP A 328 50.09 19.42 42.40
CA ASP A 328 48.80 19.58 41.76
C ASP A 328 48.38 18.24 41.17
N THR A 329 47.09 18.11 40.83
CA THR A 329 46.60 16.99 40.06
C THR A 329 46.08 17.38 38.68
N LYS A 330 45.83 18.67 38.45
CA LYS A 330 45.36 19.13 37.15
C LYS A 330 46.43 19.06 36.08
N ASN A 331 47.70 19.03 36.48
CA ASN A 331 48.80 18.95 35.53
C ASN A 331 48.72 17.70 34.65
N VAL A 332 48.31 16.57 35.24
CA VAL A 332 48.19 15.33 34.46
C VAL A 332 46.83 15.17 33.84
N GLN A 333 45.77 15.62 34.50
CA GLN A 333 44.44 15.61 33.91
C GLN A 333 44.32 16.59 32.75
N PHE A 334 45.01 17.72 32.79
CA PHE A 334 44.94 18.66 31.68
C PHE A 334 45.34 17.99 30.38
N VAL A 335 46.52 17.36 30.35
CA VAL A 335 47.00 16.78 29.09
C VAL A 335 46.13 15.62 28.68
N PHE A 336 45.62 14.84 29.63
CA PHE A 336 44.71 13.77 29.28
C PHE A 336 43.50 14.31 28.51
N ASP A 337 42.84 15.34 29.05
CA ASP A 337 41.69 15.90 28.36
C ASP A 337 42.10 16.71 27.15
N ALA A 338 43.20 17.44 27.23
CA ALA A 338 43.61 18.29 26.13
C ALA A 338 43.86 17.52 24.84
N VAL A 339 44.60 16.42 24.90
CA VAL A 339 44.85 15.61 23.71
C VAL A 339 43.60 14.87 23.27
N THR A 340 42.75 14.44 24.19
CA THR A 340 41.46 13.92 23.77
C THR A 340 40.67 14.93 22.98
N ASP A 341 40.59 16.18 23.42
CA ASP A 341 39.96 17.23 22.65
C ASP A 341 40.67 17.52 21.33
N VAL A 342 42.00 17.46 21.30
CA VAL A 342 42.71 17.64 20.04
C VAL A 342 42.30 16.58 19.05
N ILE A 343 42.22 15.33 19.50
CA ILE A 343 41.84 14.23 18.62
C ILE A 343 40.43 14.45 18.08
N ILE A 344 39.51 14.88 18.94
CA ILE A 344 38.15 15.18 18.49
C ILE A 344 38.15 16.35 17.51
N LYS A 345 38.91 17.40 17.82
CA LYS A 345 39.02 18.50 16.87
C LYS A 345 39.59 18.04 15.53
N ASN A 346 40.56 17.12 15.57
CA ASN A 346 41.19 16.66 14.33
C ASN A 346 40.20 15.87 13.49
N ASN A 347 39.47 14.94 14.12
CA ASN A 347 38.54 14.11 13.36
C ASN A 347 37.35 14.92 12.88
N LEU A 348 36.98 15.98 13.62
CA LEU A 348 35.95 16.89 13.13
C LEU A 348 36.47 17.72 11.96
N LYS A 349 37.75 18.09 11.97
CA LYS A 349 38.33 18.74 10.80
C LYS A 349 38.36 17.80 9.60
N ASP A 350 38.76 16.55 9.81
CA ASP A 350 38.86 15.60 8.71
C ASP A 350 37.53 15.42 7.98
N CYS A 351 36.43 15.43 8.71
CA CYS A 351 35.10 15.27 8.11
C CYS A 351 34.61 16.58 7.53
N GLY A 352 35.22 17.68 7.95
CA GLY A 352 34.86 19.01 7.48
C GLY A 352 33.68 19.62 8.21
N LEU A 353 33.20 18.95 9.25
CA LEU A 353 32.08 19.45 10.04
C LEU A 353 32.41 20.78 10.70
N PHE A 354 33.63 20.89 11.21
CA PHE A 354 34.07 22.12 11.88
C PHE A 354 34.43 23.20 10.87
N SER B 20 101.44 24.74 12.95
CA SER B 20 102.08 24.84 11.64
C SER B 20 101.86 23.60 10.80
N GLU B 21 101.92 22.42 11.42
CA GLU B 21 101.71 21.18 10.66
C GLU B 21 100.29 21.12 10.13
N LEU B 22 99.32 21.58 10.91
CA LEU B 22 97.93 21.55 10.46
C LEU B 22 97.72 22.51 9.29
N ASP B 23 98.30 23.70 9.36
CA ASP B 23 98.17 24.65 8.26
C ASP B 23 98.86 24.15 6.99
N GLN B 24 100.02 23.52 7.14
CA GLN B 24 100.73 23.02 5.96
C GLN B 24 99.88 21.98 5.23
N LEU B 25 99.21 21.11 5.99
CA LEU B 25 98.30 20.18 5.38
C LEU B 25 97.11 20.88 4.74
N ARG B 26 96.59 21.93 5.38
CA ARG B 26 95.58 22.74 4.69
C ARG B 26 96.12 23.34 3.40
N GLN B 27 97.36 23.81 3.41
CA GLN B 27 97.90 24.38 2.18
C GLN B 27 97.96 23.34 1.07
N GLU B 28 98.38 22.11 1.39
CA GLU B 28 98.43 21.06 0.39
C GLU B 28 97.04 20.72 -0.11
N ALA B 29 96.07 20.65 0.82
CA ALA B 29 94.70 20.34 0.43
C ALA B 29 94.14 21.39 -0.52
N GLU B 30 94.45 22.67 -0.28
CA GLU B 30 93.95 23.71 -1.16
C GLU B 30 94.49 23.54 -2.58
N GLN B 31 95.78 23.24 -2.72
CA GLN B 31 96.36 23.08 -4.04
C GLN B 31 95.78 21.84 -4.73
N LEU B 32 95.61 20.75 -3.98
CA LEU B 32 95.07 19.53 -4.56
C LEU B 32 93.64 19.73 -5.03
N LYS B 33 92.83 20.44 -4.26
CA LYS B 33 91.45 20.68 -4.66
C LYS B 33 91.40 21.51 -5.93
N ASN B 34 92.27 22.50 -6.05
CA ASN B 34 92.29 23.30 -7.27
C ASN B 34 92.75 22.47 -8.45
N GLN B 35 93.74 21.59 -8.23
CA GLN B 35 94.20 20.73 -9.32
C GLN B 35 93.08 19.82 -9.82
N ILE B 36 92.27 19.28 -8.89
CA ILE B 36 91.15 18.44 -9.30
C ILE B 36 90.14 19.24 -10.10
N ARG B 37 89.78 20.42 -9.62
CA ARG B 37 88.83 21.25 -10.33
C ARG B 37 89.35 21.61 -11.72
N ASP B 38 90.63 21.96 -11.81
CA ASP B 38 91.20 22.33 -13.11
C ASP B 38 91.25 21.11 -14.03
N ALA B 39 91.58 19.94 -13.50
CA ALA B 39 91.58 18.74 -14.32
C ALA B 39 90.20 18.45 -14.87
N ARG B 40 89.16 18.74 -14.08
CA ARG B 40 87.79 18.49 -14.54
C ARG B 40 87.36 19.52 -15.56
N LYS B 41 87.66 20.79 -15.31
CA LYS B 41 87.36 21.85 -16.28
C LYS B 41 88.03 21.65 -17.62
N ALA B 42 89.27 21.16 -17.65
CA ALA B 42 89.95 20.90 -18.90
C ALA B 42 89.25 19.83 -19.74
N CYS B 43 88.39 19.02 -19.15
CA CYS B 43 87.73 17.93 -19.86
C CYS B 43 86.35 18.31 -20.36
N ALA B 44 85.86 19.51 -20.03
CA ALA B 44 84.51 19.93 -20.40
C ALA B 44 84.57 20.56 -21.78
N ASP B 45 84.82 19.73 -22.79
CA ASP B 45 85.02 20.20 -24.15
C ASP B 45 83.71 20.43 -24.89
N ALA B 46 82.59 20.04 -24.30
CA ALA B 46 81.28 20.22 -24.92
C ALA B 46 80.23 20.14 -23.82
N THR B 47 79.07 20.74 -24.07
CA THR B 47 77.92 20.60 -23.18
C THR B 47 76.94 19.64 -23.84
N LEU B 48 76.09 19.01 -23.04
CA LEU B 48 75.10 18.10 -23.62
C LEU B 48 74.14 18.87 -24.53
N SER B 49 73.88 20.13 -24.21
CA SER B 49 73.04 20.95 -25.08
C SER B 49 73.64 21.14 -26.46
N GLN B 50 74.93 20.89 -26.63
CA GLN B 50 75.55 20.97 -27.95
C GLN B 50 75.63 19.61 -28.62
N ILE B 51 75.25 18.55 -27.91
CA ILE B 51 75.46 17.19 -28.40
C ILE B 51 74.13 16.52 -28.76
N THR B 52 73.15 16.62 -27.88
CA THR B 52 71.85 15.95 -28.07
C THR B 52 70.86 16.88 -28.76
N ASN B 53 71.31 18.07 -29.17
CA ASN B 53 70.44 19.06 -29.79
C ASN B 53 69.56 18.48 -30.90
N ASN B 54 70.11 17.55 -31.70
CA ASN B 54 69.42 17.02 -32.87
C ASN B 54 68.94 15.59 -32.67
N ILE B 55 68.72 15.16 -31.45
CA ILE B 55 68.12 13.86 -31.18
C ILE B 55 66.61 13.99 -31.22
N ASP B 56 65.95 12.99 -31.80
CA ASP B 56 64.50 12.95 -31.79
C ASP B 56 63.98 12.96 -30.35
N PRO B 57 62.94 13.73 -30.05
CA PRO B 57 62.41 13.73 -28.67
C PRO B 57 61.68 12.44 -28.36
N VAL B 58 61.60 12.15 -27.06
CA VAL B 58 60.78 11.04 -26.58
C VAL B 58 59.29 11.30 -26.78
N GLY B 59 58.88 12.55 -26.83
CA GLY B 59 57.47 12.90 -27.09
C GLY B 59 56.65 12.89 -25.81
N ARG B 60 55.33 12.93 -25.96
CA ARG B 60 54.41 13.00 -24.85
C ARG B 60 54.11 11.60 -24.36
N ILE B 61 54.51 11.32 -23.12
CA ILE B 61 54.41 9.99 -22.53
C ILE B 61 53.32 10.05 -21.49
N GLN B 62 52.29 9.23 -21.66
CA GLN B 62 51.15 9.21 -20.76
C GLN B 62 51.06 7.86 -20.06
N MET B 63 51.61 7.79 -18.86
CA MET B 63 51.59 6.57 -18.07
C MET B 63 50.31 6.55 -17.26
N ARG B 64 49.76 5.36 -17.06
CA ARG B 64 48.52 5.19 -16.33
C ARG B 64 48.64 4.05 -15.32
N THR B 65 47.88 4.17 -14.23
CA THR B 65 47.86 3.13 -13.23
C THR B 65 47.18 1.89 -13.76
N ARG B 66 47.80 0.73 -13.55
CA ARG B 66 47.17 -0.54 -13.91
C ARG B 66 46.76 -1.35 -12.70
N ARG B 67 47.44 -1.19 -11.57
CA ARG B 67 47.07 -1.85 -10.34
C ARG B 67 47.13 -0.84 -9.21
N THR B 68 46.22 -0.97 -8.27
CA THR B 68 46.31 -0.25 -7.00
C THR B 68 46.36 -1.30 -5.91
N LEU B 69 47.35 -1.19 -5.04
CA LEU B 69 47.56 -2.16 -3.97
C LEU B 69 47.17 -1.50 -2.65
N ARG B 70 46.22 -2.10 -1.95
CA ARG B 70 45.65 -1.53 -0.74
C ARG B 70 45.91 -2.45 0.44
N GLY B 71 46.06 -1.86 1.62
CA GLY B 71 46.26 -2.65 2.81
C GLY B 71 47.07 -1.95 3.88
N HIS B 72 47.98 -1.07 3.49
CA HIS B 72 48.80 -0.36 4.45
C HIS B 72 47.92 0.61 5.24
N LEU B 73 48.18 0.71 6.53
CA LEU B 73 47.42 1.57 7.41
C LEU B 73 48.23 2.78 7.88
N ALA B 74 49.36 3.04 7.25
CA ALA B 74 50.29 4.06 7.73
C ALA B 74 51.09 4.55 6.55
N LYS B 75 51.86 5.63 6.77
CA LYS B 75 52.68 6.20 5.72
C LYS B 75 53.68 5.17 5.20
N ILE B 76 53.80 5.08 3.88
CA ILE B 76 54.70 4.12 3.25
C ILE B 76 56.08 4.77 3.16
N TYR B 77 57.10 4.02 3.57
CA TYR B 77 58.47 4.51 3.56
C TYR B 77 59.41 3.71 2.69
N ALA B 78 59.13 2.43 2.46
CA ALA B 78 60.02 1.60 1.67
C ALA B 78 59.21 0.72 0.72
N MET B 79 59.81 0.46 -0.44
CA MET B 79 59.26 -0.37 -1.48
C MET B 79 60.40 -0.88 -2.33
N HIS B 80 60.38 -2.18 -2.68
CA HIS B 80 61.44 -2.73 -3.50
C HIS B 80 60.93 -3.86 -4.38
N TRP B 81 61.32 -3.82 -5.66
CA TRP B 81 61.00 -4.86 -6.64
C TRP B 81 61.77 -6.15 -6.35
N GLY B 82 61.11 -7.29 -6.52
CA GLY B 82 61.82 -8.54 -6.54
C GLY B 82 62.42 -8.82 -7.91
N THR B 83 63.28 -9.83 -7.97
CA THR B 83 64.00 -10.11 -9.22
C THR B 83 63.18 -10.93 -10.21
N ASP B 84 62.01 -11.41 -9.82
CA ASP B 84 61.11 -12.10 -10.73
C ASP B 84 60.15 -11.14 -11.42
N SER B 85 60.29 -9.83 -11.19
CA SER B 85 59.44 -8.81 -11.77
C SER B 85 57.99 -8.94 -11.38
N ARG B 86 57.68 -9.83 -10.47
CA ARG B 86 56.28 -10.06 -10.08
C ARG B 86 56.00 -9.67 -8.65
N LEU B 87 56.93 -9.90 -7.73
CA LEU B 87 56.73 -9.65 -6.31
C LEU B 87 57.34 -8.30 -5.95
N LEU B 88 56.70 -7.61 -5.01
CA LEU B 88 57.23 -6.43 -4.35
C LEU B 88 57.20 -6.63 -2.85
N VAL B 89 58.14 -6.02 -2.17
CA VAL B 89 58.12 -5.89 -0.72
C VAL B 89 57.97 -4.42 -0.38
N SER B 90 57.09 -4.11 0.55
CA SER B 90 56.87 -2.74 0.99
C SER B 90 56.82 -2.72 2.50
N ALA B 91 57.07 -1.53 3.07
CA ALA B 91 57.03 -1.31 4.50
C ALA B 91 56.43 0.05 4.77
N SER B 92 55.65 0.15 5.84
CA SER B 92 55.06 1.40 6.26
C SER B 92 55.19 1.52 7.76
N GLN B 93 54.80 2.66 8.29
CA GLN B 93 54.93 2.89 9.72
C GLN B 93 53.94 2.09 10.56
N ASP B 94 53.11 1.26 9.94
CA ASP B 94 52.22 0.40 10.68
C ASP B 94 52.94 -0.81 11.25
N GLY B 95 54.23 -0.95 10.95
CA GLY B 95 55.05 -1.98 11.54
C GLY B 95 54.94 -3.34 10.90
N LYS B 96 54.47 -3.42 9.65
CA LYS B 96 54.40 -4.70 8.95
C LYS B 96 54.94 -4.58 7.54
N LEU B 97 55.61 -5.64 7.10
CA LEU B 97 56.03 -5.84 5.71
C LEU B 97 54.93 -6.60 5.00
N ILE B 98 54.73 -6.29 3.73
CA ILE B 98 53.79 -7.04 2.90
C ILE B 98 54.52 -7.45 1.64
N ILE B 99 54.37 -8.71 1.25
CA ILE B 99 54.87 -9.20 -0.03
C ILE B 99 53.69 -9.29 -0.99
N TRP B 100 53.77 -8.54 -2.08
CA TRP B 100 52.66 -8.37 -3.00
C TRP B 100 52.89 -9.19 -4.25
N ASP B 101 51.81 -9.78 -4.75
CA ASP B 101 51.76 -10.34 -6.09
C ASP B 101 51.15 -9.27 -7.00
N SER B 102 52.01 -8.61 -7.78
CA SER B 102 51.57 -7.43 -8.51
C SER B 102 50.54 -7.76 -9.58
N TYR B 103 50.50 -9.01 -10.04
CA TYR B 103 49.62 -9.36 -11.15
C TYR B 103 48.17 -9.50 -10.69
N THR B 104 47.95 -10.03 -9.48
CA THR B 104 46.62 -10.29 -9.00
C THR B 104 46.26 -9.48 -7.76
N THR B 105 47.04 -8.46 -7.42
CA THR B 105 46.85 -7.69 -6.19
C THR B 105 46.57 -8.61 -5.00
N ASN B 106 47.37 -9.66 -4.85
CA ASN B 106 47.26 -10.57 -3.72
C ASN B 106 48.41 -10.36 -2.74
N LYS B 107 48.11 -10.55 -1.46
CA LYS B 107 49.12 -10.49 -0.42
C LYS B 107 49.64 -11.91 -0.19
N VAL B 108 50.95 -12.10 -0.35
CA VAL B 108 51.51 -13.43 -0.19
C VAL B 108 51.99 -13.63 1.24
N HIS B 109 52.64 -12.62 1.81
CA HIS B 109 53.11 -12.65 3.19
C HIS B 109 52.78 -11.32 3.85
N ALA B 110 52.59 -11.35 5.16
CA ALA B 110 52.57 -10.14 5.98
C ALA B 110 53.42 -10.42 7.21
N ILE B 111 54.48 -9.64 7.39
CA ILE B 111 55.53 -9.95 8.37
C ILE B 111 55.47 -8.89 9.46
N PRO B 112 55.13 -9.26 10.71
CA PRO B 112 55.14 -8.27 11.80
C PRO B 112 56.54 -7.85 12.19
N LEU B 113 56.73 -6.57 12.50
CA LEU B 113 57.99 -6.07 12.99
C LEU B 113 57.93 -5.81 14.49
N ARG B 114 59.07 -5.99 15.15
CA ARG B 114 59.18 -5.67 16.57
C ARG B 114 59.35 -4.19 16.82
N SER B 115 59.56 -3.38 15.78
CA SER B 115 59.63 -1.93 15.90
C SER B 115 59.01 -1.30 14.66
N SER B 116 58.03 -0.44 14.86
CA SER B 116 57.27 0.10 13.75
C SER B 116 58.04 1.18 12.99
N TRP B 117 59.12 1.71 13.55
CA TRP B 117 59.85 2.82 12.95
C TRP B 117 60.81 2.35 11.87
N VAL B 118 60.23 1.97 10.72
CA VAL B 118 60.99 1.41 9.61
C VAL B 118 61.30 2.51 8.60
N MET B 119 62.52 2.49 8.08
CA MET B 119 62.92 3.39 7.02
C MET B 119 63.23 2.68 5.71
N THR B 120 63.65 1.42 5.74
CA THR B 120 64.16 0.77 4.54
C THR B 120 63.85 -0.71 4.58
N CYS B 121 63.78 -1.31 3.38
CA CYS B 121 63.66 -2.76 3.21
C CYS B 121 64.32 -3.13 1.89
N ALA B 122 64.57 -4.42 1.72
CA ALA B 122 65.18 -4.94 0.51
C ALA B 122 64.70 -6.36 0.25
N TYR B 123 64.55 -6.68 -1.03
CA TYR B 123 64.14 -8.00 -1.47
C TYR B 123 65.40 -8.71 -1.93
N ALA B 124 65.76 -9.81 -1.27
CA ALA B 124 66.99 -10.48 -1.65
C ALA B 124 66.90 -10.95 -3.10
N PRO B 125 67.98 -10.88 -3.88
CA PRO B 125 67.89 -11.28 -5.29
C PRO B 125 67.48 -12.73 -5.49
N SER B 126 67.74 -13.60 -4.52
CA SER B 126 67.36 -15.00 -4.61
C SER B 126 65.90 -15.25 -4.24
N GLY B 127 65.24 -14.28 -3.62
CA GLY B 127 63.88 -14.45 -3.17
C GLY B 127 63.71 -15.16 -1.84
N ASN B 128 64.80 -15.57 -1.20
CA ASN B 128 64.71 -16.31 0.05
C ASN B 128 64.62 -15.43 1.28
N TYR B 129 65.17 -14.22 1.23
CA TYR B 129 65.21 -13.30 2.36
C TYR B 129 64.75 -11.91 1.94
N VAL B 130 64.35 -11.14 2.94
CA VAL B 130 64.12 -9.71 2.83
C VAL B 130 64.81 -9.03 4.01
N ALA B 131 65.12 -7.75 3.85
CA ALA B 131 65.73 -6.94 4.90
C ALA B 131 64.76 -5.88 5.38
N CYS B 132 64.89 -5.51 6.64
CA CYS B 132 64.13 -4.38 7.19
C CYS B 132 64.98 -3.67 8.23
N GLY B 133 65.04 -2.34 8.16
CA GLY B 133 65.82 -1.55 9.08
C GLY B 133 65.17 -0.22 9.41
N GLY B 134 65.77 0.56 10.31
CA GLY B 134 65.09 1.76 10.78
C GLY B 134 65.76 2.53 11.89
N LEU B 135 64.94 3.18 12.72
CA LEU B 135 65.39 4.10 13.75
C LEU B 135 66.10 3.39 14.89
N ASP B 136 66.04 2.06 14.92
CA ASP B 136 66.68 1.26 15.97
C ASP B 136 68.14 0.95 15.63
N ASN B 137 68.61 1.33 14.45
CA ASN B 137 70.00 1.14 14.06
C ASN B 137 70.36 -0.33 13.86
N ILE B 138 69.37 -1.21 13.76
CA ILE B 138 69.59 -2.64 13.56
C ILE B 138 68.89 -3.08 12.28
N CYS B 139 69.60 -3.82 11.42
CA CYS B 139 69.03 -4.38 10.19
C CYS B 139 68.67 -5.82 10.48
N SER B 140 67.38 -6.15 10.32
CA SER B 140 66.83 -7.48 10.51
C SER B 140 66.70 -8.21 9.18
N ILE B 141 67.24 -9.42 9.12
CA ILE B 141 67.19 -10.24 7.91
C ILE B 141 66.18 -11.36 8.14
N TYR B 142 65.12 -11.38 7.34
CA TYR B 142 64.02 -12.33 7.49
C TYR B 142 64.18 -13.47 6.50
N ASN B 143 63.93 -14.69 6.98
CA ASN B 143 63.92 -15.89 6.16
C ASN B 143 62.48 -16.18 5.74
N LEU B 144 62.20 -16.06 4.45
CA LEU B 144 60.84 -16.31 3.95
C LEU B 144 60.67 -17.74 3.46
N LYS B 145 61.70 -18.31 2.86
CA LYS B 145 61.63 -19.66 2.30
C LYS B 145 61.89 -20.69 3.40
N THR B 146 60.91 -20.80 4.28
CA THR B 146 61.01 -21.65 5.46
C THR B 146 60.20 -22.93 5.24
N ARG B 147 60.45 -23.92 6.09
CA ARG B 147 59.66 -25.14 6.08
C ARG B 147 58.46 -25.08 7.03
N GLU B 148 58.55 -24.28 8.09
CA GLU B 148 57.50 -24.20 9.09
C GLU B 148 56.29 -23.42 8.62
N GLY B 149 56.44 -22.60 7.58
CA GLY B 149 55.34 -21.84 7.04
C GLY B 149 55.27 -20.39 7.48
N ASN B 150 55.97 -20.02 8.54
CA ASN B 150 56.01 -18.64 8.99
C ASN B 150 57.31 -17.99 8.55
N VAL B 151 57.44 -16.71 8.86
CA VAL B 151 58.63 -15.94 8.51
C VAL B 151 59.29 -15.49 9.80
N ARG B 152 60.61 -15.71 9.90
CA ARG B 152 61.37 -15.46 11.12
C ARG B 152 62.61 -14.65 10.76
N VAL B 153 63.12 -13.93 11.75
CA VAL B 153 64.40 -13.22 11.60
C VAL B 153 65.56 -14.19 11.77
N SER B 154 66.43 -14.25 10.78
CA SER B 154 67.57 -15.16 10.82
C SER B 154 68.74 -14.51 11.55
N ARG B 155 68.93 -13.21 11.34
CA ARG B 155 70.02 -12.45 11.93
C ARG B 155 69.50 -11.06 12.28
N GLU B 156 70.05 -10.50 13.36
CA GLU B 156 69.87 -9.11 13.70
C GLU B 156 71.24 -8.43 13.62
N LEU B 157 71.44 -7.65 12.57
CA LEU B 157 72.74 -7.07 12.28
C LEU B 157 72.92 -5.79 13.08
N ALA B 158 73.24 -5.92 14.36
CA ALA B 158 73.41 -4.80 15.26
C ALA B 158 74.88 -4.40 15.33
N GLY B 159 75.12 -3.10 15.54
CA GLY B 159 76.46 -2.58 15.61
C GLY B 159 76.59 -1.19 15.03
N HIS B 160 75.56 -0.73 14.34
CA HIS B 160 75.51 0.65 13.86
C HIS B 160 75.12 1.57 15.00
N THR B 161 75.56 2.83 14.92
CA THR B 161 75.24 3.84 15.92
C THR B 161 74.33 4.94 15.40
N GLY B 162 73.59 4.70 14.33
CA GLY B 162 72.63 5.65 13.81
C GLY B 162 71.57 4.96 12.99
N TYR B 163 70.56 5.72 12.60
CA TYR B 163 69.42 5.12 11.90
C TYR B 163 69.88 4.55 10.57
N LEU B 164 69.17 3.53 10.10
CA LEU B 164 69.48 2.88 8.84
C LEU B 164 68.61 3.48 7.74
N SER B 165 69.20 4.33 6.92
CA SER B 165 68.43 5.02 5.89
C SER B 165 68.17 4.14 4.68
N CYS B 166 68.97 3.08 4.51
CA CYS B 166 68.93 2.29 3.29
C CYS B 166 69.69 1.00 3.53
N CYS B 167 69.15 -0.11 3.02
CA CYS B 167 69.91 -1.35 2.91
C CYS B 167 69.56 -2.03 1.58
N ARG B 168 70.55 -2.70 0.98
CA ARG B 168 70.43 -3.40 -0.30
C ARG B 168 71.20 -4.71 -0.20
N PHE B 169 70.65 -5.82 -0.71
CA PHE B 169 71.43 -7.05 -0.77
C PHE B 169 72.42 -7.00 -1.92
N LEU B 170 73.57 -7.66 -1.75
CA LEU B 170 74.49 -7.86 -2.85
C LEU B 170 74.37 -9.28 -3.38
N ASP B 171 74.23 -10.24 -2.50
CA ASP B 171 74.17 -11.65 -2.84
C ASP B 171 73.57 -12.33 -1.62
N ASP B 172 73.39 -13.63 -1.70
CA ASP B 172 72.94 -14.36 -0.51
C ASP B 172 73.97 -14.17 0.59
N ASN B 173 73.51 -13.86 1.79
CA ASN B 173 74.35 -13.70 2.99
C ASN B 173 75.30 -12.50 2.85
N GLN B 174 75.06 -11.57 1.93
CA GLN B 174 75.88 -10.38 1.83
C GLN B 174 75.00 -9.16 1.63
N ILE B 175 75.06 -8.21 2.56
CA ILE B 175 74.21 -7.03 2.53
C ILE B 175 75.05 -5.81 2.86
N VAL B 176 74.73 -4.67 2.25
CA VAL B 176 75.35 -3.40 2.56
C VAL B 176 74.32 -2.50 3.20
N THR B 177 74.71 -1.79 4.27
CA THR B 177 73.83 -0.91 5.01
C THR B 177 74.40 0.49 5.09
N SER B 178 73.50 1.46 5.14
CA SER B 178 73.80 2.86 5.47
C SER B 178 73.58 3.08 6.95
N SER B 179 73.99 4.25 7.44
CA SER B 179 73.75 4.61 8.83
C SER B 179 73.71 6.12 8.99
N GLY B 180 72.91 6.56 9.95
CA GLY B 180 72.91 7.94 10.39
C GLY B 180 74.15 8.35 11.15
N ASP B 181 75.06 7.40 11.40
CA ASP B 181 76.36 7.67 11.97
C ASP B 181 77.40 8.01 10.92
N THR B 182 76.98 8.23 9.68
CA THR B 182 77.80 8.64 8.54
C THR B 182 78.71 7.53 8.01
N THR B 183 78.67 6.32 8.57
CA THR B 183 79.49 5.22 8.07
C THR B 183 78.63 4.10 7.52
N CYS B 184 78.98 3.62 6.34
CA CYS B 184 78.36 2.47 5.72
C CYS B 184 79.17 1.23 6.05
N ALA B 185 78.53 0.07 5.99
CA ALA B 185 79.18 -1.17 6.35
C ALA B 185 78.72 -2.30 5.44
N LEU B 186 79.62 -3.23 5.17
CA LEU B 186 79.31 -4.45 4.45
C LEU B 186 79.26 -5.59 5.45
N TRP B 187 78.14 -6.28 5.54
CA TRP B 187 77.93 -7.29 6.56
C TRP B 187 78.07 -8.68 5.95
N ASP B 188 78.68 -9.56 6.71
CA ASP B 188 78.65 -11.00 6.46
C ASP B 188 77.50 -11.54 7.30
N ILE B 189 76.37 -11.81 6.65
CA ILE B 189 75.16 -12.15 7.38
C ILE B 189 75.31 -13.50 8.10
N GLU B 190 75.88 -14.49 7.42
CA GLU B 190 76.00 -15.81 8.04
C GLU B 190 76.76 -15.75 9.35
N THR B 191 77.82 -14.95 9.40
CA THR B 191 78.59 -14.80 10.63
C THR B 191 78.05 -13.68 11.49
N GLY B 192 77.34 -12.73 10.88
CA GLY B 192 76.73 -11.65 11.62
C GLY B 192 77.69 -10.56 12.02
N GLN B 193 78.77 -10.37 11.26
CA GLN B 193 79.79 -9.39 11.58
C GLN B 193 80.01 -8.46 10.40
N GLN B 194 80.51 -7.27 10.71
CA GLN B 194 80.96 -6.35 9.68
C GLN B 194 82.30 -6.79 9.10
N THR B 195 82.44 -6.72 7.77
CA THR B 195 83.69 -7.06 7.13
C THR B 195 84.38 -5.84 6.54
N THR B 196 83.63 -4.84 6.11
CA THR B 196 84.19 -3.59 5.60
C THR B 196 83.36 -2.44 6.13
N THR B 197 84.05 -1.36 6.51
CA THR B 197 83.38 -0.11 6.87
C THR B 197 83.85 0.97 5.90
N PHE B 198 82.94 1.86 5.54
CA PHE B 198 83.21 2.88 4.53
C PHE B 198 83.06 4.24 5.19
N THR B 199 84.19 4.83 5.57
CA THR B 199 84.22 6.08 6.31
C THR B 199 84.72 7.20 5.42
N GLY B 200 84.30 8.43 5.73
CA GLY B 200 84.65 9.55 4.90
C GLY B 200 83.50 10.49 4.60
N HIS B 201 82.28 10.04 4.81
CA HIS B 201 81.13 10.92 4.65
C HIS B 201 81.12 11.94 5.78
N THR B 202 80.59 13.12 5.51
CA THR B 202 80.45 14.18 6.51
C THR B 202 79.06 14.20 7.15
N GLY B 203 78.00 14.05 6.34
CA GLY B 203 76.65 14.05 6.85
C GLY B 203 76.09 12.64 6.95
N ASP B 204 74.89 12.54 7.50
CA ASP B 204 74.21 11.25 7.57
C ASP B 204 74.01 10.70 6.18
N VAL B 205 74.12 9.38 6.04
CA VAL B 205 73.98 8.75 4.74
C VAL B 205 72.50 8.57 4.46
N MET B 206 72.04 9.10 3.33
CA MET B 206 70.63 9.08 3.00
C MET B 206 70.19 7.93 2.09
N SER B 207 71.02 7.49 1.16
CA SER B 207 70.60 6.42 0.27
C SER B 207 71.80 5.75 -0.35
N LEU B 208 71.61 4.49 -0.74
CA LEU B 208 72.59 3.68 -1.47
C LEU B 208 72.03 3.30 -2.82
N SER B 209 72.93 3.06 -3.76
CA SER B 209 72.56 2.43 -5.01
C SER B 209 73.64 1.47 -5.46
N LEU B 210 73.27 0.28 -5.92
CA LEU B 210 74.23 -0.72 -6.37
C LEU B 210 74.36 -0.65 -7.88
N ALA B 211 75.58 -0.80 -8.37
CA ALA B 211 75.77 -0.92 -9.81
C ALA B 211 75.35 -2.32 -10.24
N PRO B 212 75.12 -2.52 -11.55
CA PRO B 212 74.95 -3.91 -12.01
C PRO B 212 76.27 -4.70 -11.98
N ASP B 213 76.91 -4.66 -10.82
CA ASP B 213 78.20 -5.26 -10.53
C ASP B 213 78.40 -5.06 -9.04
N THR B 214 78.40 -6.15 -8.30
CA THR B 214 78.38 -6.05 -6.84
C THR B 214 79.67 -5.51 -6.23
N ARG B 215 80.71 -5.27 -7.03
CA ARG B 215 81.96 -4.75 -6.48
C ARG B 215 81.94 -3.24 -6.36
N LEU B 216 80.90 -2.58 -6.90
CA LEU B 216 80.86 -1.13 -7.00
C LEU B 216 79.48 -0.62 -6.64
N PHE B 217 79.45 0.46 -5.85
CA PHE B 217 78.22 1.16 -5.53
C PHE B 217 78.54 2.60 -5.22
N VAL B 218 77.49 3.42 -5.16
CA VAL B 218 77.61 4.82 -4.81
C VAL B 218 76.70 5.10 -3.63
N SER B 219 76.95 6.21 -2.93
CA SER B 219 76.13 6.61 -1.81
C SER B 219 75.97 8.12 -1.81
N GLY B 220 74.90 8.59 -1.19
CA GLY B 220 74.74 10.01 -0.92
C GLY B 220 74.46 10.30 0.54
N ALA B 221 74.75 11.51 0.99
CA ALA B 221 74.67 11.86 2.40
C ALA B 221 74.25 13.31 2.56
N CYS B 222 73.94 13.67 3.80
CA CYS B 222 73.54 15.04 4.12
C CYS B 222 74.75 15.96 4.16
N ASP B 223 75.46 16.07 3.04
CA ASP B 223 76.59 16.98 2.94
C ASP B 223 76.77 17.44 1.50
N ALA B 224 75.75 17.30 0.66
CA ALA B 224 75.77 17.79 -0.71
C ALA B 224 76.95 17.21 -1.47
N SER B 225 77.20 15.93 -1.24
CA SER B 225 78.30 15.24 -1.91
C SER B 225 77.92 13.77 -2.07
N ALA B 226 78.23 13.22 -3.24
CA ALA B 226 78.07 11.80 -3.51
C ALA B 226 79.45 11.17 -3.67
N LYS B 227 79.60 9.94 -3.19
CA LYS B 227 80.87 9.25 -3.17
C LYS B 227 80.76 7.91 -3.87
N LEU B 228 81.79 7.54 -4.62
CA LEU B 228 81.89 6.25 -5.29
C LEU B 228 82.77 5.34 -4.45
N TRP B 229 82.20 4.23 -4.00
CA TRP B 229 82.87 3.34 -3.06
C TRP B 229 83.25 2.04 -3.72
N ASP B 230 84.42 1.51 -3.36
CA ASP B 230 84.87 0.21 -3.83
C ASP B 230 84.54 -0.82 -2.76
N VAL B 231 83.65 -1.76 -3.10
CA VAL B 231 83.11 -2.66 -2.09
C VAL B 231 84.22 -3.48 -1.44
N ARG B 232 85.16 -3.97 -2.23
CA ARG B 232 86.16 -4.89 -1.71
C ARG B 232 87.32 -4.15 -1.04
N GLU B 233 87.70 -3.00 -1.59
CA GLU B 233 88.81 -2.25 -1.02
C GLU B 233 88.37 -1.43 0.19
N GLY B 234 87.14 -0.96 0.20
CA GLY B 234 86.67 -0.08 1.25
C GLY B 234 87.04 1.37 1.08
N MET B 235 87.58 1.76 -0.07
CA MET B 235 88.05 3.11 -0.29
C MET B 235 87.01 3.87 -1.12
N CYS B 236 86.97 5.19 -0.95
CA CYS B 236 86.25 6.09 -1.84
C CYS B 236 87.17 6.37 -3.03
N ARG B 237 86.65 6.19 -4.24
CA ARG B 237 87.46 6.45 -5.42
C ARG B 237 87.12 7.79 -6.06
N GLN B 238 85.87 8.23 -5.95
CA GLN B 238 85.50 9.52 -6.52
C GLN B 238 84.52 10.23 -5.61
N THR B 239 84.62 11.55 -5.60
CA THR B 239 83.68 12.42 -4.87
C THR B 239 83.06 13.38 -5.86
N PHE B 240 81.73 13.48 -5.82
CA PHE B 240 80.96 14.29 -6.75
C PHE B 240 80.19 15.33 -5.97
N THR B 241 80.27 16.59 -6.41
CA THR B 241 79.63 17.69 -5.72
C THR B 241 78.84 18.52 -6.73
N GLY B 242 78.18 19.55 -6.23
CA GLY B 242 77.34 20.38 -7.05
C GLY B 242 75.98 20.61 -6.45
N HIS B 243 75.57 19.75 -5.53
CA HIS B 243 74.28 19.92 -4.88
C HIS B 243 74.33 21.15 -3.99
N GLU B 244 73.20 21.85 -3.88
CA GLU B 244 73.09 22.97 -2.94
C GLU B 244 72.52 22.55 -1.59
N SER B 245 72.07 21.31 -1.45
CA SER B 245 71.44 20.86 -0.22
C SER B 245 71.60 19.35 -0.14
N ASP B 246 70.98 18.74 0.86
CA ASP B 246 71.23 17.34 1.17
C ASP B 246 70.71 16.46 0.04
N ILE B 247 71.43 15.38 -0.23
CA ILE B 247 71.06 14.42 -1.26
C ILE B 247 70.01 13.49 -0.69
N ASN B 248 68.89 13.34 -1.40
CA ASN B 248 67.79 12.51 -0.94
C ASN B 248 67.74 11.14 -1.60
N ALA B 249 68.19 11.03 -2.85
CA ALA B 249 68.10 9.79 -3.60
C ALA B 249 69.21 9.70 -4.62
N ILE B 250 69.65 8.48 -4.90
CA ILE B 250 70.69 8.24 -5.90
C ILE B 250 70.35 6.96 -6.64
N CYS B 251 70.64 6.91 -7.93
CA CYS B 251 70.50 5.69 -8.70
C CYS B 251 71.52 5.67 -9.85
N PHE B 252 71.85 4.47 -10.31
CA PHE B 252 72.73 4.26 -11.46
C PHE B 252 72.00 4.40 -12.79
N PHE B 253 72.70 4.95 -13.77
CA PHE B 253 72.35 4.75 -15.16
C PHE B 253 72.43 3.26 -15.50
N PRO B 254 71.52 2.74 -16.33
CA PRO B 254 71.48 1.29 -16.54
C PRO B 254 72.79 0.68 -17.00
N ASN B 255 73.69 1.45 -17.60
CA ASN B 255 74.94 0.91 -18.10
C ASN B 255 76.01 0.80 -17.01
N GLY B 256 75.74 1.29 -15.81
CA GLY B 256 76.67 1.12 -14.71
C GLY B 256 77.84 2.07 -14.70
N ASN B 257 77.88 3.04 -15.62
CA ASN B 257 78.99 3.97 -15.73
C ASN B 257 78.58 5.40 -15.40
N ALA B 258 77.38 5.59 -14.88
CA ALA B 258 76.87 6.93 -14.60
C ALA B 258 75.76 6.78 -13.56
N PHE B 259 75.42 7.89 -12.92
CA PHE B 259 74.37 7.88 -11.91
C PHE B 259 73.71 9.24 -11.87
N ALA B 260 72.51 9.30 -11.30
CA ALA B 260 71.81 10.55 -11.09
C ALA B 260 71.35 10.64 -9.65
N THR B 261 71.25 11.86 -9.13
CA THR B 261 70.89 12.13 -7.75
C THR B 261 69.75 13.12 -7.69
N GLY B 262 68.95 13.02 -6.63
CA GLY B 262 68.04 14.08 -6.28
C GLY B 262 68.32 14.64 -4.91
N SER B 263 67.85 15.85 -4.63
CA SER B 263 68.18 16.56 -3.40
C SER B 263 67.07 17.53 -3.03
N ASP B 264 67.25 18.16 -1.87
CA ASP B 264 66.30 19.15 -1.39
C ASP B 264 66.31 20.44 -2.19
N ASP B 265 67.26 20.62 -3.09
CA ASP B 265 67.28 21.81 -3.94
C ASP B 265 66.41 21.65 -5.17
N ALA B 266 65.65 20.57 -5.27
CA ALA B 266 64.63 20.42 -6.30
C ALA B 266 65.24 20.31 -7.69
N THR B 267 66.53 19.99 -7.73
CA THR B 267 67.22 19.75 -8.98
C THR B 267 67.80 18.35 -8.94
N CYS B 268 67.58 17.58 -10.01
CA CYS B 268 68.21 16.29 -10.22
C CYS B 268 69.41 16.47 -11.11
N ARG B 269 70.50 15.76 -10.80
CA ARG B 269 71.76 15.98 -11.47
C ARG B 269 72.29 14.65 -11.97
N LEU B 270 72.90 14.69 -13.15
CA LEU B 270 73.44 13.49 -13.80
C LEU B 270 74.96 13.59 -13.80
N PHE B 271 75.62 12.57 -13.26
CA PHE B 271 77.07 12.54 -13.19
C PHE B 271 77.60 11.36 -14.01
N ASP B 272 78.81 11.50 -14.52
CA ASP B 272 79.45 10.44 -15.28
C ASP B 272 80.79 10.08 -14.62
N LEU B 273 80.99 8.79 -14.38
CA LEU B 273 82.16 8.37 -13.61
C LEU B 273 83.46 8.67 -14.35
N ARG B 274 83.51 8.38 -15.64
CA ARG B 274 84.76 8.50 -16.37
C ARG B 274 85.07 9.94 -16.73
N ALA B 275 84.04 10.75 -16.97
CA ALA B 275 84.25 12.19 -17.17
C ALA B 275 84.51 12.90 -15.85
N ASP B 276 84.19 12.28 -14.72
CA ASP B 276 84.49 12.85 -13.40
C ASP B 276 83.90 14.25 -13.25
N GLN B 277 82.65 14.41 -13.64
CA GLN B 277 82.01 15.72 -13.60
C GLN B 277 80.50 15.54 -13.73
N GLU B 278 79.75 16.59 -13.41
CA GLU B 278 78.34 16.69 -13.71
C GLU B 278 78.15 16.87 -15.21
N LEU B 279 77.14 16.19 -15.75
CA LEU B 279 76.78 16.33 -17.16
C LEU B 279 75.49 17.08 -17.37
N MET B 280 74.46 16.84 -16.57
CA MET B 280 73.19 17.48 -16.82
C MET B 280 72.53 17.84 -15.49
N THR B 281 71.65 18.84 -15.53
CA THR B 281 70.76 19.17 -14.43
C THR B 281 69.33 19.14 -14.94
N TYR B 282 68.39 18.75 -14.08
CA TYR B 282 66.98 18.70 -14.46
C TYR B 282 66.19 19.57 -13.47
N SER B 283 65.61 20.64 -13.99
CA SER B 283 64.90 21.63 -13.18
C SER B 283 63.96 22.44 -14.05
N HIS B 284 63.10 23.22 -13.41
CA HIS B 284 62.21 24.14 -14.10
C HIS B 284 61.85 25.28 -13.17
N ASP B 285 61.60 26.45 -13.75
CA ASP B 285 61.30 27.63 -12.94
C ASP B 285 60.15 27.41 -11.98
N ASN B 286 59.19 26.55 -12.36
CA ASN B 286 57.98 26.39 -11.56
C ASN B 286 58.08 25.21 -10.60
N ILE B 287 59.26 24.64 -10.43
CA ILE B 287 59.51 23.53 -9.51
C ILE B 287 60.28 24.09 -8.32
N ILE B 288 59.65 24.07 -7.15
CA ILE B 288 60.32 24.44 -5.90
C ILE B 288 60.20 23.31 -4.90
N CYS B 289 59.83 22.13 -5.37
CA CYS B 289 59.57 20.98 -4.52
C CYS B 289 60.74 20.02 -4.53
N GLY B 290 60.99 19.40 -3.37
CA GLY B 290 62.14 18.54 -3.22
C GLY B 290 61.97 17.21 -3.91
N ILE B 291 63.11 16.55 -4.18
CA ILE B 291 63.08 15.24 -4.81
C ILE B 291 63.26 14.17 -3.75
N THR B 292 62.40 13.16 -3.80
CA THR B 292 62.45 12.09 -2.81
C THR B 292 62.95 10.78 -3.37
N SER B 293 62.86 10.57 -4.68
CA SER B 293 63.25 9.31 -5.29
C SER B 293 63.61 9.56 -6.73
N VAL B 294 64.53 8.76 -7.26
CA VAL B 294 64.90 8.82 -8.66
C VAL B 294 65.10 7.39 -9.15
N SER B 295 64.95 7.21 -10.44
CA SER B 295 65.24 5.94 -11.08
C SER B 295 65.39 6.19 -12.57
N PHE B 296 66.02 5.26 -13.25
CA PHE B 296 66.04 5.26 -14.70
C PHE B 296 65.09 4.18 -15.22
N SER B 297 64.58 4.39 -16.43
CA SER B 297 63.90 3.36 -17.19
C SER B 297 64.95 2.41 -17.76
N LYS B 298 64.47 1.30 -18.32
CA LYS B 298 65.37 0.24 -18.75
C LYS B 298 66.36 0.73 -19.80
N SER B 299 65.92 1.58 -20.73
CA SER B 299 66.83 2.07 -21.75
C SER B 299 67.75 3.17 -21.27
N GLY B 300 67.45 3.75 -20.11
CA GLY B 300 68.20 4.90 -19.65
C GLY B 300 67.79 6.21 -20.27
N ARG B 301 66.83 6.20 -21.19
CA ARG B 301 66.40 7.39 -21.91
C ARG B 301 65.39 8.20 -21.14
N LEU B 302 64.62 7.57 -20.26
CA LEU B 302 63.62 8.24 -19.46
C LEU B 302 64.10 8.26 -18.02
N LEU B 303 64.17 9.44 -17.44
CA LEU B 303 64.62 9.62 -16.06
C LEU B 303 63.38 9.91 -15.23
N LEU B 304 63.16 9.12 -14.17
CA LEU B 304 62.01 9.34 -13.33
C LEU B 304 62.44 9.94 -12.01
N ALA B 305 61.57 10.75 -11.41
CA ALA B 305 61.83 11.33 -10.11
C ALA B 305 60.51 11.52 -9.41
N GLY B 306 60.47 11.22 -8.10
CA GLY B 306 59.33 11.54 -7.28
C GLY B 306 59.58 12.77 -6.44
N TYR B 307 58.52 13.52 -6.17
CA TYR B 307 58.65 14.80 -5.49
C TYR B 307 57.74 14.86 -4.27
N ASP B 308 58.04 15.81 -3.39
CA ASP B 308 57.25 16.02 -2.18
C ASP B 308 55.98 16.82 -2.46
N ASP B 309 55.72 17.14 -3.73
CA ASP B 309 54.49 17.84 -4.10
C ASP B 309 53.39 16.89 -4.54
N PHE B 310 53.58 15.60 -4.25
CA PHE B 310 52.68 14.48 -4.50
C PHE B 310 52.80 13.87 -5.88
N ASN B 311 53.51 14.49 -6.83
CA ASN B 311 53.54 13.95 -8.18
C ASN B 311 54.90 13.35 -8.48
N CYS B 312 54.95 12.50 -9.51
CA CYS B 312 56.21 12.13 -10.13
C CYS B 312 56.25 12.69 -11.53
N ASN B 313 57.44 13.05 -11.98
CA ASN B 313 57.61 13.64 -13.29
C ASN B 313 58.28 12.63 -14.20
N VAL B 314 58.38 12.96 -15.48
CA VAL B 314 59.17 12.16 -16.41
C VAL B 314 60.09 13.10 -17.16
N TRP B 315 61.39 12.84 -17.10
CA TRP B 315 62.38 13.67 -17.78
C TRP B 315 62.99 12.90 -18.93
N ASP B 316 63.32 13.61 -20.00
CA ASP B 316 64.10 13.07 -21.10
C ASP B 316 65.56 13.10 -20.68
N ALA B 317 66.13 11.93 -20.44
CA ALA B 317 67.45 11.82 -19.85
C ALA B 317 68.56 12.40 -20.71
N LEU B 318 68.31 12.61 -22.00
CA LEU B 318 69.31 13.16 -22.89
C LEU B 318 69.07 14.61 -23.28
N LYS B 319 67.96 15.22 -22.83
CA LYS B 319 67.62 16.59 -23.18
C LYS B 319 67.21 17.43 -22.00
N ALA B 320 66.76 16.81 -20.91
CA ALA B 320 66.20 17.50 -19.75
C ALA B 320 64.92 18.24 -20.08
N ASP B 321 64.17 17.78 -21.07
CA ASP B 321 62.82 18.28 -21.27
C ASP B 321 61.84 17.46 -20.47
N ARG B 322 60.69 18.05 -20.19
CA ARG B 322 59.63 17.30 -19.53
C ARG B 322 58.86 16.47 -20.55
N ALA B 323 58.71 15.18 -20.25
CA ALA B 323 58.02 14.26 -21.13
C ALA B 323 56.64 13.86 -20.60
N GLY B 324 56.34 14.12 -19.34
CA GLY B 324 55.08 13.67 -18.79
C GLY B 324 55.05 13.89 -17.30
N VAL B 325 53.90 13.53 -16.72
CA VAL B 325 53.66 13.63 -15.29
C VAL B 325 52.90 12.39 -14.87
N LEU B 326 53.25 11.83 -13.72
CA LEU B 326 52.50 10.73 -13.13
C LEU B 326 51.80 11.26 -11.88
N ALA B 327 50.56 11.66 -12.05
CA ALA B 327 49.78 12.24 -10.95
C ALA B 327 48.73 11.24 -10.49
N GLY B 328 48.46 11.23 -9.21
CA GLY B 328 47.48 10.31 -8.68
C GLY B 328 47.57 10.13 -7.18
N HIS B 329 48.76 10.27 -6.62
CA HIS B 329 48.98 10.18 -5.19
C HIS B 329 48.50 11.46 -4.53
N ASP B 330 47.98 11.33 -3.32
CA ASP B 330 47.38 12.44 -2.60
C ASP B 330 48.27 12.96 -1.48
N ASN B 331 49.51 12.48 -1.42
CA ASN B 331 50.45 12.86 -0.38
C ASN B 331 51.85 12.67 -0.94
N ARG B 332 52.85 12.96 -0.12
CA ARG B 332 54.23 13.01 -0.60
C ARG B 332 54.64 11.64 -1.14
N VAL B 333 55.38 11.64 -2.24
CA VAL B 333 55.89 10.41 -2.82
C VAL B 333 57.10 9.99 -2.01
N SER B 334 57.10 8.74 -1.55
CA SER B 334 58.15 8.20 -0.70
C SER B 334 59.00 7.15 -1.39
N CYS B 335 58.44 6.45 -2.38
CA CYS B 335 59.11 5.32 -3.01
C CYS B 335 58.88 5.40 -4.51
N LEU B 336 59.93 5.12 -5.28
CA LEU B 336 59.79 4.96 -6.71
C LEU B 336 60.78 3.95 -7.28
N GLY B 337 60.34 3.07 -8.17
CA GLY B 337 61.26 2.21 -8.89
C GLY B 337 60.69 1.41 -10.05
N VAL B 338 61.57 0.91 -10.91
CA VAL B 338 61.18 0.19 -12.14
C VAL B 338 61.57 -1.27 -12.02
N THR B 339 60.71 -2.15 -12.51
CA THR B 339 60.97 -3.58 -12.48
C THR B 339 62.12 -3.93 -13.42
N ASP B 340 62.68 -5.13 -13.21
CA ASP B 340 63.92 -5.48 -13.88
C ASP B 340 63.80 -5.52 -15.39
N ASP B 341 62.64 -5.88 -15.93
CA ASP B 341 62.44 -5.98 -17.37
C ASP B 341 61.90 -4.70 -17.96
N GLY B 342 61.78 -3.64 -17.17
CA GLY B 342 61.36 -2.35 -17.67
C GLY B 342 59.89 -2.27 -18.02
N MET B 343 59.10 -3.27 -17.64
CA MET B 343 57.70 -3.33 -18.03
C MET B 343 56.80 -2.41 -17.23
N ALA B 344 57.11 -2.17 -15.95
CA ALA B 344 56.20 -1.43 -15.09
C ALA B 344 57.00 -0.67 -14.05
N VAL B 345 56.40 0.39 -13.52
CA VAL B 345 57.00 1.25 -12.52
C VAL B 345 56.09 1.20 -11.30
N ALA B 346 56.67 1.07 -10.12
CA ALA B 346 55.87 1.13 -8.92
C ALA B 346 56.22 2.38 -8.14
N THR B 347 55.21 2.99 -7.53
CA THR B 347 55.44 4.18 -6.71
C THR B 347 54.69 3.99 -5.40
N GLY B 348 55.09 4.70 -4.37
CA GLY B 348 54.31 4.77 -3.17
C GLY B 348 54.46 6.11 -2.50
N SER B 349 53.54 6.39 -1.59
CA SER B 349 53.44 7.74 -1.07
C SER B 349 52.95 7.69 0.37
N TRP B 350 52.87 8.87 0.98
CA TRP B 350 52.42 8.96 2.36
C TRP B 350 50.92 8.80 2.50
N ASP B 351 50.19 8.57 1.41
CA ASP B 351 48.75 8.35 1.50
C ASP B 351 48.41 6.89 1.76
N SER B 352 49.42 6.03 1.92
CA SER B 352 49.32 4.62 2.24
C SER B 352 48.86 3.71 1.08
N PHE B 353 48.91 4.16 -0.16
CA PHE B 353 48.63 3.30 -1.31
C PHE B 353 49.90 3.08 -2.11
N LEU B 354 49.98 1.92 -2.75
CA LEU B 354 50.94 1.69 -3.81
C LEU B 354 50.23 1.68 -5.15
N LYS B 355 50.93 2.14 -6.17
CA LYS B 355 50.41 2.12 -7.53
C LYS B 355 51.42 1.47 -8.44
N ILE B 356 50.94 0.65 -9.35
CA ILE B 356 51.76 0.08 -10.41
C ILE B 356 51.38 0.74 -11.71
N TRP B 357 52.33 1.43 -12.33
CA TRP B 357 52.08 2.17 -13.55
C TRP B 357 52.47 1.36 -14.77
N ASN B 358 51.60 1.36 -15.76
CA ASN B 358 51.76 0.58 -16.98
C ASN B 358 51.95 -0.90 -16.65
N THR C 6 97.95 15.33 17.63
CA THR C 6 96.68 16.10 17.55
C THR C 6 95.75 15.50 16.50
N ALA C 7 94.51 15.24 16.89
CA ALA C 7 93.56 14.60 15.98
C ALA C 7 93.34 15.44 14.73
N SER C 8 93.31 16.77 14.88
CA SER C 8 93.06 17.62 13.72
C SER C 8 94.13 17.43 12.67
N ILE C 9 95.39 17.24 13.07
CA ILE C 9 96.46 17.05 12.11
C ILE C 9 96.35 15.67 11.46
N ALA C 10 96.07 14.64 12.26
CA ALA C 10 95.92 13.30 11.71
C ALA C 10 94.76 13.25 10.72
N GLN C 11 93.67 13.94 11.05
CA GLN C 11 92.52 13.98 10.14
C GLN C 11 92.85 14.77 8.88
N ALA C 12 93.56 15.88 9.02
CA ALA C 12 93.98 16.65 7.85
C ALA C 12 94.89 15.81 6.96
N ARG C 13 95.76 14.99 7.57
CA ARG C 13 96.62 14.13 6.78
C ARG C 13 95.81 13.11 5.99
N LYS C 14 94.80 12.50 6.61
CA LYS C 14 93.96 11.55 5.88
C LYS C 14 93.26 12.24 4.71
N LEU C 15 92.80 13.47 4.93
CA LEU C 15 92.16 14.22 3.84
C LEU C 15 93.14 14.48 2.71
N VAL C 16 94.37 14.90 3.03
CA VAL C 16 95.33 15.14 1.96
C VAL C 16 95.62 13.85 1.20
N GLU C 17 95.76 12.73 1.91
CA GLU C 17 96.01 11.47 1.21
C GLU C 17 94.86 11.10 0.29
N GLN C 18 93.62 11.34 0.74
CA GLN C 18 92.47 11.09 -0.13
C GLN C 18 92.50 12.00 -1.34
N LEU C 19 92.84 13.28 -1.14
CA LEU C 19 92.87 14.20 -2.26
C LEU C 19 93.96 13.82 -3.25
N LYS C 20 95.12 13.40 -2.76
CA LYS C 20 96.20 13.00 -3.65
C LYS C 20 95.78 11.83 -4.54
N MET C 21 95.06 10.87 -4.00
CA MET C 21 94.51 9.79 -4.83
C MET C 21 93.57 10.33 -5.89
N GLU C 22 92.56 11.10 -5.48
CA GLU C 22 91.59 11.62 -6.44
C GLU C 22 92.20 12.58 -7.45
N ALA C 23 93.26 13.30 -7.09
CA ALA C 23 93.92 14.21 -8.01
C ALA C 23 94.73 13.49 -9.09
N ASN C 24 94.90 12.17 -8.98
CA ASN C 24 95.72 11.40 -9.91
C ASN C 24 94.98 10.21 -10.48
N ILE C 25 93.89 10.44 -11.20
CA ILE C 25 93.10 9.36 -11.78
C ILE C 25 92.92 9.65 -13.26
N ASP C 26 92.61 8.60 -14.03
CA ASP C 26 92.31 8.74 -15.44
C ASP C 26 90.98 9.48 -15.64
N ARG C 27 90.96 10.35 -16.63
CA ARG C 27 89.76 11.08 -17.01
C ARG C 27 89.64 11.11 -18.52
N ILE C 28 88.41 11.21 -19.02
CA ILE C 28 88.14 11.29 -20.45
C ILE C 28 87.39 12.57 -20.74
N LYS C 29 87.33 12.97 -22.01
CA LYS C 29 86.55 14.14 -22.37
C LYS C 29 85.07 13.84 -22.19
N VAL C 30 84.33 14.83 -21.71
CA VAL C 30 82.91 14.65 -21.46
C VAL C 30 82.15 14.41 -22.76
N SER C 31 82.60 14.98 -23.87
CA SER C 31 81.95 14.76 -25.15
C SER C 31 81.90 13.28 -25.53
N LYS C 32 82.92 12.51 -25.18
CA LYS C 32 82.92 11.07 -25.40
C LYS C 32 81.99 10.34 -24.45
N ALA C 33 81.98 10.70 -23.17
CA ALA C 33 81.05 10.08 -22.24
C ALA C 33 79.62 10.27 -22.70
N ALA C 34 79.28 11.47 -23.17
CA ALA C 34 77.93 11.72 -23.66
C ALA C 34 77.60 10.84 -24.86
N ALA C 35 78.55 10.70 -25.79
CA ALA C 35 78.31 9.85 -26.96
C ALA C 35 78.04 8.42 -26.55
N ASP C 36 78.77 7.93 -25.55
CA ASP C 36 78.58 6.54 -25.12
C ASP C 36 77.22 6.34 -24.47
N LEU C 37 76.77 7.30 -23.66
CA LEU C 37 75.44 7.21 -23.08
C LEU C 37 74.35 7.27 -24.14
N MET C 38 74.50 8.13 -25.15
CA MET C 38 73.53 8.15 -26.24
C MET C 38 73.47 6.81 -26.95
N ALA C 39 74.62 6.22 -27.27
CA ALA C 39 74.64 4.94 -27.97
C ALA C 39 73.94 3.86 -27.16
N TYR C 40 74.17 3.83 -25.85
CA TYR C 40 73.49 2.85 -25.03
C TYR C 40 71.98 2.99 -25.13
N CYS C 41 71.47 4.21 -24.98
CA CYS C 41 70.03 4.43 -25.04
C CYS C 41 69.44 3.99 -26.37
N GLU C 42 70.10 4.27 -27.49
CA GLU C 42 69.63 3.79 -28.79
C GLU C 42 69.67 2.28 -28.92
N ALA C 43 70.76 1.64 -28.49
CA ALA C 43 70.90 0.20 -28.60
C ALA C 43 69.80 -0.57 -27.89
N HIS C 44 69.33 -0.07 -26.74
CA HIS C 44 68.30 -0.75 -25.96
C HIS C 44 66.96 -0.04 -26.06
N ALA C 45 66.80 0.85 -27.04
CA ALA C 45 65.59 1.66 -27.11
C ALA C 45 64.34 0.79 -27.26
N LYS C 46 64.45 -0.33 -27.98
CA LYS C 46 63.31 -1.17 -28.26
C LYS C 46 63.03 -2.20 -27.17
N GLU C 47 63.81 -2.21 -26.10
CA GLU C 47 63.67 -3.20 -25.04
C GLU C 47 62.99 -2.59 -23.81
N ASP C 48 62.50 -1.37 -23.94
CA ASP C 48 62.01 -0.58 -22.80
C ASP C 48 60.53 -0.27 -23.06
N PRO C 49 59.64 -1.09 -22.52
CA PRO C 49 58.21 -0.85 -22.77
C PRO C 49 57.67 0.48 -22.29
N LEU C 50 58.41 1.22 -21.48
CA LEU C 50 57.94 2.50 -20.96
C LEU C 50 58.07 3.62 -21.99
N LEU C 51 58.96 3.48 -22.96
CA LEU C 51 59.10 4.42 -24.06
C LEU C 51 58.46 3.88 -25.34
N THR C 52 58.50 2.56 -25.52
CA THR C 52 57.93 1.89 -26.69
C THR C 52 56.68 1.16 -26.26
N PRO C 53 55.49 1.66 -26.55
CA PRO C 53 54.27 0.99 -26.08
C PRO C 53 54.17 -0.43 -26.62
N VAL C 54 53.52 -1.30 -25.86
CA VAL C 54 53.37 -2.70 -26.21
C VAL C 54 51.88 -3.03 -26.23
N PRO C 55 51.46 -4.08 -26.94
CA PRO C 55 50.04 -4.44 -26.94
C PRO C 55 49.63 -5.07 -25.61
N ALA C 56 48.32 -5.10 -25.39
CA ALA C 56 47.76 -5.76 -24.23
C ALA C 56 48.15 -7.23 -24.12
N SER C 57 48.37 -7.93 -25.23
CA SER C 57 48.77 -9.33 -25.19
C SER C 57 50.19 -9.48 -24.63
N GLU C 58 50.95 -8.38 -24.60
CA GLU C 58 52.31 -8.41 -24.08
C GLU C 58 52.42 -7.84 -22.68
N ASN C 59 51.64 -6.83 -22.35
CA ASN C 59 51.72 -6.19 -21.05
C ASN C 59 51.05 -7.09 -20.01
N PRO C 60 51.79 -7.63 -19.04
CA PRO C 60 51.16 -8.55 -18.07
C PRO C 60 50.06 -7.93 -17.25
N PHE C 61 49.98 -6.59 -17.21
CA PHE C 61 49.02 -5.88 -16.40
C PHE C 61 47.82 -5.42 -17.23
N ARG C 62 47.85 -5.68 -18.54
CA ARG C 62 46.83 -5.22 -19.50
C ARG C 62 46.18 -3.91 -19.11
N VAL D 2 59.07 -30.74 11.40
CA VAL D 2 57.71 -30.81 10.81
C VAL D 2 57.22 -32.24 10.89
N GLN D 3 56.25 -32.52 11.75
CA GLN D 3 55.78 -33.89 11.89
C GLN D 3 54.26 -33.89 12.01
N LEU D 4 53.64 -34.91 11.40
CA LEU D 4 52.20 -35.11 11.39
C LEU D 4 51.96 -36.58 11.65
N VAL D 5 51.42 -36.91 12.82
CA VAL D 5 51.14 -38.29 13.17
C VAL D 5 49.65 -38.46 13.39
N GLU D 6 49.06 -39.45 12.73
CA GLU D 6 47.64 -39.71 12.86
C GLU D 6 47.37 -41.08 13.47
N SER D 7 46.57 -41.10 14.52
CA SER D 7 46.22 -42.35 15.19
C SER D 7 44.74 -42.38 15.55
N GLY D 8 44.16 -43.57 15.59
CA GLY D 8 42.76 -43.73 15.94
C GLY D 8 42.07 -44.77 15.09
N GLY D 9 42.84 -45.61 14.42
CA GLY D 9 42.27 -46.63 13.56
C GLY D 9 41.89 -47.90 14.28
N GLY D 10 41.67 -48.96 13.54
CA GLY D 10 41.26 -50.23 14.09
C GLY D 10 40.22 -50.85 13.18
N LEU D 11 39.55 -51.88 13.68
CA LEU D 11 38.58 -52.60 12.85
C LEU D 11 37.17 -52.21 13.27
N VAL D 12 36.29 -52.04 12.29
CA VAL D 12 34.88 -51.71 12.54
C VAL D 12 34.02 -52.72 11.79
N GLN D 13 32.75 -52.75 12.13
CA GLN D 13 31.82 -53.57 11.38
C GLN D 13 31.12 -52.72 10.32
N PRO D 14 30.58 -53.33 9.26
CA PRO D 14 29.89 -52.55 8.24
C PRO D 14 28.77 -51.71 8.84
N GLY D 15 28.64 -50.48 8.35
CA GLY D 15 27.60 -49.58 8.79
C GLY D 15 27.97 -48.77 10.02
N GLY D 16 29.10 -49.04 10.65
CA GLY D 16 29.49 -48.34 11.86
C GLY D 16 30.16 -47.02 11.56
N SER D 17 30.80 -46.43 12.58
CA SER D 17 31.42 -45.13 12.44
C SER D 17 32.72 -45.13 13.24
N ARG D 18 33.60 -44.21 12.89
CA ARG D 18 34.88 -44.06 13.59
C ARG D 18 35.36 -42.64 13.37
N LYS D 19 36.21 -42.18 14.28
CA LYS D 19 36.86 -40.87 14.15
C LYS D 19 38.36 -41.06 14.13
N LEU D 20 39.01 -40.48 13.14
CA LEU D 20 40.47 -40.42 13.08
C LEU D 20 40.93 -39.01 13.41
N SER D 21 42.15 -38.90 13.94
CA SER D 21 42.74 -37.62 14.27
C SER D 21 44.21 -37.61 13.87
N CYS D 22 44.78 -36.41 13.74
CA CYS D 22 46.20 -36.24 13.45
C CYS D 22 46.75 -35.16 14.36
N SER D 23 47.83 -35.45 15.07
CA SER D 23 48.48 -34.50 15.96
C SER D 23 49.66 -33.87 15.22
N ALA D 24 49.62 -32.56 15.06
CA ALA D 24 50.68 -31.85 14.35
C ALA D 24 51.64 -31.17 15.32
N SER D 25 52.90 -31.08 14.91
CA SER D 25 53.88 -30.27 15.64
C SER D 25 54.97 -29.83 14.67
N GLY D 26 55.68 -28.78 15.04
CA GLY D 26 56.84 -28.39 14.27
C GLY D 26 56.59 -27.41 13.14
N PHE D 27 55.37 -26.90 13.02
CA PHE D 27 55.07 -25.93 11.97
C PHE D 27 53.84 -25.14 12.37
N ALA D 28 53.59 -24.07 11.62
CA ALA D 28 52.50 -23.14 11.88
C ALA D 28 51.18 -23.80 11.49
N PHE D 29 50.74 -24.74 12.34
CA PHE D 29 49.59 -25.56 12.01
C PHE D 29 48.43 -24.74 11.46
N SER D 30 48.08 -23.64 12.08
CA SER D 30 46.86 -22.93 11.72
C SER D 30 46.96 -22.26 10.37
N SER D 31 48.15 -22.20 9.76
CA SER D 31 48.35 -21.55 8.47
C SER D 31 48.23 -22.51 7.30
N PHE D 32 48.09 -23.80 7.55
CA PHE D 32 48.13 -24.82 6.52
C PHE D 32 46.74 -25.41 6.33
N GLY D 33 46.43 -25.83 5.10
CA GLY D 33 45.30 -26.68 4.86
C GLY D 33 45.72 -28.13 5.00
N MET D 34 44.76 -29.04 4.91
CA MET D 34 45.00 -30.47 5.05
C MET D 34 44.16 -31.25 4.07
N HIS D 35 44.75 -32.30 3.49
CA HIS D 35 44.04 -33.29 2.72
C HIS D 35 44.08 -34.63 3.43
N TRP D 36 43.05 -35.43 3.22
CA TRP D 36 43.06 -36.84 3.57
C TRP D 36 43.22 -37.58 2.27
N VAL D 37 44.21 -38.47 2.18
CA VAL D 37 44.36 -39.36 1.06
C VAL D 37 44.52 -40.77 1.62
N ARG D 38 43.82 -41.72 1.03
CA ARG D 38 43.78 -43.07 1.53
C ARG D 38 44.31 -44.01 0.45
N GLN D 39 45.00 -45.07 0.86
CA GLN D 39 45.64 -45.98 -0.08
C GLN D 39 45.08 -47.38 0.13
N ALA D 40 44.48 -47.94 -0.90
CA ALA D 40 43.98 -49.31 -0.84
C ALA D 40 45.03 -50.22 -1.46
N PRO D 41 45.33 -51.37 -0.86
CA PRO D 41 46.39 -52.22 -1.45
C PRO D 41 46.19 -52.54 -2.92
N GLU D 42 44.94 -52.69 -3.37
CA GLU D 42 44.68 -53.09 -4.75
C GLU D 42 44.62 -51.91 -5.70
N LYS D 43 44.51 -50.69 -5.18
CA LYS D 43 44.20 -49.54 -6.02
C LYS D 43 45.28 -48.47 -5.99
N GLY D 44 45.95 -48.26 -4.87
CA GLY D 44 46.84 -47.12 -4.75
C GLY D 44 46.16 -45.91 -4.14
N LEU D 45 46.67 -44.74 -4.46
CA LEU D 45 46.25 -43.53 -3.76
C LEU D 45 44.90 -43.04 -4.27
N GLU D 46 44.02 -42.69 -3.34
CA GLU D 46 42.74 -42.06 -3.67
C GLU D 46 42.52 -40.87 -2.77
N TRP D 47 42.19 -39.73 -3.36
CA TRP D 47 41.93 -38.51 -2.63
C TRP D 47 40.57 -38.59 -1.92
N VAL D 48 40.50 -38.13 -0.67
CA VAL D 48 39.26 -38.22 0.10
C VAL D 48 38.61 -36.87 0.37
N ALA D 49 39.31 -35.92 0.99
CA ALA D 49 38.66 -34.69 1.41
C ALA D 49 39.69 -33.59 1.54
N TYR D 50 39.24 -32.34 1.42
CA TYR D 50 40.10 -31.19 1.63
C TYR D 50 39.47 -30.17 2.57
N ILE D 51 40.23 -29.62 3.51
CA ILE D 51 39.80 -28.47 4.30
C ILE D 51 40.76 -27.32 4.07
N SER D 52 40.20 -26.14 3.79
CA SER D 52 41.01 -24.95 3.59
C SER D 52 41.74 -24.56 4.88
N SER D 53 42.88 -23.87 4.72
CA SER D 53 43.65 -23.39 5.86
C SER D 53 42.85 -22.40 6.70
N GLY D 54 41.77 -21.87 6.13
CA GLY D 54 40.87 -21.00 6.85
C GLY D 54 39.71 -21.84 7.29
N SER D 55 38.52 -21.52 6.81
CA SER D 55 37.35 -22.31 7.13
C SER D 55 36.31 -22.02 6.07
N GLY D 56 35.30 -22.88 5.98
CA GLY D 56 34.18 -22.58 5.13
C GLY D 56 34.28 -23.19 3.77
N THR D 57 35.47 -23.61 3.35
CA THR D 57 35.68 -24.23 2.06
C THR D 57 36.12 -25.66 2.31
N ILE D 58 35.27 -26.61 1.99
CA ILE D 58 35.54 -28.02 2.20
C ILE D 58 35.05 -28.75 0.96
N TYR D 59 35.84 -29.71 0.50
CA TYR D 59 35.45 -30.56 -0.60
C TYR D 59 35.51 -32.01 -0.17
N TYR D 60 34.60 -32.82 -0.72
CA TYR D 60 34.64 -34.26 -0.51
C TYR D 60 34.66 -34.96 -1.85
N ALA D 61 35.33 -36.10 -1.88
CA ALA D 61 35.17 -37.00 -3.01
C ALA D 61 33.73 -37.46 -3.05
N ASP D 62 33.21 -37.68 -4.25
CA ASP D 62 31.79 -38.03 -4.37
C ASP D 62 31.49 -39.41 -3.79
N THR D 63 32.55 -40.19 -3.55
CA THR D 63 32.41 -41.54 -3.04
C THR D 63 32.26 -41.54 -1.53
N VAL D 64 32.56 -40.41 -0.88
CA VAL D 64 32.46 -40.31 0.57
C VAL D 64 31.53 -39.17 0.96
N LYS D 65 31.19 -38.32 0.00
CA LYS D 65 30.29 -37.20 0.27
C LYS D 65 29.02 -37.71 0.93
N GLY D 66 28.66 -37.10 2.05
CA GLY D 66 27.51 -37.50 2.81
C GLY D 66 27.82 -38.45 3.94
N ARG D 67 29.01 -39.04 3.94
CA ARG D 67 29.43 -39.94 5.01
C ARG D 67 30.65 -39.46 5.75
N PHE D 68 31.53 -38.69 5.13
CA PHE D 68 32.73 -38.18 5.77
C PHE D 68 32.50 -36.74 6.22
N THR D 69 33.09 -36.37 7.35
CA THR D 69 33.15 -34.99 7.79
C THR D 69 34.59 -34.67 8.19
N ILE D 70 35.11 -33.55 7.69
CA ILE D 70 36.44 -33.07 8.01
C ILE D 70 36.32 -31.81 8.84
N SER D 71 37.16 -31.69 9.86
CA SER D 71 37.17 -30.49 10.70
C SER D 71 38.57 -30.29 11.25
N ARG D 72 38.85 -29.08 11.74
CA ARG D 72 40.15 -28.73 12.28
C ARG D 72 39.97 -27.89 13.53
N ASP D 73 40.79 -28.16 14.54
CA ASP D 73 40.77 -27.40 15.78
C ASP D 73 42.19 -26.85 16.00
N ASP D 74 42.39 -25.60 15.62
CA ASP D 74 43.72 -24.99 15.73
C ASP D 74 44.26 -24.96 17.15
N PRO D 75 43.46 -24.64 18.18
CA PRO D 75 44.01 -24.60 19.55
C PRO D 75 44.71 -25.87 20.00
N LYS D 76 44.42 -27.02 19.41
CA LYS D 76 45.08 -28.26 19.80
C LYS D 76 45.90 -28.87 18.68
N ASN D 77 46.16 -28.12 17.61
CA ASN D 77 46.95 -28.61 16.48
C ASN D 77 46.50 -29.99 16.03
N THR D 78 45.18 -30.19 16.02
CA THR D 78 44.61 -31.51 15.77
C THR D 78 43.64 -31.42 14.60
N LEU D 79 43.79 -32.34 13.65
CA LEU D 79 42.87 -32.49 12.55
C LEU D 79 41.97 -33.68 12.85
N PHE D 80 40.71 -33.61 12.44
CA PHE D 80 39.77 -34.69 12.66
C PHE D 80 39.15 -35.17 11.36
N LEU D 81 38.79 -36.45 11.32
CA LEU D 81 37.98 -37.03 10.25
C LEU D 81 36.95 -37.92 10.90
N GLN D 82 35.67 -37.59 10.72
CA GLN D 82 34.58 -38.39 11.27
C GLN D 82 33.90 -39.07 10.10
N MET D 83 33.81 -40.39 10.17
CA MET D 83 33.22 -41.19 9.11
C MET D 83 32.08 -42.01 9.68
N THR D 84 30.98 -42.10 8.93
CA THR D 84 29.85 -42.95 9.30
C THR D 84 29.51 -43.88 8.14
N SER D 85 28.60 -44.81 8.40
CA SER D 85 28.09 -45.75 7.40
C SER D 85 29.26 -46.38 6.62
N LEU D 86 30.26 -46.80 7.38
CA LEU D 86 31.47 -47.33 6.78
C LEU D 86 31.19 -48.64 6.06
N ARG D 87 31.83 -48.84 4.92
CA ARG D 87 31.67 -50.03 4.12
C ARG D 87 33.03 -50.65 3.82
N SER D 88 33.02 -51.87 3.30
CA SER D 88 34.26 -52.60 3.04
C SER D 88 35.16 -51.85 2.07
N GLU D 89 34.58 -51.03 1.19
CA GLU D 89 35.35 -50.26 0.22
C GLU D 89 36.20 -49.19 0.91
N ASP D 90 35.94 -48.88 2.18
CA ASP D 90 36.62 -47.83 2.91
C ASP D 90 37.91 -48.33 3.55
N THR D 91 38.20 -49.62 3.46
CA THR D 91 39.41 -50.21 4.02
C THR D 91 40.60 -49.67 3.26
N ALA D 92 41.48 -48.97 3.94
CA ALA D 92 42.60 -48.30 3.29
C ALA D 92 43.52 -47.76 4.37
N MET D 93 44.75 -47.43 3.99
CA MET D 93 45.69 -46.69 4.82
C MET D 93 45.43 -45.21 4.59
N TYR D 94 45.10 -44.48 5.66
CA TYR D 94 44.74 -43.08 5.55
C TYR D 94 45.91 -42.21 5.99
N TYR D 95 46.28 -41.25 5.15
CA TYR D 95 47.37 -40.34 5.41
C TYR D 95 46.82 -38.95 5.61
N CYS D 96 47.42 -38.19 6.52
CA CYS D 96 47.20 -36.76 6.60
C CYS D 96 48.25 -36.10 5.71
N VAL D 97 47.81 -35.20 4.85
CA VAL D 97 48.72 -34.58 3.89
C VAL D 97 48.66 -33.08 4.09
N ARG D 98 49.81 -32.46 4.24
CA ARG D 98 49.87 -31.02 4.45
C ARG D 98 49.93 -30.32 3.10
N SER D 99 49.26 -29.17 3.02
CA SER D 99 49.27 -28.39 1.80
C SER D 99 49.11 -26.93 2.15
N ILE D 100 49.84 -26.07 1.44
CA ILE D 100 49.66 -24.63 1.56
C ILE D 100 49.73 -24.03 0.15
N TYR D 101 48.93 -23.01 -0.10
CA TYR D 101 48.78 -22.45 -1.44
C TYR D 101 49.12 -20.96 -1.40
N TYR D 102 50.03 -20.56 -2.27
CA TYR D 102 50.30 -19.16 -2.56
C TYR D 102 51.30 -19.17 -3.71
N TYR D 103 51.55 -18.00 -4.29
CA TYR D 103 52.52 -17.99 -5.37
C TYR D 103 53.85 -18.58 -4.95
N GLY D 104 54.25 -19.67 -5.58
CA GLY D 104 55.51 -20.31 -5.30
C GLY D 104 55.50 -21.32 -4.17
N SER D 105 54.33 -21.74 -3.70
CA SER D 105 54.24 -22.71 -2.63
C SER D 105 54.46 -24.12 -3.16
N SER D 106 54.59 -25.08 -2.24
CA SER D 106 54.70 -26.50 -2.55
C SER D 106 53.50 -27.21 -1.94
N PRO D 107 52.42 -27.40 -2.69
CA PRO D 107 51.19 -27.91 -2.08
C PRO D 107 51.20 -29.31 -1.50
N PHE D 108 52.17 -30.18 -1.76
CA PHE D 108 52.08 -31.49 -1.14
C PHE D 108 53.42 -31.95 -0.59
N ASP D 109 54.00 -31.17 0.32
CA ASP D 109 55.37 -31.38 0.73
C ASP D 109 55.48 -32.48 1.79
N PHE D 110 54.75 -32.35 2.89
CA PHE D 110 54.87 -33.31 3.99
C PHE D 110 53.67 -34.24 4.03
N TRP D 111 53.92 -35.53 4.17
CA TRP D 111 52.89 -36.54 4.35
C TRP D 111 53.07 -37.24 5.68
N GLY D 112 51.97 -37.66 6.27
CA GLY D 112 52.03 -38.40 7.52
C GLY D 112 52.43 -39.83 7.29
N GLN D 113 52.30 -40.68 8.30
CA GLN D 113 52.77 -42.05 8.22
C GLN D 113 51.67 -43.04 7.87
N GLY D 114 50.41 -42.76 8.20
CA GLY D 114 49.34 -43.64 7.81
C GLY D 114 48.64 -44.37 8.94
N THR D 115 47.31 -44.32 8.93
CA THR D 115 46.48 -45.04 9.89
C THR D 115 45.62 -46.04 9.14
N THR D 116 45.61 -47.29 9.60
CA THR D 116 44.84 -48.32 8.90
C THR D 116 43.41 -48.30 9.40
N LEU D 117 42.46 -48.25 8.46
CA LEU D 117 41.05 -48.48 8.77
C LEU D 117 40.64 -49.82 8.16
N THR D 118 40.16 -50.72 9.00
CA THR D 118 39.73 -52.05 8.56
C THR D 118 38.23 -52.17 8.80
N VAL D 119 37.51 -52.61 7.76
CA VAL D 119 36.08 -52.86 7.88
C VAL D 119 35.86 -54.34 7.62
N SER D 120 35.18 -55.01 8.55
CA SER D 120 34.93 -56.44 8.39
C SER D 120 33.86 -56.66 7.32
N SER D 121 33.73 -57.92 6.90
CA SER D 121 32.72 -58.30 5.92
C SER D 121 32.41 -59.79 6.03
N ASP D 137 35.47 -36.41 -14.80
CA ASP D 137 36.45 -35.54 -14.18
C ASP D 137 37.74 -35.55 -15.01
N ILE D 138 38.90 -35.61 -14.36
CA ILE D 138 40.16 -35.80 -15.07
C ILE D 138 40.74 -37.14 -14.68
N VAL D 139 40.99 -37.99 -15.67
CA VAL D 139 41.49 -39.34 -15.44
C VAL D 139 42.93 -39.39 -15.92
N MET D 140 43.81 -39.89 -15.05
CA MET D 140 45.20 -40.12 -15.38
C MET D 140 45.38 -41.58 -15.78
N THR D 141 46.15 -41.80 -16.83
CA THR D 141 46.41 -43.13 -17.35
C THR D 141 47.91 -43.38 -17.43
N GLN D 142 48.30 -44.65 -17.47
CA GLN D 142 49.70 -45.03 -17.50
C GLN D 142 49.89 -46.29 -18.34
N ALA D 143 51.12 -46.47 -18.83
CA ALA D 143 51.49 -47.66 -19.59
C ALA D 143 52.36 -48.59 -18.75
N THR D 144 52.19 -49.90 -18.94
CA THR D 144 53.12 -50.90 -18.42
C THR D 144 53.03 -51.10 -16.91
N SER D 145 53.17 -50.02 -16.14
CA SER D 145 53.04 -50.09 -14.70
C SER D 145 54.16 -50.85 -13.99
N SER D 146 55.17 -51.33 -14.74
CA SER D 146 56.28 -52.04 -14.10
C SER D 146 57.51 -52.16 -14.99
N VAL D 147 58.32 -51.11 -15.09
CA VAL D 147 59.47 -51.11 -15.99
C VAL D 147 60.70 -51.65 -15.26
N PRO D 148 61.34 -52.73 -15.76
CA PRO D 148 62.55 -53.22 -15.08
C PRO D 148 63.73 -52.28 -15.26
N VAL D 149 64.43 -51.96 -14.17
CA VAL D 149 65.57 -51.05 -14.24
C VAL D 149 66.68 -51.61 -13.39
N THR D 150 67.92 -51.38 -13.82
CA THR D 150 69.13 -51.76 -13.11
C THR D 150 69.84 -50.53 -12.57
N PRO D 151 70.32 -50.53 -11.34
CA PRO D 151 71.04 -49.36 -10.82
C PRO D 151 72.14 -48.92 -11.76
N GLY D 152 72.27 -47.60 -11.93
CA GLY D 152 73.18 -47.03 -12.90
C GLY D 152 72.59 -46.70 -14.26
N GLU D 153 71.42 -47.21 -14.62
CA GLU D 153 70.81 -46.87 -15.90
C GLU D 153 69.95 -45.63 -15.74
N SER D 154 69.73 -44.94 -16.85
CA SER D 154 68.72 -43.90 -16.90
C SER D 154 67.32 -44.51 -16.96
N VAL D 155 66.33 -43.73 -16.54
CA VAL D 155 64.94 -44.15 -16.52
C VAL D 155 64.10 -43.03 -17.11
N SER D 156 63.12 -43.41 -17.92
CA SER D 156 62.14 -42.47 -18.44
C SER D 156 60.76 -43.10 -18.38
N ILE D 157 59.86 -42.48 -17.65
CA ILE D 157 58.49 -42.92 -17.50
C ILE D 157 57.58 -41.76 -17.83
N SER D 158 56.30 -42.04 -18.04
CA SER D 158 55.36 -41.00 -18.44
C SER D 158 53.96 -41.38 -18.01
N CYS D 159 53.06 -40.41 -18.06
CA CYS D 159 51.64 -40.68 -17.89
C CYS D 159 50.85 -39.66 -18.69
N ARG D 160 49.56 -39.92 -18.85
CA ARG D 160 48.70 -39.12 -19.71
C ARG D 160 47.45 -38.70 -18.93
N SER D 161 46.90 -37.56 -19.34
CA SER D 161 45.64 -37.08 -18.80
C SER D 161 44.53 -37.20 -19.83
N SER D 162 43.30 -37.35 -19.33
CA SER D 162 42.09 -37.25 -20.14
C SER D 162 41.75 -35.82 -20.50
N LYS D 163 42.38 -34.85 -19.86
CA LYS D 163 42.07 -33.45 -20.04
C LYS D 163 43.39 -32.70 -20.05
N SER D 164 43.45 -31.64 -20.84
CA SER D 164 44.62 -30.77 -20.85
C SER D 164 44.85 -30.24 -19.46
N LEU D 165 46.10 -30.23 -19.01
CA LEU D 165 46.44 -29.72 -17.69
C LEU D 165 47.04 -28.32 -17.73
N LEU D 166 46.96 -27.63 -18.87
CA LEU D 166 47.51 -26.29 -18.98
C LEU D 166 46.41 -25.26 -18.76
N HIS D 167 46.61 -24.39 -17.79
CA HIS D 167 45.67 -23.31 -17.50
C HIS D 167 46.03 -22.07 -18.30
N SER D 168 45.01 -21.22 -18.53
CA SER D 168 45.23 -20.02 -19.32
C SER D 168 46.24 -19.08 -18.68
N ASN D 169 46.54 -19.26 -17.39
CA ASN D 169 47.53 -18.45 -16.72
C ASN D 169 48.96 -18.89 -17.03
N GLY D 170 49.15 -19.91 -17.86
CA GLY D 170 50.47 -20.36 -18.28
C GLY D 170 51.03 -21.49 -17.45
N ASN D 171 50.35 -21.86 -16.37
CA ASN D 171 50.83 -22.91 -15.48
C ASN D 171 50.20 -24.25 -15.82
N THR D 172 50.98 -25.31 -15.63
CA THR D 172 50.51 -26.69 -15.70
C THR D 172 50.57 -27.32 -14.32
N TYR D 173 49.50 -28.02 -13.95
CA TYR D 173 49.33 -28.49 -12.59
C TYR D 173 49.46 -30.02 -12.54
N LEU D 174 50.67 -30.51 -12.80
CA LEU D 174 50.96 -31.93 -12.73
C LEU D 174 52.05 -32.18 -11.69
N TYR D 175 51.80 -33.14 -10.79
CA TYR D 175 52.70 -33.46 -9.70
C TYR D 175 53.19 -34.88 -9.85
N TRP D 176 54.42 -35.14 -9.43
CA TRP D 176 54.98 -36.49 -9.40
C TRP D 176 55.38 -36.83 -7.97
N PHE D 177 55.04 -38.03 -7.53
CA PHE D 177 55.36 -38.51 -6.20
C PHE D 177 56.12 -39.84 -6.30
N LEU D 178 56.91 -40.13 -5.27
CA LEU D 178 57.53 -41.45 -5.13
C LEU D 178 57.15 -42.01 -3.79
N GLN D 179 56.72 -43.27 -3.75
CA GLN D 179 56.50 -43.99 -2.51
C GLN D 179 57.43 -45.19 -2.45
N ARG D 180 58.19 -45.32 -1.36
CA ARG D 180 59.06 -46.46 -1.20
C ARG D 180 58.39 -47.49 -0.29
N PRO D 181 58.85 -48.75 -0.34
CA PRO D 181 58.27 -49.78 0.53
C PRO D 181 58.35 -49.36 1.99
N GLY D 182 57.21 -49.44 2.67
CA GLY D 182 57.17 -49.12 4.09
C GLY D 182 57.14 -47.65 4.39
N GLN D 183 57.10 -46.78 3.38
CA GLN D 183 57.13 -45.35 3.57
C GLN D 183 55.87 -44.76 2.97
N SER D 184 55.50 -43.57 3.42
CA SER D 184 54.46 -42.77 2.82
C SER D 184 54.98 -42.09 1.56
N PRO D 185 54.10 -41.63 0.68
CA PRO D 185 54.56 -40.95 -0.53
C PRO D 185 55.34 -39.68 -0.19
N GLN D 186 56.25 -39.33 -1.08
CA GLN D 186 56.96 -38.07 -0.97
C GLN D 186 56.89 -37.35 -2.30
N LEU D 187 56.88 -36.03 -2.24
CA LEU D 187 56.82 -35.23 -3.46
C LEU D 187 58.21 -35.10 -4.09
N LEU D 188 58.27 -35.32 -5.39
CA LEU D 188 59.47 -35.07 -6.18
C LEU D 188 59.36 -33.80 -7.00
N ILE D 189 58.36 -33.72 -7.87
CA ILE D 189 58.27 -32.66 -8.87
C ILE D 189 56.87 -32.09 -8.81
N TYR D 190 56.76 -30.76 -8.81
CA TYR D 190 55.48 -30.09 -8.92
C TYR D 190 55.52 -29.08 -10.06
N ARG D 191 54.38 -28.91 -10.72
CA ARG D 191 54.23 -27.94 -11.80
C ARG D 191 55.33 -28.10 -12.84
N MET D 192 55.50 -29.34 -13.30
CA MET D 192 56.39 -29.77 -14.37
C MET D 192 57.87 -29.74 -13.99
N SER D 193 58.45 -28.59 -13.64
CA SER D 193 59.91 -28.50 -13.60
C SER D 193 60.50 -28.20 -12.23
N ASN D 194 59.68 -27.96 -11.20
CA ASN D 194 60.18 -27.51 -9.91
C ASN D 194 60.35 -28.71 -8.99
N LEU D 195 61.55 -28.87 -8.43
CA LEU D 195 61.83 -29.95 -7.50
C LEU D 195 61.43 -29.54 -6.08
N ALA D 196 60.90 -30.50 -5.33
CA ALA D 196 60.65 -30.27 -3.91
C ALA D 196 61.98 -30.26 -3.15
N SER D 197 61.98 -29.60 -2.00
CA SER D 197 63.19 -29.51 -1.18
C SER D 197 63.67 -30.91 -0.83
N GLY D 198 64.99 -31.12 -0.92
CA GLY D 198 65.57 -32.40 -0.56
C GLY D 198 65.61 -33.38 -1.71
N VAL D 199 65.02 -33.04 -2.85
CA VAL D 199 64.98 -33.93 -3.98
C VAL D 199 66.28 -33.78 -4.78
N PRO D 200 67.05 -34.83 -4.98
CA PRO D 200 68.29 -34.69 -5.76
C PRO D 200 67.99 -34.24 -7.19
N ASP D 201 68.96 -33.56 -7.79
CA ASP D 201 68.84 -33.07 -9.15
C ASP D 201 68.90 -34.20 -10.18
N ARG D 202 68.88 -35.47 -9.74
CA ARG D 202 68.75 -36.57 -10.69
C ARG D 202 67.38 -36.54 -11.36
N PHE D 203 66.41 -35.88 -10.74
CA PHE D 203 65.04 -35.92 -11.20
C PHE D 203 64.72 -34.69 -12.04
N SER D 204 64.00 -34.91 -13.13
CA SER D 204 63.47 -33.81 -13.93
C SER D 204 62.22 -34.30 -14.65
N GLY D 205 61.61 -33.41 -15.40
CA GLY D 205 60.41 -33.74 -16.16
C GLY D 205 60.05 -32.63 -17.11
N SER D 206 59.09 -32.91 -17.99
CA SER D 206 58.67 -31.96 -19.00
C SER D 206 57.40 -32.50 -19.66
N GLY D 207 56.92 -31.77 -20.65
CA GLY D 207 55.76 -32.20 -21.42
C GLY D 207 54.86 -31.03 -21.79
N SER D 208 53.72 -31.39 -22.37
CA SER D 208 52.75 -30.41 -22.82
C SER D 208 51.42 -31.11 -23.02
N GLY D 209 50.36 -30.32 -23.11
CA GLY D 209 49.06 -30.86 -23.45
C GLY D 209 48.57 -31.88 -22.44
N THR D 210 48.40 -33.12 -22.89
CA THR D 210 47.91 -34.20 -22.05
C THR D 210 48.96 -35.28 -21.77
N ALA D 211 50.20 -35.10 -22.21
CA ALA D 211 51.23 -36.12 -22.10
C ALA D 211 52.50 -35.51 -21.51
N PHE D 212 52.95 -36.05 -20.38
CA PHE D 212 54.09 -35.52 -19.65
C PHE D 212 54.98 -36.67 -19.19
N THR D 213 56.26 -36.36 -19.01
CA THR D 213 57.25 -37.40 -18.75
C THR D 213 58.00 -37.08 -17.46
N LEU D 214 58.63 -38.10 -16.87
CA LEU D 214 59.56 -37.94 -15.77
C LEU D 214 60.87 -38.66 -16.09
N THR D 215 61.98 -37.99 -15.86
CA THR D 215 63.30 -38.49 -16.22
C THR D 215 64.16 -38.63 -14.96
N ILE D 216 64.92 -39.72 -14.88
CA ILE D 216 65.93 -39.92 -13.84
C ILE D 216 67.25 -40.11 -14.56
N SER D 217 68.24 -39.28 -14.25
CA SER D 217 69.52 -39.35 -14.95
C SER D 217 70.23 -40.68 -14.66
N ARG D 218 70.15 -41.15 -13.42
CA ARG D 218 70.79 -42.39 -13.00
C ARG D 218 69.87 -43.02 -11.97
N LEU D 219 69.59 -44.32 -12.13
CA LEU D 219 68.77 -45.03 -11.17
C LEU D 219 69.63 -45.48 -10.00
N GLU D 220 69.35 -44.91 -8.82
CA GLU D 220 70.03 -45.25 -7.58
C GLU D 220 69.11 -46.11 -6.74
N ALA D 221 69.69 -46.86 -5.81
CA ALA D 221 68.89 -47.73 -4.95
C ALA D 221 67.80 -46.96 -4.21
N GLU D 222 68.09 -45.73 -3.78
CA GLU D 222 67.13 -44.89 -3.10
C GLU D 222 65.98 -44.46 -4.01
N ASP D 223 66.10 -44.61 -5.32
CA ASP D 223 65.06 -44.21 -6.25
C ASP D 223 64.06 -45.32 -6.53
N VAL D 224 64.25 -46.50 -5.96
CA VAL D 224 63.40 -47.64 -6.29
C VAL D 224 62.10 -47.53 -5.50
N GLY D 225 60.99 -47.63 -6.21
CA GLY D 225 59.69 -47.50 -5.59
C GLY D 225 58.62 -47.34 -6.66
N VAL D 226 57.45 -46.92 -6.19
CA VAL D 226 56.30 -46.73 -7.07
C VAL D 226 56.07 -45.25 -7.26
N TYR D 227 56.03 -44.81 -8.52
CA TYR D 227 55.88 -43.41 -8.88
C TYR D 227 54.43 -43.12 -9.20
N TYR D 228 53.93 -41.98 -8.75
CA TYR D 228 52.58 -41.54 -9.03
C TYR D 228 52.60 -40.18 -9.72
N CYS D 229 51.59 -39.91 -10.52
CA CYS D 229 51.34 -38.58 -11.03
C CYS D 229 49.88 -38.23 -10.80
N MET D 230 49.61 -36.98 -10.49
CA MET D 230 48.27 -36.51 -10.22
C MET D 230 48.13 -35.08 -10.73
N GLN D 231 46.89 -34.69 -10.96
CA GLN D 231 46.57 -33.34 -11.40
C GLN D 231 46.06 -32.54 -10.21
N HIS D 232 46.34 -31.25 -10.18
CA HIS D 232 45.77 -30.36 -9.18
C HIS D 232 45.33 -29.10 -9.90
N LEU D 233 44.53 -29.30 -10.94
CA LEU D 233 43.93 -28.23 -11.72
C LEU D 233 42.52 -27.91 -11.26
N GLU D 234 41.74 -28.94 -10.98
CA GLU D 234 40.36 -28.80 -10.58
C GLU D 234 40.05 -29.94 -9.62
N TYR D 235 39.05 -29.75 -8.79
CA TYR D 235 38.59 -30.82 -7.92
C TYR D 235 37.56 -31.66 -8.65
N PRO D 236 37.41 -32.95 -8.33
CA PRO D 236 38.19 -33.68 -7.33
C PRO D 236 39.60 -34.02 -7.77
N LEU D 237 40.46 -34.33 -6.81
CA LEU D 237 41.83 -34.73 -7.12
C LEU D 237 41.86 -36.24 -7.32
N THR D 238 42.71 -36.68 -8.24
CA THR D 238 42.83 -38.09 -8.58
C THR D 238 44.29 -38.47 -8.70
N PHE D 239 44.57 -39.77 -8.60
CA PHE D 239 45.91 -40.28 -8.75
C PHE D 239 45.94 -41.36 -9.83
N GLY D 240 47.08 -41.50 -10.47
CA GLY D 240 47.35 -42.65 -11.30
C GLY D 240 47.60 -43.87 -10.43
N ALA D 241 47.49 -45.04 -11.05
CA ALA D 241 47.66 -46.29 -10.33
C ALA D 241 49.05 -46.45 -9.74
N GLY D 242 50.07 -45.98 -10.42
CA GLY D 242 51.44 -46.09 -9.94
C GLY D 242 52.25 -47.08 -10.76
N THR D 243 53.49 -46.71 -11.04
CA THR D 243 54.41 -47.52 -11.83
C THR D 243 55.55 -47.97 -10.93
N LYS D 244 55.82 -49.27 -10.91
CA LYS D 244 56.81 -49.81 -9.98
C LYS D 244 58.13 -49.98 -10.70
N LEU D 245 59.11 -49.16 -10.33
CA LEU D 245 60.40 -49.15 -11.00
C LEU D 245 61.36 -50.07 -10.25
N GLU D 246 61.06 -51.37 -10.32
CA GLU D 246 61.88 -52.36 -9.66
C GLU D 246 62.80 -53.04 -10.68
N LEU D 247 63.87 -53.65 -10.18
CA LEU D 247 64.68 -54.54 -10.99
C LEU D 247 63.99 -55.89 -11.16
N GLU E 168 -109.67 -32.75 -14.54
CA GLU E 168 -110.55 -32.18 -13.53
C GLU E 168 -109.92 -30.93 -12.91
N ARG E 169 -108.59 -30.90 -12.85
CA ARG E 169 -107.90 -29.74 -12.32
C ARG E 169 -107.39 -28.87 -13.47
N ARG E 170 -107.66 -27.57 -13.38
CA ARG E 170 -107.25 -26.65 -14.43
C ARG E 170 -105.78 -26.31 -14.26
N ALA E 171 -104.98 -26.69 -15.26
CA ALA E 171 -103.54 -26.53 -15.16
C ALA E 171 -103.15 -25.06 -15.30
N VAL E 172 -102.28 -24.60 -14.40
CA VAL E 172 -101.70 -23.26 -14.48
C VAL E 172 -100.20 -23.43 -14.70
N TYR E 173 -99.63 -22.59 -15.56
CA TYR E 173 -98.27 -22.79 -16.04
C TYR E 173 -97.33 -21.72 -15.52
N ILE E 174 -96.09 -22.12 -15.26
CA ILE E 174 -95.02 -21.23 -14.87
C ILE E 174 -93.86 -21.43 -15.82
N GLY E 175 -93.17 -20.33 -16.15
CA GLY E 175 -91.99 -20.41 -16.99
C GLY E 175 -90.73 -20.40 -16.16
N ALA E 176 -89.70 -21.10 -16.66
CA ALA E 176 -88.46 -21.21 -15.91
C ALA E 176 -87.29 -21.24 -16.88
N LEU E 177 -86.13 -20.80 -16.40
CA LEU E 177 -84.89 -20.80 -17.16
C LEU E 177 -83.79 -21.31 -16.24
N PHE E 178 -83.34 -22.54 -16.49
CA PHE E 178 -82.37 -23.17 -15.62
C PHE E 178 -81.00 -23.17 -16.29
N PRO E 179 -79.99 -22.53 -15.72
CA PRO E 179 -78.66 -22.54 -16.35
C PRO E 179 -77.92 -23.84 -16.11
N MET E 180 -77.78 -24.66 -17.14
CA MET E 180 -77.08 -25.92 -17.00
C MET E 180 -75.58 -25.80 -17.26
N SER E 181 -75.12 -24.66 -17.75
CA SER E 181 -73.70 -24.45 -18.03
C SER E 181 -73.42 -22.96 -17.95
N GLY E 182 -72.17 -22.60 -18.17
CA GLY E 182 -71.78 -21.20 -18.19
C GLY E 182 -71.10 -20.73 -16.92
N GLY E 183 -71.38 -19.48 -16.54
CA GLY E 183 -70.73 -18.93 -15.36
C GLY E 183 -71.07 -19.68 -14.08
N TRP E 184 -72.37 -19.87 -13.83
CA TRP E 184 -72.82 -20.58 -12.64
C TRP E 184 -73.83 -21.64 -13.06
N PRO E 185 -73.42 -22.90 -13.17
CA PRO E 185 -74.33 -23.98 -13.57
C PRO E 185 -75.18 -24.47 -12.41
N GLY E 186 -76.13 -23.65 -11.98
CA GLY E 186 -76.98 -24.00 -10.85
C GLY E 186 -78.15 -24.87 -11.23
N GLY E 187 -78.54 -24.86 -12.50
CA GLY E 187 -79.67 -25.66 -12.92
C GLY E 187 -79.52 -27.14 -12.62
N GLN E 188 -78.29 -27.67 -12.71
CA GLN E 188 -78.06 -29.10 -12.52
C GLN E 188 -78.65 -29.62 -11.22
N ALA E 189 -78.61 -28.83 -10.16
CA ALA E 189 -79.17 -29.24 -8.88
C ALA E 189 -80.38 -28.42 -8.45
N CYS E 190 -80.69 -27.32 -9.11
CA CYS E 190 -81.89 -26.57 -8.75
C CYS E 190 -83.11 -26.97 -9.57
N GLN E 191 -82.93 -27.73 -10.65
CA GLN E 191 -84.10 -28.18 -11.40
C GLN E 191 -84.76 -29.39 -10.75
N PRO E 192 -84.04 -30.45 -10.36
CA PRO E 192 -84.69 -31.52 -9.60
C PRO E 192 -85.32 -31.04 -8.30
N ALA E 193 -84.77 -29.99 -7.68
CA ALA E 193 -85.41 -29.44 -6.49
C ALA E 193 -86.78 -28.85 -6.83
N VAL E 194 -86.89 -28.16 -7.97
CA VAL E 194 -88.17 -27.61 -8.38
C VAL E 194 -89.13 -28.73 -8.74
N GLU E 195 -88.63 -29.79 -9.37
CA GLU E 195 -89.47 -30.96 -9.63
C GLU E 195 -90.02 -31.54 -8.33
N MET E 196 -89.16 -31.72 -7.33
CA MET E 196 -89.58 -32.24 -6.03
C MET E 196 -90.64 -31.34 -5.42
N ALA E 197 -90.41 -30.03 -5.43
CA ALA E 197 -91.36 -29.11 -4.80
C ALA E 197 -92.70 -29.12 -5.51
N LEU E 198 -92.69 -29.19 -6.84
CA LEU E 198 -93.94 -29.23 -7.58
C LEU E 198 -94.70 -30.51 -7.30
N GLU E 199 -94.01 -31.64 -7.24
CA GLU E 199 -94.67 -32.89 -6.89
C GLU E 199 -95.28 -32.82 -5.49
N ASP E 200 -94.52 -32.29 -4.54
CA ASP E 200 -94.99 -32.24 -3.16
C ASP E 200 -96.17 -31.30 -3.00
N VAL E 201 -96.21 -30.21 -3.75
CA VAL E 201 -97.34 -29.29 -3.62
C VAL E 201 -98.54 -29.72 -4.46
N ASN E 202 -98.32 -30.56 -5.47
CA ASN E 202 -99.44 -31.08 -6.23
C ASN E 202 -100.08 -32.29 -5.56
N SER E 203 -99.31 -33.04 -4.77
CA SER E 203 -99.90 -34.18 -4.07
C SER E 203 -100.78 -33.73 -2.92
N ARG E 204 -100.47 -32.60 -2.28
CA ARG E 204 -101.24 -32.13 -1.15
C ARG E 204 -102.52 -31.45 -1.62
N ARG E 205 -103.64 -31.77 -0.97
CA ARG E 205 -104.94 -31.25 -1.34
C ARG E 205 -105.30 -29.97 -0.59
N ASP E 206 -104.45 -29.50 0.32
CA ASP E 206 -104.75 -28.29 1.07
C ASP E 206 -104.37 -27.02 0.31
N ILE E 207 -103.38 -27.09 -0.57
CA ILE E 207 -102.81 -25.89 -1.17
C ILE E 207 -103.65 -25.43 -2.34
N LEU E 208 -103.75 -26.25 -3.38
CA LEU E 208 -104.49 -25.90 -4.59
C LEU E 208 -105.46 -27.04 -4.89
N PRO E 209 -106.67 -26.98 -4.34
CA PRO E 209 -107.60 -28.11 -4.50
C PRO E 209 -108.19 -28.24 -5.89
N ASP E 210 -108.09 -27.21 -6.73
CA ASP E 210 -108.70 -27.25 -8.05
C ASP E 210 -107.76 -26.88 -9.18
N TYR E 211 -106.54 -26.44 -8.90
CA TYR E 211 -105.57 -26.10 -9.92
C TYR E 211 -104.43 -27.12 -9.92
N GLU E 212 -103.44 -26.86 -10.77
CA GLU E 212 -102.28 -27.74 -10.87
C GLU E 212 -101.11 -26.92 -11.39
N LEU E 213 -99.98 -26.98 -10.69
CA LEU E 213 -98.79 -26.25 -11.08
C LEU E 213 -97.98 -27.08 -12.06
N LYS E 214 -97.73 -26.52 -13.24
CA LYS E 214 -96.94 -27.18 -14.28
C LYS E 214 -95.74 -26.32 -14.64
N LEU E 215 -94.70 -26.97 -15.15
CA LEU E 215 -93.43 -26.33 -15.41
C LEU E 215 -93.08 -26.40 -16.89
N ILE E 216 -92.64 -25.28 -17.46
CA ILE E 216 -92.09 -25.21 -18.80
C ILE E 216 -90.74 -24.53 -18.69
N HIS E 217 -89.67 -25.27 -18.95
CA HIS E 217 -88.32 -24.80 -18.66
C HIS E 217 -87.46 -24.85 -19.92
N HIS E 218 -86.41 -24.02 -19.91
CA HIS E 218 -85.40 -24.03 -20.95
C HIS E 218 -84.03 -23.86 -20.30
N ASP E 219 -83.01 -24.31 -21.00
CA ASP E 219 -81.63 -24.20 -20.54
C ASP E 219 -81.07 -22.88 -21.04
N SER E 220 -81.03 -21.88 -20.18
CA SER E 220 -80.60 -20.55 -20.61
C SER E 220 -79.09 -20.45 -20.76
N LYS E 221 -78.33 -21.42 -20.25
CA LYS E 221 -76.86 -21.42 -20.28
C LYS E 221 -76.25 -20.22 -19.59
N CYS E 222 -77.05 -19.43 -18.87
CA CYS E 222 -76.60 -18.23 -18.18
C CYS E 222 -75.87 -17.28 -19.12
N ASP E 223 -76.59 -16.83 -20.15
CA ASP E 223 -76.13 -15.74 -20.99
C ASP E 223 -77.38 -15.06 -21.55
N PRO E 224 -77.41 -13.73 -21.59
CA PRO E 224 -78.64 -13.04 -21.98
C PRO E 224 -79.08 -13.25 -23.41
N GLY E 225 -78.23 -13.79 -24.30
CA GLY E 225 -78.66 -14.00 -25.66
C GLY E 225 -79.64 -15.15 -25.80
N GLN E 226 -79.21 -16.34 -25.38
CA GLN E 226 -80.12 -17.47 -25.38
C GLN E 226 -81.28 -17.24 -24.42
N ALA E 227 -81.05 -16.47 -23.35
CA ALA E 227 -82.15 -16.08 -22.48
C ALA E 227 -83.17 -15.23 -23.22
N THR E 228 -82.73 -14.31 -24.07
CA THR E 228 -83.66 -13.52 -24.85
C THR E 228 -84.45 -14.38 -25.83
N LYS E 229 -83.77 -15.29 -26.52
CA LYS E 229 -84.46 -16.19 -27.44
C LYS E 229 -85.51 -17.02 -26.71
N TYR E 230 -85.15 -17.61 -25.56
CA TYR E 230 -86.09 -18.46 -24.86
C TYR E 230 -87.19 -17.65 -24.17
N LEU E 231 -86.92 -16.40 -23.78
CA LEU E 231 -87.99 -15.56 -23.27
C LEU E 231 -89.00 -15.25 -24.36
N TYR E 232 -88.52 -15.03 -25.59
CA TYR E 232 -89.44 -14.89 -26.71
C TYR E 232 -90.26 -16.15 -26.90
N GLU E 233 -89.62 -17.31 -26.88
CA GLU E 233 -90.34 -18.56 -27.06
C GLU E 233 -91.35 -18.79 -25.93
N LEU E 234 -91.07 -18.29 -24.73
CA LEU E 234 -91.99 -18.47 -23.62
C LEU E 234 -93.19 -17.54 -23.74
N LEU E 235 -92.94 -16.25 -23.91
CA LEU E 235 -94.01 -15.26 -23.89
C LEU E 235 -94.85 -15.27 -25.16
N TYR E 236 -94.44 -15.99 -26.20
CA TYR E 236 -95.13 -15.97 -27.49
C TYR E 236 -95.43 -17.38 -27.96
N ASN E 237 -96.00 -18.22 -27.10
CA ASN E 237 -96.32 -19.59 -27.46
C ASN E 237 -97.62 -19.99 -26.77
N ASP E 238 -97.88 -21.31 -26.77
CA ASP E 238 -99.20 -21.86 -26.51
C ASP E 238 -99.72 -21.55 -25.10
N PRO E 239 -99.12 -22.04 -24.03
CA PRO E 239 -99.72 -21.84 -22.71
C PRO E 239 -99.41 -20.44 -22.18
N ILE E 240 -100.43 -19.79 -21.64
CA ILE E 240 -100.22 -18.50 -20.98
C ILE E 240 -99.58 -18.75 -19.61
N LYS E 241 -98.48 -18.06 -19.34
CA LYS E 241 -97.76 -18.22 -18.08
C LYS E 241 -98.15 -17.13 -17.10
N ILE E 242 -98.15 -17.47 -15.81
CA ILE E 242 -98.50 -16.51 -14.77
C ILE E 242 -97.28 -15.98 -14.03
N ILE E 243 -96.12 -16.63 -14.16
CA ILE E 243 -94.92 -16.23 -13.43
C ILE E 243 -93.73 -16.84 -14.14
N LEU E 244 -92.61 -16.13 -14.12
CA LEU E 244 -91.35 -16.61 -14.65
C LEU E 244 -90.35 -16.81 -13.51
N MET E 245 -89.41 -17.73 -13.71
CA MET E 245 -88.42 -18.08 -12.70
C MET E 245 -87.05 -18.16 -13.36
N PRO E 246 -86.39 -17.01 -13.53
CA PRO E 246 -85.04 -17.03 -14.12
C PRO E 246 -84.00 -17.51 -13.13
N GLY E 247 -82.79 -17.72 -13.64
CA GLY E 247 -81.72 -18.29 -12.86
C GLY E 247 -80.69 -17.29 -12.38
N CYS E 248 -79.56 -17.19 -13.07
CA CYS E 248 -78.49 -16.33 -12.63
C CYS E 248 -78.88 -14.85 -12.75
N SER E 249 -77.95 -13.99 -12.34
CA SER E 249 -78.28 -12.58 -12.14
C SER E 249 -78.50 -11.85 -13.46
N SER E 250 -77.81 -12.27 -14.52
CA SER E 250 -77.93 -11.59 -15.81
C SER E 250 -79.30 -11.83 -16.42
N VAL E 251 -79.68 -13.11 -16.57
CA VAL E 251 -81.00 -13.46 -17.03
C VAL E 251 -82.07 -12.88 -16.12
N SER E 252 -81.84 -12.86 -14.81
CA SER E 252 -82.82 -12.31 -13.89
C SER E 252 -83.03 -10.83 -14.12
N THR E 253 -81.95 -10.07 -14.31
CA THR E 253 -82.08 -8.64 -14.58
C THR E 253 -82.82 -8.42 -15.89
N LEU E 254 -82.43 -9.14 -16.93
CA LEU E 254 -83.08 -8.99 -18.24
C LEU E 254 -84.58 -9.24 -18.13
N VAL E 255 -84.96 -10.39 -17.56
CA VAL E 255 -86.38 -10.75 -17.46
C VAL E 255 -87.11 -9.77 -16.56
N ALA E 256 -86.51 -9.38 -15.44
CA ALA E 256 -87.21 -8.56 -14.46
C ALA E 256 -87.43 -7.15 -14.96
N GLU E 257 -86.52 -6.63 -15.79
CA GLU E 257 -86.77 -5.32 -16.37
C GLU E 257 -87.58 -5.39 -17.66
N ALA E 258 -87.71 -6.57 -18.26
CA ALA E 258 -88.55 -6.72 -19.44
C ALA E 258 -89.95 -7.22 -19.11
N ALA E 259 -90.18 -7.72 -17.89
CA ALA E 259 -91.45 -8.35 -17.55
C ALA E 259 -92.53 -7.35 -17.15
N ARG E 260 -92.24 -6.06 -17.09
CA ARG E 260 -93.28 -5.10 -16.76
C ARG E 260 -94.16 -4.78 -17.96
N MET E 261 -93.71 -5.11 -19.17
CA MET E 261 -94.52 -4.86 -20.35
C MET E 261 -95.62 -5.90 -20.53
N TRP E 262 -95.38 -7.12 -20.06
CA TRP E 262 -96.37 -8.19 -20.15
C TRP E 262 -97.13 -8.39 -18.84
N ASN E 263 -96.88 -7.56 -17.84
CA ASN E 263 -97.55 -7.65 -16.54
C ASN E 263 -97.35 -9.02 -15.92
N LEU E 264 -96.10 -9.43 -15.78
CA LEU E 264 -95.76 -10.72 -15.20
C LEU E 264 -94.97 -10.53 -13.91
N ILE E 265 -95.04 -11.53 -13.05
CA ILE E 265 -94.25 -11.56 -11.82
C ILE E 265 -93.03 -12.43 -12.06
N VAL E 266 -91.89 -11.97 -11.56
CA VAL E 266 -90.64 -12.68 -11.72
C VAL E 266 -90.13 -13.07 -10.35
N LEU E 267 -89.91 -14.36 -10.13
CA LEU E 267 -89.47 -14.89 -8.85
C LEU E 267 -88.20 -15.70 -9.09
N SER E 268 -87.06 -15.14 -8.71
CA SER E 268 -85.80 -15.84 -8.87
C SER E 268 -85.52 -16.73 -7.68
N TYR E 269 -84.61 -17.68 -7.88
CA TYR E 269 -84.15 -18.57 -6.83
C TYR E 269 -82.65 -18.53 -6.62
N GLY E 270 -81.87 -18.01 -7.57
CA GLY E 270 -80.44 -17.98 -7.45
C GLY E 270 -79.83 -16.68 -7.95
N SER E 271 -80.56 -15.59 -7.78
CA SER E 271 -80.11 -14.28 -8.24
C SER E 271 -79.69 -13.44 -7.05
N SER E 272 -78.44 -12.99 -7.04
CA SER E 272 -77.86 -12.30 -5.90
C SER E 272 -77.37 -10.90 -6.23
N SER E 273 -77.84 -10.29 -7.29
CA SER E 273 -77.35 -8.98 -7.67
C SER E 273 -77.94 -7.91 -6.76
N PRO E 274 -77.11 -7.13 -6.05
CA PRO E 274 -77.65 -6.04 -5.23
C PRO E 274 -78.44 -5.02 -6.01
N ALA E 275 -78.26 -4.94 -7.33
CA ALA E 275 -79.00 -3.96 -8.12
C ALA E 275 -80.45 -4.37 -8.32
N LEU E 276 -80.77 -5.64 -8.07
CA LEU E 276 -82.14 -6.10 -8.24
C LEU E 276 -83.02 -5.77 -7.06
N SER E 277 -82.54 -4.96 -6.12
CA SER E 277 -83.35 -4.52 -5.00
C SER E 277 -84.03 -3.19 -5.25
N ASN E 278 -83.84 -2.60 -6.43
CA ASN E 278 -84.42 -1.31 -6.78
C ASN E 278 -85.89 -1.51 -7.16
N ARG E 279 -86.80 -1.06 -6.29
CA ARG E 279 -88.22 -1.27 -6.55
C ARG E 279 -88.73 -0.40 -7.69
N GLN E 280 -88.14 0.78 -7.89
CA GLN E 280 -88.57 1.67 -8.96
C GLN E 280 -88.08 1.24 -10.33
N ARG E 281 -87.27 0.18 -10.40
CA ARG E 281 -86.74 -0.32 -11.66
C ARG E 281 -87.16 -1.74 -11.96
N PHE E 282 -87.28 -2.59 -10.95
CA PHE E 282 -87.79 -3.96 -11.10
C PHE E 282 -89.01 -4.07 -10.19
N PRO E 283 -90.17 -3.64 -10.66
CA PRO E 283 -91.32 -3.46 -9.76
C PRO E 283 -91.93 -4.76 -9.29
N THR E 284 -91.96 -5.80 -10.13
CA THR E 284 -92.65 -7.03 -9.81
C THR E 284 -91.67 -8.18 -9.60
N PHE E 285 -90.56 -7.92 -8.93
CA PHE E 285 -89.48 -8.89 -8.79
C PHE E 285 -89.39 -9.38 -7.36
N PHE E 286 -89.37 -10.71 -7.20
CA PHE E 286 -89.14 -11.36 -5.92
C PHE E 286 -87.99 -12.35 -6.07
N ARG E 287 -87.37 -12.70 -4.94
CA ARG E 287 -86.29 -13.68 -4.98
C ARG E 287 -86.12 -14.31 -3.62
N THR E 288 -85.77 -15.59 -3.61
CA THR E 288 -85.44 -16.29 -2.38
C THR E 288 -83.95 -16.26 -2.07
N HIS E 289 -83.12 -15.96 -3.05
CA HIS E 289 -81.68 -15.86 -2.81
C HIS E 289 -81.37 -14.58 -2.06
N PRO E 290 -80.48 -14.62 -1.07
CA PRO E 290 -80.09 -13.37 -0.39
C PRO E 290 -79.28 -12.48 -1.33
N SER E 291 -79.31 -11.18 -1.04
CA SER E 291 -78.50 -10.24 -1.79
C SER E 291 -77.03 -10.47 -1.47
N ALA E 292 -76.16 -10.11 -2.41
CA ALA E 292 -74.72 -10.33 -2.23
C ALA E 292 -74.07 -9.27 -1.38
N THR E 293 -74.85 -8.35 -0.81
CA THR E 293 -74.29 -7.37 0.12
C THR E 293 -73.99 -7.96 1.48
N LEU E 294 -74.35 -9.21 1.73
CA LEU E 294 -74.07 -9.84 3.01
C LEU E 294 -72.61 -10.22 3.18
N HIS E 295 -71.88 -10.45 2.08
CA HIS E 295 -70.47 -10.76 2.21
C HIS E 295 -69.67 -9.55 2.67
N ASN E 296 -70.21 -8.35 2.47
CA ASN E 296 -69.41 -7.14 2.70
C ASN E 296 -69.14 -6.87 4.17
N PRO E 297 -70.11 -6.93 5.09
CA PRO E 297 -69.76 -6.75 6.50
C PRO E 297 -68.79 -7.82 7.01
N THR E 298 -68.90 -9.05 6.52
CA THR E 298 -67.92 -10.07 6.89
C THR E 298 -66.52 -9.67 6.44
N ARG E 299 -66.39 -9.15 5.23
CA ARG E 299 -65.08 -8.73 4.73
C ARG E 299 -64.54 -7.57 5.54
N VAL E 300 -65.41 -6.62 5.90
CA VAL E 300 -64.95 -5.49 6.69
C VAL E 300 -64.53 -5.95 8.08
N LYS E 301 -65.24 -6.94 8.64
CA LYS E 301 -64.85 -7.49 9.93
C LYS E 301 -63.50 -8.19 9.85
N LEU E 302 -63.27 -8.94 8.78
CA LEU E 302 -61.97 -9.61 8.62
C LEU E 302 -60.85 -8.61 8.37
N PHE E 303 -61.16 -7.48 7.74
CA PHE E 303 -60.15 -6.42 7.59
C PHE E 303 -59.83 -5.78 8.92
N GLU E 304 -60.86 -5.47 9.72
CA GLU E 304 -60.64 -4.83 11.02
C GLU E 304 -59.92 -5.76 11.98
N LYS E 305 -60.26 -7.05 11.96
CA LYS E 305 -59.62 -8.00 12.87
C LYS E 305 -58.12 -8.08 12.61
N TRP E 306 -57.73 -8.21 11.34
CA TRP E 306 -56.34 -8.35 10.98
C TRP E 306 -55.63 -7.02 10.77
N GLY E 307 -56.31 -5.91 10.97
CA GLY E 307 -55.67 -4.61 10.93
C GLY E 307 -55.20 -4.16 9.57
N TRP E 308 -56.01 -4.38 8.54
CA TRP E 308 -55.68 -3.92 7.19
C TRP E 308 -56.46 -2.66 6.87
N LYS E 309 -55.79 -1.69 6.26
CA LYS E 309 -56.38 -0.38 6.04
C LYS E 309 -56.43 0.07 4.58
N LYS E 310 -55.73 -0.59 3.67
CA LYS E 310 -55.76 -0.23 2.26
C LYS E 310 -55.74 -1.50 1.42
N ILE E 311 -56.81 -1.73 0.66
CA ILE E 311 -57.02 -2.96 -0.09
C ILE E 311 -57.19 -2.62 -1.57
N ALA E 312 -57.08 -3.66 -2.41
CA ALA E 312 -57.25 -3.53 -3.85
C ALA E 312 -58.42 -4.40 -4.30
N THR E 313 -58.90 -4.13 -5.52
CA THR E 313 -60.01 -4.89 -6.09
C THR E 313 -59.73 -5.20 -7.56
N ILE E 314 -60.10 -6.39 -7.98
CA ILE E 314 -60.12 -6.77 -9.39
C ILE E 314 -61.43 -7.48 -9.71
N GLN E 315 -62.38 -6.75 -10.27
CA GLN E 315 -63.70 -7.29 -10.55
C GLN E 315 -63.89 -7.53 -12.05
N GLN E 316 -64.98 -8.20 -12.38
CA GLN E 316 -65.47 -8.27 -13.73
C GLN E 316 -66.70 -7.38 -13.88
N THR E 317 -66.80 -6.72 -15.02
CA THR E 317 -67.82 -5.69 -15.21
C THR E 317 -69.18 -6.29 -15.57
N THR E 318 -69.68 -7.11 -14.65
CA THR E 318 -71.07 -7.54 -14.64
C THR E 318 -71.78 -6.81 -13.51
N GLU E 319 -73.07 -6.53 -13.71
CA GLU E 319 -73.78 -5.65 -12.79
C GLU E 319 -73.79 -6.20 -11.36
N VAL E 320 -73.78 -7.53 -11.23
CA VAL E 320 -73.75 -8.13 -9.89
C VAL E 320 -72.48 -7.75 -9.15
N PHE E 321 -71.33 -7.88 -9.81
CA PHE E 321 -70.05 -7.59 -9.18
C PHE E 321 -69.85 -6.09 -9.01
N THR E 322 -70.36 -5.30 -9.95
CA THR E 322 -70.28 -3.85 -9.81
C THR E 322 -71.07 -3.37 -8.60
N SER E 323 -72.28 -3.90 -8.43
CA SER E 323 -73.10 -3.52 -7.27
C SER E 323 -72.48 -4.00 -5.97
N THR E 324 -71.99 -5.25 -5.94
CA THR E 324 -71.31 -5.74 -4.74
C THR E 324 -70.12 -4.86 -4.38
N LEU E 325 -69.36 -4.42 -5.39
CA LEU E 325 -68.19 -3.61 -5.12
C LEU E 325 -68.58 -2.22 -4.64
N ASP E 326 -69.65 -1.65 -5.20
CA ASP E 326 -70.12 -0.35 -4.73
C ASP E 326 -70.53 -0.42 -3.27
N ASP E 327 -71.30 -1.45 -2.91
CA ASP E 327 -71.73 -1.57 -1.52
C ASP E 327 -70.55 -1.84 -0.60
N LEU E 328 -69.60 -2.68 -1.05
CA LEU E 328 -68.37 -2.86 -0.28
C LEU E 328 -67.65 -1.54 -0.10
N GLU E 329 -67.73 -0.65 -1.09
CA GLU E 329 -67.07 0.64 -0.99
C GLU E 329 -67.68 1.48 0.12
N GLU E 330 -69.01 1.66 0.10
CA GLU E 330 -69.61 2.49 1.13
C GLU E 330 -69.56 1.81 2.51
N ARG E 331 -69.44 0.48 2.55
CA ARG E 331 -69.22 -0.18 3.82
C ARG E 331 -67.82 0.11 4.35
N VAL E 332 -66.80 -0.07 3.50
CA VAL E 332 -65.42 -0.04 3.94
C VAL E 332 -64.98 1.38 4.23
N LYS E 333 -65.62 2.36 3.59
CA LYS E 333 -65.33 3.76 3.89
C LYS E 333 -65.91 4.18 5.24
N GLU E 334 -66.88 3.42 5.75
CA GLU E 334 -67.52 3.74 7.02
C GLU E 334 -66.69 3.31 8.23
N ALA E 335 -65.78 2.37 8.07
CA ALA E 335 -64.94 1.89 9.17
C ALA E 335 -63.51 2.39 9.09
N GLY E 336 -63.20 3.28 8.16
CA GLY E 336 -61.88 3.87 8.08
C GLY E 336 -60.88 3.07 7.28
N ILE E 337 -61.34 2.43 6.21
CA ILE E 337 -60.49 1.66 5.30
C ILE E 337 -60.75 2.14 3.89
N GLU E 338 -59.69 2.21 3.08
CA GLU E 338 -59.78 2.77 1.75
C GLU E 338 -59.36 1.74 0.70
N ILE E 339 -60.02 1.80 -0.46
CA ILE E 339 -59.69 0.95 -1.60
C ILE E 339 -58.73 1.75 -2.48
N THR E 340 -57.46 1.35 -2.48
CA THR E 340 -56.44 2.14 -3.14
C THR E 340 -56.43 1.94 -4.65
N PHE E 341 -56.75 0.74 -5.11
CA PHE E 341 -56.61 0.44 -6.53
C PHE E 341 -57.80 -0.38 -6.98
N ARG E 342 -58.43 0.05 -8.08
CA ARG E 342 -59.59 -0.62 -8.63
C ARG E 342 -59.29 -1.00 -10.07
N GLN E 343 -59.46 -2.28 -10.38
CA GLN E 343 -59.26 -2.79 -11.73
C GLN E 343 -60.53 -3.48 -12.19
N SER E 344 -60.74 -3.47 -13.51
CA SER E 344 -61.92 -4.08 -14.09
C SER E 344 -61.57 -4.65 -15.45
N PHE E 345 -62.28 -5.70 -15.83
CA PHE E 345 -62.06 -6.32 -17.12
C PHE E 345 -63.35 -6.99 -17.57
N PHE E 346 -63.53 -7.08 -18.89
CA PHE E 346 -64.72 -7.69 -19.45
C PHE E 346 -64.52 -9.16 -19.75
N SER E 347 -63.46 -9.51 -20.47
CA SER E 347 -63.21 -10.91 -20.81
C SER E 347 -61.75 -11.30 -20.68
N ASP E 348 -60.88 -10.35 -20.36
CA ASP E 348 -59.46 -10.66 -20.28
C ASP E 348 -58.81 -9.98 -19.08
N PRO E 349 -58.31 -10.75 -18.11
CA PRO E 349 -57.76 -10.17 -16.89
C PRO E 349 -56.25 -9.95 -16.87
N ALA E 350 -55.55 -10.21 -17.97
CA ALA E 350 -54.09 -10.12 -17.96
C ALA E 350 -53.63 -8.71 -17.63
N VAL E 351 -54.21 -7.71 -18.31
CA VAL E 351 -53.79 -6.33 -18.09
C VAL E 351 -54.08 -5.85 -16.67
N PRO E 352 -55.28 -6.03 -16.11
CA PRO E 352 -55.49 -5.58 -14.73
C PRO E 352 -54.66 -6.34 -13.72
N VAL E 353 -54.37 -7.62 -13.97
CA VAL E 353 -53.50 -8.37 -13.06
C VAL E 353 -52.08 -7.80 -13.07
N LYS E 354 -51.55 -7.50 -14.26
CA LYS E 354 -50.19 -6.96 -14.30
C LYS E 354 -50.16 -5.52 -13.80
N ASN E 355 -51.27 -4.79 -13.90
CA ASN E 355 -51.33 -3.46 -13.29
C ASN E 355 -51.37 -3.56 -11.77
N LEU E 356 -52.04 -4.59 -11.24
CA LEU E 356 -52.01 -4.85 -9.80
C LEU E 356 -50.60 -5.17 -9.34
N LYS E 357 -49.89 -6.01 -10.11
CA LYS E 357 -48.52 -6.35 -9.75
C LYS E 357 -47.61 -5.13 -9.82
N ARG E 358 -47.80 -4.28 -10.83
CA ARG E 358 -46.95 -3.11 -10.98
C ARG E 358 -47.25 -2.06 -9.93
N GLN E 359 -48.44 -2.08 -9.35
CA GLN E 359 -48.83 -1.08 -8.36
C GLN E 359 -48.59 -1.52 -6.92
N ASP E 360 -48.05 -2.72 -6.72
CA ASP E 360 -47.75 -3.24 -5.38
C ASP E 360 -49.00 -3.29 -4.53
N ALA E 361 -49.96 -4.13 -4.91
CA ALA E 361 -51.16 -4.35 -4.10
C ALA E 361 -50.96 -5.60 -3.25
N ARG E 362 -51.48 -5.57 -2.03
CA ARG E 362 -51.25 -6.64 -1.06
C ARG E 362 -52.52 -7.46 -0.78
N ILE E 363 -53.58 -6.78 -0.35
CA ILE E 363 -54.85 -7.43 -0.02
C ILE E 363 -55.79 -7.19 -1.19
N ILE E 364 -56.22 -8.27 -1.84
CA ILE E 364 -56.94 -8.19 -3.10
C ILE E 364 -58.29 -8.86 -2.94
N VAL E 365 -59.34 -8.19 -3.40
CA VAL E 365 -60.70 -8.72 -3.37
C VAL E 365 -61.13 -8.99 -4.79
N GLY E 366 -61.26 -10.28 -5.15
CA GLY E 366 -61.67 -10.66 -6.48
C GLY E 366 -63.15 -10.98 -6.54
N LEU E 367 -63.85 -10.32 -7.48
CA LEU E 367 -65.29 -10.50 -7.67
C LEU E 367 -65.52 -10.94 -9.12
N PHE E 368 -65.55 -12.26 -9.34
CA PHE E 368 -65.75 -12.80 -10.67
C PHE E 368 -66.18 -14.25 -10.57
N TYR E 369 -66.69 -14.78 -11.68
CA TYR E 369 -67.15 -16.16 -11.72
C TYR E 369 -65.97 -17.12 -11.75
N GLU E 370 -66.28 -18.42 -11.65
CA GLU E 370 -65.24 -19.43 -11.51
C GLU E 370 -64.50 -19.65 -12.83
N THR E 371 -65.26 -19.84 -13.91
CA THR E 371 -64.65 -20.04 -15.23
C THR E 371 -63.81 -18.85 -15.64
N GLU E 372 -63.92 -17.73 -14.94
CA GLU E 372 -63.09 -16.57 -15.12
C GLU E 372 -62.03 -16.45 -14.04
N ALA E 373 -62.30 -16.97 -12.85
CA ALA E 373 -61.27 -17.05 -11.81
C ALA E 373 -60.10 -17.90 -12.27
N ARG E 374 -60.37 -18.93 -13.07
CA ARG E 374 -59.29 -19.75 -13.59
C ARG E 374 -58.33 -18.92 -14.44
N LYS E 375 -58.87 -18.07 -15.32
CA LYS E 375 -58.02 -17.23 -16.14
C LYS E 375 -57.30 -16.17 -15.30
N VAL E 376 -58.03 -15.54 -14.37
CA VAL E 376 -57.42 -14.56 -13.48
C VAL E 376 -56.21 -15.18 -12.78
N PHE E 377 -56.34 -16.43 -12.33
CA PHE E 377 -55.27 -17.00 -11.53
C PHE E 377 -54.17 -17.60 -12.37
N CYS E 378 -54.45 -18.00 -13.61
CA CYS E 378 -53.36 -18.26 -14.55
C CYS E 378 -52.51 -17.01 -14.73
N GLU E 379 -53.14 -15.87 -14.96
CA GLU E 379 -52.39 -14.63 -15.14
C GLU E 379 -51.70 -14.21 -13.84
N VAL E 380 -52.28 -14.60 -12.69
CA VAL E 380 -51.63 -14.31 -11.41
C VAL E 380 -50.37 -15.15 -11.25
N TYR E 381 -50.44 -16.42 -11.65
CA TYR E 381 -49.25 -17.27 -11.59
C TYR E 381 -48.16 -16.76 -12.52
N LYS E 382 -48.55 -16.32 -13.72
CA LYS E 382 -47.53 -15.83 -14.65
C LYS E 382 -46.93 -14.50 -14.18
N GLU E 383 -47.62 -13.79 -13.29
CA GLU E 383 -47.11 -12.54 -12.75
C GLU E 383 -46.45 -12.70 -11.39
N ARG E 384 -46.50 -13.89 -10.79
CA ARG E 384 -45.97 -14.14 -9.45
C ARG E 384 -46.61 -13.22 -8.42
N LEU E 385 -47.92 -13.01 -8.55
CA LEU E 385 -48.68 -12.21 -7.59
C LEU E 385 -49.28 -13.08 -6.50
N PHE E 386 -48.42 -13.87 -5.86
CA PHE E 386 -48.85 -14.75 -4.78
C PHE E 386 -47.65 -15.06 -3.90
N GLY E 387 -47.91 -15.70 -2.77
CA GLY E 387 -46.87 -16.10 -1.84
C GLY E 387 -47.16 -15.58 -0.43
N LYS E 388 -46.13 -15.00 0.19
CA LYS E 388 -46.22 -14.60 1.58
C LYS E 388 -46.70 -13.17 1.77
N LYS E 389 -46.74 -12.37 0.70
CA LYS E 389 -47.09 -10.97 0.83
C LYS E 389 -48.52 -10.66 0.39
N TYR E 390 -49.20 -11.58 -0.27
CA TYR E 390 -50.49 -11.32 -0.88
C TYR E 390 -51.56 -12.23 -0.29
N VAL E 391 -52.74 -11.67 -0.06
CA VAL E 391 -53.90 -12.42 0.45
C VAL E 391 -55.08 -12.13 -0.45
N TRP E 392 -55.73 -13.18 -0.93
CA TRP E 392 -56.86 -13.06 -1.85
C TRP E 392 -58.17 -13.35 -1.13
N PHE E 393 -59.18 -12.54 -1.40
CA PHE E 393 -60.53 -12.70 -0.84
C PHE E 393 -61.48 -13.00 -1.99
N LEU E 394 -61.80 -14.27 -2.19
CA LEU E 394 -62.67 -14.70 -3.27
C LEU E 394 -64.08 -14.93 -2.76
N ILE E 395 -64.93 -15.48 -3.62
CA ILE E 395 -66.30 -15.82 -3.31
C ILE E 395 -66.39 -17.32 -3.10
N GLY E 396 -67.05 -17.73 -2.01
CA GLY E 396 -67.05 -19.12 -1.63
C GLY E 396 -68.04 -20.01 -2.36
N TRP E 397 -68.64 -19.54 -3.45
CA TRP E 397 -69.64 -20.33 -4.16
C TRP E 397 -69.07 -21.11 -5.34
N TYR E 398 -67.75 -21.12 -5.51
CA TYR E 398 -67.16 -21.94 -6.56
C TYR E 398 -67.19 -23.40 -6.16
N ALA E 399 -66.90 -24.27 -7.13
CA ALA E 399 -66.76 -25.69 -6.84
C ALA E 399 -65.55 -25.90 -5.93
N ASP E 400 -65.49 -27.09 -5.33
CA ASP E 400 -64.42 -27.37 -4.38
C ASP E 400 -63.11 -27.72 -5.05
N ASN E 401 -63.13 -28.09 -6.33
CA ASN E 401 -61.93 -28.38 -7.09
C ASN E 401 -61.84 -27.53 -8.34
N TRP E 402 -62.18 -26.24 -8.22
CA TRP E 402 -62.27 -25.39 -9.40
C TRP E 402 -60.91 -25.11 -10.01
N PHE E 403 -59.82 -25.27 -9.26
CA PHE E 403 -58.50 -25.01 -9.79
C PHE E 403 -57.86 -26.25 -10.42
N LYS E 404 -58.32 -27.44 -10.09
CA LYS E 404 -57.81 -28.66 -10.70
C LYS E 404 -58.58 -29.07 -11.95
N ILE E 405 -59.69 -28.40 -12.25
CA ILE E 405 -60.51 -28.77 -13.40
C ILE E 405 -59.76 -28.42 -14.69
N TYR E 406 -59.70 -29.38 -15.61
CA TYR E 406 -59.04 -29.14 -16.87
C TYR E 406 -59.79 -28.09 -17.69
N ASP E 407 -59.06 -27.10 -18.16
CA ASP E 407 -59.65 -26.03 -18.96
C ASP E 407 -58.75 -25.70 -20.14
N PRO E 408 -59.21 -25.89 -21.37
CA PRO E 408 -58.32 -25.67 -22.53
C PRO E 408 -58.03 -24.20 -22.82
N SER E 409 -58.72 -23.27 -22.15
CA SER E 409 -58.52 -21.86 -22.47
C SER E 409 -57.30 -21.29 -21.75
N ILE E 410 -56.80 -21.97 -20.73
CA ILE E 410 -55.68 -21.50 -19.93
C ILE E 410 -54.45 -22.33 -20.27
N ASN E 411 -53.27 -21.74 -20.13
CA ASN E 411 -52.03 -22.45 -20.41
C ASN E 411 -51.40 -23.00 -19.14
N CYS E 412 -51.68 -22.40 -17.99
CA CYS E 412 -51.09 -22.85 -16.73
C CYS E 412 -51.61 -24.23 -16.35
N THR E 413 -50.69 -25.13 -16.02
CA THR E 413 -51.07 -26.50 -15.70
C THR E 413 -51.64 -26.58 -14.29
N VAL E 414 -52.08 -27.78 -13.93
CA VAL E 414 -52.80 -27.97 -12.67
C VAL E 414 -51.87 -27.77 -11.48
N ASP E 415 -50.64 -28.28 -11.59
CA ASP E 415 -49.72 -28.21 -10.46
C ASP E 415 -49.27 -26.78 -10.19
N GLU E 416 -49.15 -25.97 -11.24
CA GLU E 416 -48.79 -24.58 -11.05
C GLU E 416 -49.95 -23.78 -10.46
N MET E 417 -51.16 -24.06 -10.92
CA MET E 417 -52.32 -23.32 -10.43
C MET E 417 -52.67 -23.71 -9.01
N THR E 418 -52.37 -24.95 -8.60
CA THR E 418 -52.65 -25.37 -7.23
C THR E 418 -51.85 -24.55 -6.23
N GLU E 419 -50.63 -24.15 -6.59
CA GLU E 419 -49.84 -23.29 -5.72
C GLU E 419 -50.01 -21.81 -6.03
N ALA E 420 -50.56 -21.48 -7.20
CA ALA E 420 -50.86 -20.08 -7.49
C ALA E 420 -51.93 -19.55 -6.56
N VAL E 421 -52.88 -20.40 -6.17
CA VAL E 421 -53.94 -20.05 -5.24
C VAL E 421 -53.78 -20.93 -4.00
N GLU E 422 -53.33 -20.35 -2.91
CA GLU E 422 -53.04 -21.11 -1.70
C GLU E 422 -53.11 -20.17 -0.51
N GLY E 423 -54.09 -20.41 0.37
CA GLY E 423 -54.28 -19.54 1.51
C GLY E 423 -55.20 -18.38 1.26
N HIS E 424 -56.12 -18.49 0.32
CA HIS E 424 -57.05 -17.41 0.04
C HIS E 424 -58.35 -17.60 0.83
N ILE E 425 -58.90 -16.49 1.29
CA ILE E 425 -60.10 -16.51 2.12
C ILE E 425 -61.33 -16.46 1.22
N THR E 426 -62.37 -17.17 1.63
CA THR E 426 -63.66 -17.16 0.94
C THR E 426 -64.78 -17.02 1.95
N THR E 427 -65.87 -16.39 1.52
CA THR E 427 -67.05 -16.21 2.34
C THR E 427 -68.27 -16.71 1.59
N GLU E 428 -69.22 -17.30 2.33
CA GLU E 428 -70.46 -17.77 1.75
C GLU E 428 -71.54 -17.75 2.81
N ILE E 429 -72.77 -17.78 2.37
CA ILE E 429 -73.92 -17.79 3.27
C ILE E 429 -74.37 -19.24 3.46
N VAL E 430 -75.11 -19.49 4.55
CA VAL E 430 -75.39 -20.86 4.96
C VAL E 430 -76.44 -21.50 4.06
N MET E 431 -77.55 -20.79 3.80
CA MET E 431 -78.57 -21.20 2.84
C MET E 431 -79.36 -22.42 3.29
N LEU E 432 -79.01 -23.00 4.43
CA LEU E 432 -79.70 -24.20 4.91
C LEU E 432 -79.93 -24.07 6.41
N ASN E 433 -81.12 -24.44 6.84
CA ASN E 433 -81.50 -24.33 8.24
C ASN E 433 -80.65 -25.29 9.09
N PRO E 434 -79.86 -24.79 10.04
CA PRO E 434 -79.04 -25.71 10.85
C PRO E 434 -79.83 -26.50 11.86
N ALA E 435 -80.96 -25.98 12.35
CA ALA E 435 -81.78 -26.71 13.30
C ALA E 435 -82.42 -27.93 12.62
N ASN E 436 -83.02 -28.78 13.44
CA ASN E 436 -83.69 -29.98 12.97
C ASN E 436 -85.19 -29.95 13.24
N THR E 437 -85.80 -28.78 13.17
CA THR E 437 -87.25 -28.67 13.25
C THR E 437 -87.84 -28.89 11.87
N ARG E 438 -89.13 -29.20 11.84
CA ARG E 438 -89.81 -29.55 10.60
C ARG E 438 -90.49 -28.33 9.99
N SER E 439 -90.34 -28.19 8.68
CA SER E 439 -90.84 -27.04 7.94
C SER E 439 -92.29 -27.28 7.51
N ILE E 440 -92.80 -26.42 6.62
CA ILE E 440 -94.19 -26.52 6.21
C ILE E 440 -94.42 -27.77 5.37
N SER E 441 -93.41 -28.20 4.62
CA SER E 441 -93.52 -29.42 3.84
C SER E 441 -93.37 -30.68 4.68
N ASN E 442 -93.28 -30.53 6.01
CA ASN E 442 -93.10 -31.65 6.94
C ASN E 442 -91.85 -32.45 6.57
N MET E 443 -90.71 -31.77 6.60
CA MET E 443 -89.45 -32.36 6.16
C MET E 443 -88.30 -31.52 6.69
N THR E 444 -87.37 -32.16 7.40
CA THR E 444 -86.22 -31.45 7.93
C THR E 444 -85.15 -31.30 6.85
N SER E 445 -84.13 -30.49 7.16
CA SER E 445 -83.10 -30.20 6.18
C SER E 445 -82.31 -31.45 5.80
N GLN E 446 -82.11 -32.36 6.75
CA GLN E 446 -81.37 -33.58 6.45
C GLN E 446 -82.12 -34.48 5.49
N GLU E 447 -83.43 -34.66 5.73
CA GLU E 447 -84.23 -35.48 4.81
C GLU E 447 -84.30 -34.84 3.44
N PHE E 448 -84.38 -33.52 3.38
CA PHE E 448 -84.39 -32.83 2.09
C PHE E 448 -83.11 -33.09 1.33
N VAL E 449 -81.97 -32.91 2.01
CA VAL E 449 -80.67 -33.13 1.35
C VAL E 449 -80.54 -34.57 0.91
N GLU E 450 -81.04 -35.51 1.71
CA GLU E 450 -80.89 -36.93 1.36
C GLU E 450 -81.76 -37.29 0.16
N LYS E 451 -83.00 -36.80 0.13
CA LYS E 451 -83.86 -37.04 -1.03
C LYS E 451 -83.28 -36.40 -2.28
N LEU E 452 -82.72 -35.19 -2.15
CA LEU E 452 -82.12 -34.55 -3.30
C LEU E 452 -80.93 -35.35 -3.82
N THR E 453 -80.08 -35.83 -2.91
CA THR E 453 -78.93 -36.62 -3.31
C THR E 453 -79.36 -37.92 -3.99
N LYS E 454 -80.44 -38.52 -3.50
CA LYS E 454 -80.97 -39.72 -4.14
C LYS E 454 -81.57 -39.40 -5.51
N ARG E 455 -82.04 -38.17 -5.70
CA ARG E 455 -82.67 -37.78 -6.96
C ARG E 455 -81.64 -37.38 -8.00
N LEU E 456 -80.42 -37.01 -7.58
CA LEU E 456 -79.43 -36.52 -8.51
C LEU E 456 -78.80 -37.66 -9.29
N LYS E 457 -78.06 -37.29 -10.34
CA LYS E 457 -77.38 -38.25 -11.20
C LYS E 457 -75.91 -38.42 -10.85
N ARG E 458 -75.28 -37.40 -10.27
CA ARG E 458 -73.89 -37.46 -9.85
C ARG E 458 -73.79 -37.10 -8.38
N HIS E 459 -72.58 -37.15 -7.85
CA HIS E 459 -72.37 -36.87 -6.44
C HIS E 459 -72.67 -35.40 -6.15
N PRO E 460 -73.07 -35.06 -4.93
CA PRO E 460 -73.38 -33.66 -4.63
C PRO E 460 -72.19 -32.72 -4.74
N GLU E 461 -70.99 -33.19 -4.41
CA GLU E 461 -69.82 -32.31 -4.46
C GLU E 461 -69.45 -31.89 -5.88
N GLU E 462 -69.87 -32.65 -6.88
CA GLU E 462 -69.57 -32.31 -8.27
C GLU E 462 -70.80 -31.87 -9.05
N THR E 463 -71.95 -31.73 -8.40
CA THR E 463 -73.16 -31.22 -9.04
C THR E 463 -73.29 -29.73 -8.73
N GLY E 464 -73.31 -28.92 -9.78
CA GLY E 464 -73.30 -27.48 -9.58
C GLY E 464 -74.64 -26.99 -9.06
N GLY E 465 -74.57 -25.99 -8.17
CA GLY E 465 -75.77 -25.42 -7.61
C GLY E 465 -76.43 -26.24 -6.53
N PHE E 466 -75.68 -27.09 -5.83
CA PHE E 466 -76.29 -27.91 -4.78
C PHE E 466 -76.65 -27.07 -3.56
N GLN E 467 -75.91 -26.00 -3.31
CA GLN E 467 -76.17 -25.19 -2.13
C GLN E 467 -77.31 -24.21 -2.31
N GLU E 468 -77.89 -24.13 -3.51
CA GLU E 468 -79.02 -23.25 -3.77
C GLU E 468 -80.30 -24.01 -4.09
N ALA E 469 -80.33 -25.32 -3.87
CA ALA E 469 -81.56 -26.08 -4.10
C ALA E 469 -82.65 -25.78 -3.07
N PRO E 470 -82.36 -25.65 -1.77
CA PRO E 470 -83.42 -25.23 -0.84
C PRO E 470 -84.04 -23.90 -1.21
N LEU E 471 -83.30 -23.00 -1.84
CA LEU E 471 -83.88 -21.74 -2.27
C LEU E 471 -84.93 -21.95 -3.36
N ALA E 472 -84.67 -22.85 -4.30
CA ALA E 472 -85.67 -23.16 -5.32
C ALA E 472 -86.88 -23.88 -4.73
N TYR E 473 -86.64 -24.81 -3.82
CA TYR E 473 -87.73 -25.48 -3.12
C TYR E 473 -88.64 -24.46 -2.43
N ASP E 474 -88.04 -23.56 -1.65
CA ASP E 474 -88.81 -22.54 -0.95
C ASP E 474 -89.47 -21.56 -1.90
N ALA E 475 -88.85 -21.28 -3.06
CA ALA E 475 -89.48 -20.40 -4.03
C ALA E 475 -90.76 -21.02 -4.57
N ILE E 476 -90.71 -22.30 -4.95
CA ILE E 476 -91.91 -22.97 -5.43
C ILE E 476 -92.98 -23.01 -4.34
N TRP E 477 -92.57 -23.30 -3.10
CA TRP E 477 -93.56 -23.37 -2.03
C TRP E 477 -94.18 -22.01 -1.75
N ALA E 478 -93.39 -20.94 -1.81
CA ALA E 478 -93.93 -19.60 -1.59
C ALA E 478 -94.88 -19.21 -2.70
N LEU E 479 -94.54 -19.54 -3.95
CA LEU E 479 -95.45 -19.28 -5.05
C LEU E 479 -96.77 -20.02 -4.85
N ALA E 480 -96.69 -21.28 -4.45
CA ALA E 480 -97.91 -22.05 -4.24
C ALA E 480 -98.76 -21.48 -3.12
N LEU E 481 -98.12 -21.08 -2.02
CA LEU E 481 -98.88 -20.53 -0.90
C LEU E 481 -99.52 -19.19 -1.27
N ALA E 482 -98.80 -18.36 -2.03
CA ALA E 482 -99.38 -17.08 -2.44
C ALA E 482 -100.51 -17.27 -3.44
N LEU E 483 -100.43 -18.31 -4.28
CA LEU E 483 -101.55 -18.59 -5.17
C LEU E 483 -102.74 -19.17 -4.40
N ASN E 484 -102.48 -19.95 -3.36
CA ASN E 484 -103.58 -20.45 -2.53
C ASN E 484 -104.25 -19.33 -1.76
N LYS E 485 -103.48 -18.32 -1.33
CA LYS E 485 -104.07 -17.21 -0.60
C LYS E 485 -105.10 -16.46 -1.43
N THR E 486 -104.95 -16.47 -2.76
CA THR E 486 -105.96 -15.92 -3.65
C THR E 486 -106.86 -17.00 -4.24
N SER E 487 -106.33 -18.19 -4.46
CA SER E 487 -107.10 -19.33 -4.95
C SER E 487 -107.83 -19.03 -6.25
N ARG E 496 -110.05 -17.42 -11.07
CA ARG E 496 -109.18 -16.25 -10.93
C ARG E 496 -107.88 -16.40 -11.70
N LEU E 497 -107.50 -17.64 -12.02
CA LEU E 497 -106.20 -17.86 -12.62
C LEU E 497 -106.25 -17.96 -14.15
N GLU E 498 -107.19 -18.72 -14.71
CA GLU E 498 -107.25 -18.81 -16.16
C GLU E 498 -107.78 -17.53 -16.81
N ASP E 499 -108.28 -16.59 -16.01
CA ASP E 499 -108.65 -15.28 -16.55
C ASP E 499 -107.45 -14.35 -16.68
N PHE E 500 -106.24 -14.87 -16.55
CA PHE E 500 -105.04 -14.04 -16.62
C PHE E 500 -104.53 -13.95 -18.04
N ASN E 501 -104.30 -12.72 -18.50
CA ASN E 501 -103.67 -12.46 -19.78
C ASN E 501 -102.65 -11.35 -19.59
N TYR E 502 -101.77 -11.18 -20.57
CA TYR E 502 -100.67 -10.24 -20.44
C TYR E 502 -101.10 -8.79 -20.54
N ASN E 503 -102.41 -8.49 -20.53
CA ASN E 503 -102.90 -7.13 -20.73
C ASN E 503 -103.41 -6.47 -19.46
N ASN E 504 -104.15 -7.19 -18.63
CA ASN E 504 -104.74 -6.57 -17.45
C ASN E 504 -103.75 -6.56 -16.29
N GLN E 505 -103.99 -5.64 -15.35
CA GLN E 505 -103.12 -5.45 -14.21
C GLN E 505 -103.75 -5.89 -12.88
N THR E 506 -104.98 -6.44 -12.91
CA THR E 506 -105.65 -6.78 -11.67
C THR E 506 -105.10 -8.07 -11.06
N ILE E 507 -105.05 -9.14 -11.85
CA ILE E 507 -104.60 -10.40 -11.30
C ILE E 507 -103.13 -10.33 -10.90
N THR E 508 -102.29 -9.64 -11.68
CA THR E 508 -100.88 -9.61 -11.37
C THR E 508 -100.60 -8.82 -10.09
N ASP E 509 -101.28 -7.69 -9.88
CA ASP E 509 -101.01 -6.98 -8.65
C ASP E 509 -101.71 -7.61 -7.45
N GLN E 510 -102.77 -8.38 -7.69
CA GLN E 510 -103.31 -9.22 -6.63
C GLN E 510 -102.28 -10.24 -6.16
N ILE E 511 -101.66 -10.94 -7.11
CA ILE E 511 -100.63 -11.91 -6.75
C ILE E 511 -99.42 -11.20 -6.14
N TYR E 512 -99.13 -9.99 -6.57
CA TYR E 512 -98.03 -9.23 -5.98
C TYR E 512 -98.32 -8.90 -4.52
N ARG E 513 -99.54 -8.45 -4.22
CA ARG E 513 -99.90 -8.18 -2.85
C ARG E 513 -99.92 -9.45 -2.02
N ALA E 514 -100.24 -10.58 -2.65
CA ALA E 514 -100.24 -11.84 -1.92
C ALA E 514 -98.83 -12.31 -1.59
N MET E 515 -97.88 -12.09 -2.52
CA MET E 515 -96.51 -12.54 -2.29
C MET E 515 -95.75 -11.57 -1.38
N ASN E 516 -96.06 -10.29 -1.45
CA ASN E 516 -95.36 -9.30 -0.64
C ASN E 516 -95.54 -9.58 0.85
N SER E 517 -96.66 -10.18 1.23
CA SER E 517 -96.96 -10.50 2.62
C SER E 517 -96.82 -11.98 2.92
N SER E 518 -95.85 -12.66 2.31
CA SER E 518 -95.64 -14.07 2.55
C SER E 518 -94.72 -14.27 3.74
N SER E 519 -95.00 -15.28 4.55
CA SER E 519 -94.16 -15.61 5.71
C SER E 519 -94.44 -17.04 6.11
N PHE E 520 -93.45 -17.92 5.93
CA PHE E 520 -93.61 -19.32 6.28
C PHE E 520 -92.24 -19.93 6.52
N GLU E 521 -92.24 -21.03 7.26
CA GLU E 521 -91.01 -21.68 7.67
C GLU E 521 -90.61 -22.69 6.60
N GLY E 522 -89.67 -22.30 5.74
CA GLY E 522 -89.20 -23.18 4.68
C GLY E 522 -88.05 -24.06 5.12
N VAL E 523 -87.52 -24.81 4.15
CA VAL E 523 -86.37 -25.66 4.42
C VAL E 523 -85.09 -24.84 4.56
N SER E 524 -85.10 -23.57 4.17
CA SER E 524 -83.95 -22.69 4.31
C SER E 524 -84.20 -21.58 5.33
N GLY E 525 -85.01 -21.85 6.35
CA GLY E 525 -85.31 -20.87 7.36
C GLY E 525 -86.64 -20.16 7.11
N HIS E 526 -86.81 -19.06 7.82
CA HIS E 526 -88.02 -18.26 7.68
C HIS E 526 -87.99 -17.49 6.37
N VAL E 527 -88.86 -17.86 5.44
CA VAL E 527 -88.87 -17.28 4.10
C VAL E 527 -89.71 -16.01 4.14
N VAL E 528 -89.06 -14.88 3.91
CA VAL E 528 -89.71 -13.56 3.89
C VAL E 528 -89.19 -12.79 2.69
N PHE E 529 -90.10 -12.18 1.93
CA PHE E 529 -89.73 -11.40 0.75
C PHE E 529 -89.64 -9.93 1.14
N ASP E 530 -88.52 -9.57 1.75
CA ASP E 530 -88.30 -8.19 2.13
C ASP E 530 -87.58 -7.43 1.02
N ALA E 531 -87.56 -6.10 1.15
CA ALA E 531 -86.98 -5.27 0.11
C ALA E 531 -85.46 -5.35 0.11
N SER E 532 -84.85 -5.39 1.30
CA SER E 532 -83.40 -5.41 1.38
C SER E 532 -82.79 -6.71 0.89
N GLY E 533 -83.56 -7.79 0.85
CA GLY E 533 -83.05 -9.06 0.36
C GLY E 533 -82.06 -9.74 1.27
N SER E 534 -82.15 -9.48 2.58
CA SER E 534 -81.24 -10.07 3.57
C SER E 534 -82.05 -10.66 4.72
N ARG E 535 -82.47 -11.91 4.54
CA ARG E 535 -83.17 -12.65 5.58
C ARG E 535 -82.29 -13.70 6.25
N MET E 536 -81.06 -13.87 5.79
CA MET E 536 -80.11 -14.80 6.38
C MET E 536 -79.04 -14.01 7.12
N ALA E 537 -78.42 -14.65 8.11
CA ALA E 537 -77.50 -13.95 8.99
C ALA E 537 -76.11 -14.56 9.04
N TRP E 538 -75.99 -15.88 9.04
CA TRP E 538 -74.70 -16.52 9.27
C TRP E 538 -73.90 -16.61 7.98
N THR E 539 -72.62 -16.26 8.07
CA THR E 539 -71.70 -16.25 6.94
C THR E 539 -70.53 -17.17 7.24
N LEU E 540 -70.35 -18.20 6.41
CA LEU E 540 -69.23 -19.11 6.61
C LEU E 540 -67.95 -18.54 6.02
N ILE E 541 -66.86 -18.64 6.76
CA ILE E 541 -65.55 -18.15 6.34
C ILE E 541 -64.62 -19.34 6.23
N GLU E 542 -63.94 -19.46 5.09
CA GLU E 542 -63.08 -20.60 4.82
C GLU E 542 -61.71 -20.11 4.37
N GLN E 543 -60.80 -21.07 4.18
CA GLN E 543 -59.45 -20.78 3.71
C GLN E 543 -58.88 -22.03 3.08
N LEU E 544 -58.18 -21.87 1.96
CA LEU E 544 -57.60 -23.00 1.26
C LEU E 544 -56.26 -23.36 1.90
N GLN E 545 -56.18 -24.57 2.45
CA GLN E 545 -54.97 -25.04 3.11
C GLN E 545 -54.59 -26.39 2.52
N GLY E 546 -53.56 -26.40 1.68
CA GLY E 546 -53.06 -27.65 1.13
C GLY E 546 -53.94 -28.29 0.08
N GLY E 547 -54.61 -27.49 -0.73
CA GLY E 547 -55.45 -28.03 -1.78
C GLY E 547 -56.84 -28.43 -1.33
N SER E 548 -57.31 -27.93 -0.19
CA SER E 548 -58.64 -28.24 0.31
C SER E 548 -59.14 -27.09 1.16
N TYR E 549 -60.46 -26.95 1.25
CA TYR E 549 -61.06 -25.87 2.01
C TYR E 549 -61.30 -26.30 3.45
N LYS E 550 -60.94 -25.42 4.39
CA LYS E 550 -61.15 -25.67 5.81
C LYS E 550 -61.87 -24.47 6.41
N LYS E 551 -62.93 -24.73 7.16
CA LYS E 551 -63.69 -23.67 7.79
C LYS E 551 -62.86 -23.02 8.90
N ILE E 552 -62.87 -21.69 8.94
CA ILE E 552 -62.10 -20.94 9.94
C ILE E 552 -62.94 -19.95 10.72
N GLY E 553 -64.26 -19.99 10.60
CA GLY E 553 -65.06 -19.12 11.42
C GLY E 553 -66.46 -18.96 10.87
N TYR E 554 -67.27 -18.22 11.64
CA TYR E 554 -68.62 -17.83 11.26
C TYR E 554 -68.81 -16.38 11.67
N TYR E 555 -69.84 -15.75 11.11
CA TYR E 555 -70.11 -14.37 11.43
C TYR E 555 -71.59 -14.06 11.28
N ASP E 556 -72.13 -13.30 12.24
CA ASP E 556 -73.52 -12.86 12.23
C ASP E 556 -73.50 -11.33 12.23
N SER E 557 -73.89 -10.73 11.11
CA SER E 557 -73.69 -9.29 10.93
C SER E 557 -74.61 -8.47 11.82
N THR E 558 -75.76 -9.00 12.21
CA THR E 558 -76.73 -8.20 12.96
C THR E 558 -76.34 -8.11 14.43
N LYS E 559 -76.14 -9.26 15.08
CA LYS E 559 -75.76 -9.29 16.48
C LYS E 559 -74.26 -9.11 16.69
N ASP E 560 -73.48 -9.00 15.62
CA ASP E 560 -72.04 -8.81 15.68
C ASP E 560 -71.38 -9.94 16.47
N ASP E 561 -71.50 -11.14 15.92
CA ASP E 561 -70.93 -12.35 16.50
C ASP E 561 -69.93 -12.95 15.54
N LEU E 562 -68.73 -13.25 16.03
CA LEU E 562 -67.66 -13.81 15.23
C LEU E 562 -67.19 -15.10 15.90
N SER E 563 -67.79 -16.22 15.51
CA SER E 563 -67.48 -17.52 16.09
C SER E 563 -66.16 -18.05 15.52
N TRP E 564 -65.09 -17.35 15.87
CA TRP E 564 -63.76 -17.68 15.37
C TRP E 564 -63.31 -19.02 15.91
N SER E 565 -62.80 -19.88 15.03
CA SER E 565 -62.41 -21.22 15.41
C SER E 565 -60.91 -21.38 15.63
N LYS E 566 -60.11 -20.36 15.30
CA LYS E 566 -58.66 -20.38 15.47
C LYS E 566 -58.03 -21.56 14.73
N THR E 567 -58.19 -21.54 13.41
CA THR E 567 -57.65 -22.59 12.55
C THR E 567 -56.87 -22.05 11.36
N ASP E 568 -57.05 -20.78 11.00
CA ASP E 568 -56.41 -20.23 9.82
C ASP E 568 -54.90 -20.30 9.93
N LYS E 569 -54.26 -20.80 8.88
CA LYS E 569 -52.80 -20.89 8.80
C LYS E 569 -52.25 -19.72 8.01
N TRP E 570 -50.97 -19.44 8.23
CA TRP E 570 -50.25 -18.41 7.48
C TRP E 570 -48.80 -18.84 7.34
N ILE E 571 -48.14 -18.30 6.32
CA ILE E 571 -46.71 -18.56 6.11
C ILE E 571 -45.95 -17.64 7.06
N GLY E 572 -45.54 -18.19 8.21
CA GLY E 572 -44.89 -17.42 9.24
C GLY E 572 -45.69 -17.27 10.52
N GLY E 573 -46.81 -17.98 10.66
CA GLY E 573 -47.60 -17.93 11.87
C GLY E 573 -48.51 -16.72 11.99
N SER E 574 -48.16 -15.60 11.37
CA SER E 574 -48.98 -14.41 11.45
C SER E 574 -49.43 -13.97 10.07
N PRO E 575 -50.64 -13.43 9.95
CA PRO E 575 -51.12 -12.98 8.63
C PRO E 575 -50.28 -11.84 8.11
N PRO E 576 -50.07 -11.77 6.81
CA PRO E 576 -49.22 -10.72 6.24
C PRO E 576 -49.84 -9.34 6.43
N ALA E 577 -49.04 -8.32 6.14
CA ALA E 577 -49.47 -6.94 6.23
C ALA E 577 -49.07 -6.18 4.98
N ASP E 578 -50.00 -5.37 4.47
CA ASP E 578 -49.76 -4.58 3.27
C ASP E 578 -48.97 -3.33 3.62
N GLN E 579 -48.29 -2.74 2.64
CA GLN E 579 -47.59 -1.51 2.93
C GLN E 579 -46.77 -1.69 4.19
N THR E 580 -45.69 -2.44 4.16
CA THR E 580 -44.92 -2.62 5.39
C THR E 580 -44.49 -1.24 5.91
N LEU E 581 -44.70 -1.05 7.21
CA LEU E 581 -44.40 0.22 7.89
C LEU E 581 -42.92 0.52 8.16
N VAL E 582 -42.60 1.81 8.23
CA VAL E 582 -41.26 2.28 8.53
C VAL E 582 -40.93 1.97 9.99
N ILE E 583 -39.65 1.75 10.29
CA ILE E 583 -39.26 1.40 11.65
C ILE E 583 -38.15 2.34 12.06
N LYS E 584 -38.42 3.17 13.07
CA LYS E 584 -37.44 4.16 13.54
C LYS E 584 -36.43 3.45 14.41
N THR E 585 -35.40 2.90 13.77
CA THR E 585 -34.33 2.19 14.46
C THR E 585 -33.26 3.17 14.88
N PHE E 586 -32.87 3.11 16.15
CA PHE E 586 -31.81 3.96 16.67
C PHE E 586 -30.45 3.37 16.39
N ARG E 587 -29.45 4.24 16.27
CA ARG E 587 -28.06 3.81 16.16
C ARG E 587 -27.38 3.96 17.50
N PHE E 588 -26.75 2.89 17.97
CA PHE E 588 -26.14 2.85 19.29
C PHE E 588 -24.63 2.76 19.19
N LEU E 589 -23.96 3.35 20.17
CA LEU E 589 -22.51 3.28 20.25
C LEU E 589 -22.06 1.83 20.41
N SER E 590 -21.07 1.44 19.61
CA SER E 590 -20.54 0.09 19.68
C SER E 590 -20.05 -0.21 21.10
N GLN E 591 -20.43 -1.37 21.62
CA GLN E 591 -20.18 -1.64 23.03
C GLN E 591 -18.76 -2.10 23.30
N LYS E 592 -18.11 -2.75 22.32
CA LYS E 592 -16.71 -3.14 22.50
C LYS E 592 -15.83 -1.93 22.72
N LEU E 593 -15.93 -0.93 21.83
CA LEU E 593 -15.19 0.31 22.00
C LEU E 593 -15.50 0.96 23.34
N PHE E 594 -16.78 1.00 23.71
CA PHE E 594 -17.19 1.66 24.94
C PHE E 594 -16.55 0.99 26.14
N ILE E 595 -16.63 -0.33 26.24
CA ILE E 595 -16.09 -1.00 27.41
C ILE E 595 -14.56 -0.95 27.42
N SER E 596 -13.92 -0.99 26.24
CA SER E 596 -12.47 -0.92 26.23
C SER E 596 -11.98 0.44 26.72
N VAL E 597 -12.55 1.53 26.20
CA VAL E 597 -12.11 2.84 26.69
C VAL E 597 -12.56 3.09 28.12
N SER E 598 -13.63 2.44 28.58
CA SER E 598 -14.01 2.58 29.98
C SER E 598 -13.02 1.89 30.89
N VAL E 599 -12.56 0.70 30.51
CA VAL E 599 -11.49 0.03 31.25
C VAL E 599 -10.24 0.91 31.28
N LEU E 600 -9.90 1.52 30.13
CA LEU E 600 -8.74 2.41 30.10
C LEU E 600 -8.91 3.58 31.06
N SER E 601 -10.08 4.21 31.06
CA SER E 601 -10.30 5.36 31.94
C SER E 601 -10.33 4.95 33.40
N SER E 602 -10.80 3.74 33.68
CA SER E 602 -10.79 3.23 35.05
C SER E 602 -9.36 3.03 35.54
N LEU E 603 -8.52 2.39 34.72
CA LEU E 603 -7.12 2.27 35.08
C LEU E 603 -6.47 3.64 35.24
N GLY E 604 -6.90 4.62 34.42
CA GLY E 604 -6.37 5.96 34.56
C GLY E 604 -6.71 6.59 35.90
N ILE E 605 -7.97 6.48 36.32
CA ILE E 605 -8.34 7.09 37.60
C ILE E 605 -7.70 6.32 38.75
N VAL E 606 -7.51 5.01 38.62
CA VAL E 606 -6.79 4.25 39.63
C VAL E 606 -5.36 4.77 39.77
N LEU E 607 -4.67 4.94 38.64
CA LEU E 607 -3.29 5.43 38.70
C LEU E 607 -3.24 6.86 39.25
N ALA E 608 -4.21 7.70 38.88
CA ALA E 608 -4.24 9.06 39.39
C ALA E 608 -4.42 9.09 40.90
N VAL E 609 -5.32 8.25 41.41
CA VAL E 609 -5.55 8.23 42.86
C VAL E 609 -4.32 7.68 43.59
N VAL E 610 -3.73 6.61 43.07
CA VAL E 610 -2.49 6.08 43.65
C VAL E 610 -1.42 7.17 43.70
N CYS E 611 -1.27 7.92 42.61
CA CYS E 611 -0.22 8.92 42.56
C CYS E 611 -0.49 10.08 43.50
N LEU E 612 -1.74 10.51 43.61
CA LEU E 612 -2.06 11.59 44.52
C LEU E 612 -1.84 11.15 45.97
N SER E 613 -2.18 9.91 46.28
CA SER E 613 -1.89 9.37 47.60
C SER E 613 -0.40 9.36 47.89
N PHE E 614 0.41 8.96 46.90
CA PHE E 614 1.86 9.01 47.06
C PHE E 614 2.34 10.44 47.32
N ASN E 615 1.88 11.39 46.51
CA ASN E 615 2.37 12.76 46.61
C ASN E 615 1.94 13.41 47.93
N ILE E 616 0.81 13.00 48.48
CA ILE E 616 0.39 13.56 49.76
C ILE E 616 0.98 12.76 50.92
N TYR E 617 1.47 11.55 50.67
CA TYR E 617 2.17 10.77 51.69
C TYR E 617 3.52 11.37 52.04
N ASN E 618 4.09 12.17 51.14
CA ASN E 618 5.35 12.86 51.34
C ASN E 618 5.13 14.36 51.22
N SER E 619 4.12 14.86 51.91
CA SER E 619 3.64 16.23 51.73
C SER E 619 4.77 17.24 51.91
N HIS E 620 5.35 17.31 53.10
CA HIS E 620 6.45 18.23 53.37
C HIS E 620 7.67 17.56 53.97
N VAL E 621 7.64 16.25 54.17
CA VAL E 621 8.77 15.57 54.80
C VAL E 621 10.01 15.52 53.93
N ARG E 622 9.90 15.90 52.65
CA ARG E 622 11.04 15.91 51.76
C ARG E 622 11.00 17.19 50.92
N TYR E 623 11.86 17.24 49.91
CA TYR E 623 11.96 18.40 49.03
C TYR E 623 10.70 18.62 48.19
N ILE E 624 9.75 17.67 48.20
CA ILE E 624 8.50 17.85 47.48
C ILE E 624 7.81 19.15 47.86
N GLN E 625 8.04 19.64 49.08
CA GLN E 625 7.44 20.91 49.49
C GLN E 625 7.85 22.06 48.60
N ASN E 626 8.98 21.95 47.90
CA ASN E 626 9.39 22.98 46.96
C ASN E 626 8.38 23.12 45.83
N SER E 627 8.23 22.09 45.01
CA SER E 627 7.23 22.08 43.95
C SER E 627 5.86 21.95 44.60
N GLN E 628 5.06 23.01 44.53
CA GLN E 628 3.80 23.13 45.25
C GLN E 628 2.96 21.87 45.09
N PRO E 629 2.80 21.08 46.16
CA PRO E 629 2.04 19.83 46.03
C PRO E 629 0.55 20.06 45.90
N ASN E 630 0.04 21.20 46.35
CA ASN E 630 -1.39 21.46 46.20
C ASN E 630 -1.77 21.67 44.75
N LEU E 631 -0.96 22.40 43.99
CA LEU E 631 -1.25 22.54 42.56
C LEU E 631 -1.16 21.21 41.85
N ASN E 632 -0.18 20.39 42.21
CA ASN E 632 -0.01 19.10 41.54
C ASN E 632 -1.17 18.16 41.86
N ASN E 633 -1.62 18.13 43.11
CA ASN E 633 -2.73 17.24 43.43
C ASN E 633 -4.06 17.78 42.95
N LEU E 634 -4.21 19.10 42.82
CA LEU E 634 -5.36 19.65 42.12
C LEU E 634 -5.37 19.22 40.66
N THR E 635 -4.21 19.23 40.01
CA THR E 635 -4.12 18.72 38.65
C THR E 635 -4.49 17.25 38.60
N ALA E 636 -4.03 16.47 39.57
CA ALA E 636 -4.33 15.05 39.58
C ALA E 636 -5.83 14.79 39.73
N VAL E 637 -6.49 15.53 40.62
CA VAL E 637 -7.93 15.33 40.79
C VAL E 637 -8.69 15.84 39.56
N GLY E 638 -8.19 16.88 38.90
CA GLY E 638 -8.80 17.32 37.66
C GLY E 638 -8.71 16.27 36.56
N CYS E 639 -7.54 15.63 36.43
CA CYS E 639 -7.41 14.55 35.46
C CYS E 639 -8.29 13.37 35.82
N SER E 640 -8.43 13.07 37.11
CA SER E 640 -9.31 11.99 37.52
C SER E 640 -10.76 12.27 37.15
N LEU E 641 -11.23 13.50 37.39
CA LEU E 641 -12.59 13.85 37.00
C LEU E 641 -12.76 13.82 35.48
N ALA E 642 -11.78 14.34 34.73
CA ALA E 642 -11.89 14.34 33.29
C ALA E 642 -11.92 12.91 32.74
N LEU E 643 -11.20 12.00 33.38
CA LEU E 643 -11.23 10.61 32.95
C LEU E 643 -12.54 9.93 33.33
N ALA E 644 -13.09 10.28 34.49
CA ALA E 644 -14.38 9.74 34.89
C ALA E 644 -15.51 10.25 34.00
N ALA E 645 -15.32 11.41 33.37
CA ALA E 645 -16.31 11.95 32.46
C ALA E 645 -16.42 11.16 31.15
N VAL E 646 -15.74 10.03 31.03
CA VAL E 646 -15.81 9.24 29.81
C VAL E 646 -17.07 8.38 29.79
N PHE E 647 -17.51 7.89 30.95
CA PHE E 647 -18.70 7.04 30.98
C PHE E 647 -19.96 7.78 30.55
N PRO E 648 -20.26 8.99 31.03
CA PRO E 648 -21.45 9.69 30.52
C PRO E 648 -21.40 9.98 29.03
N LEU E 649 -20.20 10.02 28.43
CA LEU E 649 -20.13 10.24 27.00
C LEU E 649 -20.59 9.02 26.21
N GLY E 650 -20.47 7.83 26.79
CA GLY E 650 -20.82 6.62 26.07
C GLY E 650 -22.22 6.12 26.37
N LEU E 651 -22.89 6.71 27.34
CA LEU E 651 -24.22 6.25 27.73
C LEU E 651 -25.28 6.91 26.85
N ASP E 652 -25.97 6.10 26.06
CA ASP E 652 -27.10 6.57 25.28
C ASP E 652 -28.27 5.62 25.43
N GLY E 653 -29.30 5.78 24.60
CA GLY E 653 -30.55 5.03 24.74
C GLY E 653 -30.40 3.53 24.80
N TYR E 654 -29.21 2.99 24.56
CA TYR E 654 -29.01 1.55 24.67
C TYR E 654 -29.01 1.09 26.11
N HIS E 655 -28.71 1.98 27.06
CA HIS E 655 -28.58 1.62 28.46
C HIS E 655 -29.57 2.35 29.35
N ILE E 656 -29.72 3.66 29.20
CA ILE E 656 -30.37 4.47 30.22
C ILE E 656 -31.87 4.62 29.99
N GLY E 657 -32.27 5.23 28.89
CA GLY E 657 -33.66 5.56 28.67
C GLY E 657 -33.87 7.05 28.49
N ARG E 658 -35.12 7.42 28.18
CA ARG E 658 -35.42 8.80 27.84
C ARG E 658 -35.48 9.70 29.06
N ASN E 659 -36.04 9.20 30.17
CA ASN E 659 -36.22 10.06 31.34
C ASN E 659 -34.92 10.25 32.11
N GLN E 660 -34.01 9.29 32.05
CA GLN E 660 -32.72 9.40 32.70
C GLN E 660 -31.66 10.06 31.81
N PHE E 661 -32.06 10.71 30.73
CA PHE E 661 -31.15 11.33 29.78
C PHE E 661 -30.63 12.69 30.25
N PRO E 662 -31.49 13.61 30.73
CA PRO E 662 -30.97 14.91 31.16
C PRO E 662 -30.03 14.84 32.35
N PHE E 663 -29.96 13.69 33.03
CA PHE E 663 -28.92 13.52 34.05
C PHE E 663 -27.60 13.14 33.42
N VAL E 664 -27.63 12.32 32.36
CA VAL E 664 -26.40 11.95 31.67
C VAL E 664 -25.81 13.17 30.96
N CYS E 665 -26.65 13.99 30.34
CA CYS E 665 -26.15 15.19 29.69
C CYS E 665 -25.48 16.13 30.69
N GLN E 666 -26.11 16.31 31.86
CA GLN E 666 -25.56 17.19 32.87
C GLN E 666 -24.27 16.63 33.46
N ALA E 667 -24.22 15.31 33.67
CA ALA E 667 -22.97 14.70 34.11
C ALA E 667 -21.85 14.95 33.11
N ARG E 668 -22.11 14.65 31.83
CA ARG E 668 -21.15 14.98 30.78
C ARG E 668 -20.64 16.40 30.94
N LEU E 669 -21.54 17.37 30.87
CA LEU E 669 -21.13 18.77 30.84
C LEU E 669 -20.32 19.13 32.08
N TRP E 670 -20.87 18.87 33.26
CA TRP E 670 -20.23 19.37 34.47
C TRP E 670 -18.93 18.63 34.76
N LEU E 671 -18.93 17.30 34.71
CA LEU E 671 -17.68 16.57 34.90
C LEU E 671 -16.61 17.04 33.94
N LEU E 672 -16.90 17.07 32.63
CA LEU E 672 -15.88 17.44 31.67
C LEU E 672 -15.37 18.87 31.90
N GLY E 673 -16.29 19.83 32.01
CA GLY E 673 -15.87 21.21 32.17
C GLY E 673 -15.08 21.45 33.44
N LEU E 674 -15.61 20.98 34.57
CA LEU E 674 -14.94 21.22 35.85
C LEU E 674 -13.63 20.45 35.92
N GLY E 675 -13.56 19.26 35.34
CA GLY E 675 -12.32 18.52 35.33
C GLY E 675 -11.25 19.21 34.50
N PHE E 676 -11.61 19.68 33.31
CA PHE E 676 -10.64 20.42 32.51
C PHE E 676 -10.19 21.68 33.22
N SER E 677 -11.14 22.40 33.83
CA SER E 677 -10.76 23.62 34.55
C SER E 677 -9.81 23.32 35.70
N LEU E 678 -10.13 22.35 36.54
CA LEU E 678 -9.29 22.02 37.68
C LEU E 678 -7.95 21.40 37.28
N GLY E 679 -7.89 20.75 36.11
CA GLY E 679 -6.65 20.14 35.68
C GLY E 679 -5.82 20.96 34.73
N TYR E 680 -6.31 22.12 34.31
CA TYR E 680 -5.48 23.01 33.50
C TYR E 680 -5.19 24.31 34.21
N GLY E 681 -6.11 24.77 35.07
CA GLY E 681 -5.90 26.01 35.78
C GLY E 681 -4.74 25.94 36.74
N SER E 682 -4.50 24.77 37.34
CA SER E 682 -3.37 24.63 38.25
C SER E 682 -2.04 24.75 37.50
N MET E 683 -1.91 24.07 36.38
CA MET E 683 -0.68 24.18 35.58
C MET E 683 -0.51 25.58 35.03
N PHE E 684 -1.60 26.22 34.61
CA PHE E 684 -1.50 27.58 34.11
C PHE E 684 -1.11 28.55 35.23
N THR E 685 -1.61 28.33 36.44
CA THR E 685 -1.21 29.16 37.58
C THR E 685 0.27 29.00 37.87
N LYS E 686 0.72 27.75 37.95
CA LYS E 686 2.14 27.50 38.16
C LYS E 686 2.99 28.24 37.14
N ILE E 687 2.70 28.06 35.85
CA ILE E 687 3.55 28.65 34.83
C ILE E 687 3.41 30.16 34.80
N TRP E 688 2.22 30.69 35.10
CA TRP E 688 2.03 32.14 35.08
C TRP E 688 2.80 32.81 36.20
N TRP E 689 2.80 32.21 37.40
CA TRP E 689 3.57 32.78 38.48
C TRP E 689 5.07 32.65 38.21
N VAL E 690 5.51 31.50 37.68
CA VAL E 690 6.91 31.36 37.31
C VAL E 690 7.31 32.44 36.32
N HIS E 691 6.41 32.79 35.41
CA HIS E 691 6.68 33.86 34.45
C HIS E 691 6.75 35.22 35.12
N THR E 692 5.71 35.58 35.86
CA THR E 692 5.58 36.96 36.31
C THR E 692 6.49 37.30 37.49
N VAL E 693 6.97 36.30 38.24
CA VAL E 693 7.94 36.60 39.30
C VAL E 693 9.37 36.66 38.78
N PHE E 694 9.56 36.51 37.47
CA PHE E 694 10.89 36.58 36.88
C PHE E 694 10.90 37.43 35.62
N THR E 695 10.20 38.56 35.65
CA THR E 695 10.19 39.48 34.53
C THR E 695 9.74 40.87 34.97
N LEU E 707 4.85 34.10 43.91
CA LEU E 707 5.74 34.24 45.05
C LEU E 707 5.15 33.57 46.29
N GLU E 708 4.35 34.31 47.03
CA GLU E 708 3.71 33.74 48.20
C GLU E 708 2.66 32.73 47.79
N PRO E 709 2.48 31.63 48.54
CA PRO E 709 1.67 30.51 48.04
C PRO E 709 0.17 30.74 48.08
N TRP E 710 -0.31 31.85 48.65
CA TRP E 710 -1.75 32.03 48.69
C TRP E 710 -2.29 32.71 47.43
N LYS E 711 -1.46 33.51 46.75
CA LYS E 711 -1.87 34.07 45.46
C LYS E 711 -2.11 32.96 44.43
N LEU E 712 -1.35 31.88 44.52
CA LEU E 712 -1.55 30.73 43.63
C LEU E 712 -2.96 30.18 43.79
N TYR E 713 -3.36 29.90 45.03
CA TYR E 713 -4.71 29.40 45.27
C TYR E 713 -5.76 30.43 44.92
N ALA E 714 -5.49 31.71 45.16
CA ALA E 714 -6.44 32.75 44.79
C ALA E 714 -6.71 32.73 43.30
N THR E 715 -5.67 32.67 42.48
CA THR E 715 -5.88 32.73 41.04
C THR E 715 -6.42 31.42 40.48
N VAL E 716 -6.07 30.27 41.06
CA VAL E 716 -6.69 29.04 40.56
C VAL E 716 -8.17 29.01 40.92
N GLY E 717 -8.54 29.50 42.11
CA GLY E 717 -9.94 29.65 42.43
C GLY E 717 -10.65 30.63 41.52
N LEU E 718 -9.96 31.70 41.14
CA LEU E 718 -10.56 32.64 40.20
C LEU E 718 -10.85 31.98 38.86
N LEU E 719 -9.89 31.22 38.32
CA LEU E 719 -10.10 30.54 37.05
C LEU E 719 -11.27 29.56 37.14
N VAL E 720 -11.26 28.71 38.16
CA VAL E 720 -12.31 27.70 38.31
C VAL E 720 -13.66 28.38 38.50
N GLY E 721 -13.71 29.47 39.27
CA GLY E 721 -14.96 30.17 39.46
C GLY E 721 -15.48 30.78 38.18
N MET E 722 -14.59 31.35 37.37
CA MET E 722 -15.02 31.91 36.09
C MET E 722 -15.59 30.83 35.19
N ASP E 723 -14.90 29.70 35.08
CA ASP E 723 -15.40 28.60 34.25
C ASP E 723 -16.75 28.09 34.75
N VAL E 724 -16.88 27.88 36.05
CA VAL E 724 -18.13 27.36 36.60
C VAL E 724 -19.26 28.36 36.44
N LEU E 725 -18.99 29.65 36.65
CA LEU E 725 -20.03 30.65 36.50
C LEU E 725 -20.52 30.74 35.07
N THR E 726 -19.60 30.75 34.10
CA THR E 726 -20.05 30.85 32.71
C THR E 726 -20.76 29.58 32.25
N LEU E 727 -20.28 28.40 32.65
CA LEU E 727 -20.98 27.18 32.27
C LEU E 727 -22.37 27.13 32.90
N ALA E 728 -22.49 27.61 34.15
CA ALA E 728 -23.77 27.59 34.83
C ALA E 728 -24.75 28.58 34.19
N ILE E 729 -24.26 29.76 33.79
CA ILE E 729 -25.18 30.72 33.18
C ILE E 729 -25.63 30.22 31.81
N TRP E 730 -24.74 29.56 31.06
CA TRP E 730 -25.16 28.96 29.81
C TRP E 730 -26.20 27.87 30.05
N GLN E 731 -25.99 27.04 31.08
CA GLN E 731 -26.90 25.93 31.30
C GLN E 731 -28.25 26.38 31.86
N ILE E 732 -28.29 27.54 32.53
CA ILE E 732 -29.58 28.02 33.01
C ILE E 732 -30.30 28.86 31.97
N VAL E 733 -29.57 29.41 30.99
CA VAL E 733 -30.23 30.17 29.93
C VAL E 733 -30.88 29.22 28.91
N ASP E 734 -30.09 28.32 28.35
CA ASP E 734 -30.58 27.36 27.35
C ASP E 734 -30.12 25.96 27.75
N PRO E 735 -30.86 25.29 28.62
CA PRO E 735 -30.40 24.02 29.17
C PRO E 735 -30.24 22.95 28.09
N LEU E 736 -29.51 21.89 28.44
CA LEU E 736 -29.36 20.76 27.55
C LEU E 736 -30.61 19.87 27.62
N HIS E 737 -31.02 19.36 26.46
CA HIS E 737 -32.16 18.45 26.40
C HIS E 737 -31.97 17.50 25.24
N ARG E 738 -32.70 16.39 25.30
CA ARG E 738 -32.57 15.35 24.27
C ARG E 738 -33.11 15.85 22.94
N THR E 739 -32.40 15.53 21.86
CA THR E 739 -32.83 15.83 20.51
C THR E 739 -32.44 14.67 19.60
N ILE E 740 -33.31 14.37 18.63
CA ILE E 740 -33.10 13.27 17.70
C ILE E 740 -32.94 13.84 16.30
N GLU E 741 -31.98 13.31 15.56
CA GLU E 741 -31.77 13.65 14.16
C GLU E 741 -31.84 12.39 13.34
N THR E 742 -32.54 12.47 12.21
CA THR E 742 -32.87 11.29 11.42
C THR E 742 -32.07 11.26 10.13
N PHE E 743 -31.85 10.05 9.61
CA PHE E 743 -31.11 9.84 8.39
C PHE E 743 -32.07 9.54 7.24
N ALA E 744 -31.51 9.21 6.09
CA ALA E 744 -32.31 8.82 4.94
C ALA E 744 -32.72 7.36 5.07
N LYS E 745 -33.93 7.06 4.58
CA LYS E 745 -34.46 5.71 4.68
C LYS E 745 -33.57 4.73 3.92
N GLU E 746 -33.57 3.47 4.37
CA GLU E 746 -32.81 2.42 3.73
C GLU E 746 -33.63 1.14 3.76
N GLU E 747 -33.08 0.09 3.17
CA GLU E 747 -33.80 -1.18 3.03
C GLU E 747 -32.93 -2.35 3.46
N PRO E 748 -33.13 -2.91 4.66
CA PRO E 748 -32.46 -4.16 5.01
C PRO E 748 -33.09 -5.33 4.27
N LYS E 749 -32.24 -6.15 3.66
CA LYS E 749 -32.69 -7.24 2.80
C LYS E 749 -32.53 -8.60 3.45
N GLU E 750 -32.95 -8.73 4.71
CA GLU E 750 -33.06 -10.02 5.39
C GLU E 750 -34.38 -10.70 5.05
N ASP E 751 -34.99 -10.35 3.92
CA ASP E 751 -36.29 -10.84 3.44
C ASP E 751 -37.37 -10.72 4.50
N ILE E 752 -37.24 -9.74 5.40
CA ILE E 752 -38.30 -9.46 6.37
C ILE E 752 -39.27 -8.40 5.87
N ASP E 753 -38.95 -7.75 4.75
CA ASP E 753 -39.87 -6.82 4.07
C ASP E 753 -40.29 -5.68 5.00
N VAL E 754 -39.30 -4.86 5.35
CA VAL E 754 -39.55 -3.66 6.14
C VAL E 754 -38.51 -2.61 5.75
N SER E 755 -38.86 -1.35 5.95
CA SER E 755 -37.96 -0.23 5.70
C SER E 755 -37.51 0.35 7.03
N ILE E 756 -36.19 0.58 7.14
CA ILE E 756 -35.59 1.09 8.36
C ILE E 756 -35.30 2.58 8.19
N LEU E 757 -35.73 3.37 9.16
CA LEU E 757 -35.41 4.79 9.20
C LEU E 757 -34.39 5.02 10.30
N PRO E 758 -33.09 4.97 10.00
CA PRO E 758 -32.08 5.07 11.06
C PRO E 758 -32.09 6.45 11.70
N GLN E 759 -32.14 6.45 13.03
CA GLN E 759 -32.13 7.67 13.81
C GLN E 759 -30.93 7.71 14.73
N LEU E 760 -30.57 8.92 15.16
CA LEU E 760 -29.44 9.11 16.06
C LEU E 760 -29.77 10.28 16.97
N GLU E 761 -29.66 10.05 18.28
CA GLU E 761 -29.98 11.05 19.29
C GLU E 761 -28.71 11.50 20.01
N HIS E 762 -28.70 12.76 20.41
CA HIS E 762 -27.56 13.29 21.14
C HIS E 762 -27.99 14.52 21.93
N CYS E 763 -27.33 14.73 23.05
CA CYS E 763 -27.60 15.90 23.89
C CYS E 763 -27.26 17.17 23.13
N SER E 764 -28.18 18.13 23.14
CA SER E 764 -27.98 19.38 22.43
C SER E 764 -28.92 20.42 23.00
N SER E 765 -28.41 21.63 23.18
CA SER E 765 -29.27 22.72 23.63
C SER E 765 -30.08 23.25 22.45
N ARG E 766 -30.86 24.30 22.73
CA ARG E 766 -31.67 24.91 21.68
C ARG E 766 -30.79 25.44 20.56
N LYS E 767 -29.82 26.28 20.90
CA LYS E 767 -28.89 26.86 19.93
C LYS E 767 -27.47 26.54 20.37
N MET E 768 -26.98 25.37 19.98
CA MET E 768 -25.57 25.06 20.20
C MET E 768 -24.74 25.60 19.04
N ASN E 769 -23.47 25.21 19.01
CA ASN E 769 -22.51 25.69 18.02
C ASN E 769 -22.29 27.19 18.13
N THR E 770 -22.93 27.83 19.11
CA THR E 770 -22.70 29.24 19.43
C THR E 770 -22.14 29.38 20.83
N TRP E 771 -22.83 28.84 21.84
CA TRP E 771 -22.26 28.80 23.17
C TRP E 771 -21.07 27.86 23.22
N LEU E 772 -21.21 26.69 22.60
CA LEU E 772 -20.08 25.77 22.48
C LEU E 772 -18.92 26.44 21.75
N GLY E 773 -19.20 27.24 20.73
CA GLY E 773 -18.16 27.98 20.06
C GLY E 773 -17.46 28.97 20.97
N ILE E 774 -18.22 29.65 21.82
CA ILE E 774 -17.62 30.61 22.75
C ILE E 774 -16.73 29.91 23.76
N PHE E 775 -17.21 28.81 24.34
CA PHE E 775 -16.39 28.04 25.27
C PHE E 775 -15.12 27.55 24.59
N TYR E 776 -15.24 27.00 23.38
CA TYR E 776 -14.08 26.50 22.68
C TYR E 776 -13.08 27.60 22.37
N GLY E 777 -13.55 28.77 21.94
CA GLY E 777 -12.63 29.86 21.65
C GLY E 777 -11.94 30.40 22.88
N TYR E 778 -12.69 30.57 23.97
CA TYR E 778 -12.10 31.06 25.21
C TYR E 778 -11.06 30.08 25.74
N LYS E 779 -11.39 28.79 25.76
CA LYS E 779 -10.42 27.81 26.23
C LYS E 779 -9.23 27.71 25.29
N GLY E 780 -9.44 27.91 23.99
CA GLY E 780 -8.33 27.86 23.06
C GLY E 780 -7.37 29.02 23.23
N LEU E 781 -7.90 30.22 23.46
CA LEU E 781 -7.02 31.35 23.73
C LEU E 781 -6.27 31.14 25.05
N LEU E 782 -6.93 30.58 26.06
CA LEU E 782 -6.23 30.27 27.30
C LEU E 782 -5.12 29.26 27.06
N LEU E 783 -5.38 28.24 26.23
CA LEU E 783 -4.36 27.22 25.95
C LEU E 783 -3.19 27.81 25.18
N LEU E 784 -3.46 28.73 24.25
CA LEU E 784 -2.36 29.35 23.51
C LEU E 784 -1.53 30.24 24.41
N LEU E 785 -2.17 30.97 25.33
CA LEU E 785 -1.40 31.73 26.31
C LEU E 785 -0.57 30.81 27.18
N GLY E 786 -1.11 29.64 27.54
CA GLY E 786 -0.34 28.68 28.29
C GLY E 786 0.90 28.21 27.54
N ILE E 787 0.73 27.89 26.26
CA ILE E 787 1.88 27.47 25.44
C ILE E 787 2.91 28.58 25.37
N PHE E 788 2.47 29.82 25.14
CA PHE E 788 3.39 30.93 24.99
C PHE E 788 4.18 31.17 26.27
N LEU E 789 3.49 31.18 27.42
CA LEU E 789 4.18 31.41 28.68
C LEU E 789 5.09 30.24 29.04
N ALA E 790 4.70 29.01 28.68
CA ALA E 790 5.56 27.86 28.93
C ALA E 790 6.82 27.93 28.08
N TYR E 791 6.70 28.43 26.85
CA TYR E 791 7.87 28.56 25.99
C TYR E 791 8.78 29.68 26.46
N GLU E 792 8.19 30.76 26.97
CA GLU E 792 8.99 31.91 27.38
C GLU E 792 9.83 31.59 28.61
N THR E 793 9.30 30.82 29.55
CA THR E 793 9.95 30.58 30.82
C THR E 793 10.55 29.19 30.93
N LYS E 794 11.09 28.65 29.83
CA LYS E 794 11.75 27.35 29.90
C LYS E 794 13.17 27.48 30.43
N SER E 795 13.73 28.69 30.44
CA SER E 795 15.10 28.90 30.89
C SER E 795 15.21 29.33 32.34
N VAL E 796 14.12 29.83 32.93
CA VAL E 796 14.15 30.23 34.33
C VAL E 796 14.45 29.01 35.21
N SER E 797 15.24 29.23 36.25
CA SER E 797 15.68 28.17 37.15
C SER E 797 15.35 28.51 38.59
N THR E 798 14.09 28.89 38.82
CA THR E 798 13.64 29.21 40.17
C THR E 798 13.80 28.00 41.09
N GLU E 799 14.18 28.27 42.34
CA GLU E 799 14.30 27.20 43.32
C GLU E 799 13.05 27.02 44.15
N LYS E 800 12.20 28.04 44.24
CA LYS E 800 10.96 27.93 44.98
C LYS E 800 9.95 27.04 44.24
N ILE E 801 10.01 26.98 42.92
CA ILE E 801 9.15 26.11 42.11
C ILE E 801 10.07 25.19 41.31
N ASN E 802 9.90 23.89 41.47
CA ASN E 802 10.88 22.92 41.01
C ASN E 802 10.64 22.44 39.58
N ASP E 803 9.40 22.21 39.18
CA ASP E 803 9.10 21.47 37.96
C ASP E 803 8.28 22.29 36.97
N HIS E 804 8.68 23.53 36.71
CA HIS E 804 7.97 24.33 35.72
C HIS E 804 8.19 23.81 34.30
N ARG E 805 9.31 23.13 34.03
CA ARG E 805 9.51 22.59 32.70
C ARG E 805 8.57 21.41 32.43
N ALA E 806 8.29 20.60 33.46
CA ALA E 806 7.36 19.49 33.29
C ALA E 806 5.95 20.00 33.06
N VAL E 807 5.53 21.03 33.81
CA VAL E 807 4.19 21.56 33.58
C VAL E 807 4.13 22.26 32.24
N GLY E 808 5.25 22.81 31.76
CA GLY E 808 5.25 23.37 30.42
C GLY E 808 5.04 22.32 29.34
N MET E 809 5.75 21.18 29.47
CA MET E 809 5.57 20.11 28.51
C MET E 809 4.14 19.56 28.56
N ALA E 810 3.60 19.38 29.76
CA ALA E 810 2.24 18.88 29.88
C ALA E 810 1.22 19.85 29.32
N ILE E 811 1.46 21.16 29.51
CA ILE E 811 0.56 22.17 28.96
C ILE E 811 0.60 22.11 27.44
N TYR E 812 1.79 21.99 26.85
CA TYR E 812 1.88 21.90 25.40
C TYR E 812 1.13 20.68 24.88
N ASN E 813 1.34 19.53 25.52
CA ASN E 813 0.65 18.31 25.09
C ASN E 813 -0.87 18.47 25.17
N VAL E 814 -1.38 18.92 26.32
CA VAL E 814 -2.81 19.05 26.51
C VAL E 814 -3.40 20.03 25.51
N ALA E 815 -2.70 21.14 25.28
CA ALA E 815 -3.21 22.14 24.34
C ALA E 815 -3.24 21.61 22.93
N VAL E 816 -2.20 20.88 22.51
CA VAL E 816 -2.19 20.32 21.15
C VAL E 816 -3.34 19.34 20.98
N LEU E 817 -3.47 18.39 21.91
CA LEU E 817 -4.50 17.37 21.78
C LEU E 817 -5.90 17.99 21.82
N CYS E 818 -6.10 19.00 22.67
CA CYS E 818 -7.42 19.61 22.78
C CYS E 818 -7.75 20.45 21.56
N LEU E 819 -6.79 21.23 21.05
CA LEU E 819 -7.03 22.00 19.85
C LEU E 819 -7.21 21.12 18.63
N ILE E 820 -6.69 19.88 18.67
CA ILE E 820 -6.95 18.95 17.57
C ILE E 820 -8.35 18.36 17.69
N THR E 821 -8.72 17.91 18.89
CA THR E 821 -9.94 17.12 19.05
C THR E 821 -11.18 18.00 19.28
N ALA E 822 -11.00 19.31 19.44
CA ALA E 822 -12.17 20.16 19.66
C ALA E 822 -12.98 20.39 18.39
N PRO E 823 -12.39 20.75 17.24
CA PRO E 823 -13.22 20.91 16.03
C PRO E 823 -13.52 19.59 15.34
N VAL E 824 -12.66 18.58 15.49
CA VAL E 824 -12.92 17.29 14.85
C VAL E 824 -14.21 16.68 15.39
N THR E 825 -14.44 16.81 16.69
CA THR E 825 -15.67 16.28 17.27
C THR E 825 -16.90 17.04 16.79
N MET E 826 -16.76 18.34 16.50
CA MET E 826 -17.89 19.09 15.97
C MET E 826 -18.15 18.72 14.51
N ILE E 827 -17.10 18.43 13.76
CA ILE E 827 -17.28 18.02 12.37
C ILE E 827 -17.86 16.62 12.28
N LEU E 828 -17.31 15.69 13.07
CA LEU E 828 -17.68 14.29 13.03
C LEU E 828 -18.90 13.98 13.88
N SER E 829 -19.74 14.98 14.17
CA SER E 829 -20.83 14.79 15.12
C SER E 829 -21.80 13.70 14.68
N SER E 830 -22.13 13.66 13.39
CA SER E 830 -23.14 12.73 12.89
C SER E 830 -22.67 11.30 12.84
N GLN E 831 -21.46 11.00 13.30
CA GLN E 831 -20.97 9.63 13.43
C GLN E 831 -20.65 9.39 14.89
N GLN E 832 -21.40 8.50 15.53
CA GLN E 832 -21.29 8.33 16.97
C GLN E 832 -19.96 7.71 17.37
N ASP E 833 -19.54 6.66 16.64
CA ASP E 833 -18.30 5.98 16.99
C ASP E 833 -17.09 6.90 16.80
N ALA E 834 -17.03 7.61 15.69
CA ALA E 834 -15.89 8.48 15.42
C ALA E 834 -15.76 9.56 16.49
N ALA E 835 -16.85 10.29 16.74
CA ALA E 835 -16.80 11.38 17.73
C ALA E 835 -16.49 10.85 19.12
N PHE E 836 -17.14 9.75 19.52
CA PHE E 836 -16.90 9.22 20.85
C PHE E 836 -15.45 8.75 20.99
N ALA E 837 -14.95 8.02 20.00
CA ALA E 837 -13.57 7.53 20.09
C ALA E 837 -12.58 8.68 20.12
N PHE E 838 -12.83 9.73 19.33
CA PHE E 838 -11.92 10.87 19.33
C PHE E 838 -11.90 11.56 20.69
N ALA E 839 -13.07 11.89 21.23
CA ALA E 839 -13.11 12.56 22.53
C ALA E 839 -12.53 11.68 23.63
N SER E 840 -12.92 10.40 23.65
CA SER E 840 -12.44 9.49 24.68
C SER E 840 -10.93 9.32 24.63
N LEU E 841 -10.37 9.10 23.43
CA LEU E 841 -8.93 8.91 23.34
C LEU E 841 -8.17 10.19 23.63
N ALA E 842 -8.69 11.34 23.22
CA ALA E 842 -8.07 12.60 23.58
C ALA E 842 -7.97 12.73 25.10
N ILE E 843 -9.10 12.53 25.79
CA ILE E 843 -9.10 12.63 27.25
C ILE E 843 -8.13 11.63 27.86
N VAL E 844 -8.22 10.36 27.43
CA VAL E 844 -7.42 9.31 28.05
C VAL E 844 -5.94 9.58 27.86
N PHE E 845 -5.51 9.86 26.63
CA PHE E 845 -4.09 10.06 26.38
C PHE E 845 -3.58 11.33 27.05
N SER E 846 -4.34 12.43 26.97
CA SER E 846 -3.89 13.65 27.62
C SER E 846 -3.72 13.45 29.12
N SER E 847 -4.68 12.78 29.76
CA SER E 847 -4.59 12.57 31.20
C SER E 847 -3.45 11.63 31.56
N TYR E 848 -3.31 10.51 30.84
CA TYR E 848 -2.20 9.60 31.10
C TYR E 848 -0.87 10.32 31.01
N ILE E 849 -0.66 11.06 29.91
CA ILE E 849 0.65 11.66 29.68
C ILE E 849 0.91 12.80 30.66
N THR E 850 -0.11 13.59 30.98
CA THR E 850 0.12 14.66 31.95
C THR E 850 0.42 14.09 33.32
N LEU E 851 -0.28 13.03 33.73
CA LEU E 851 0.01 12.38 35.00
C LEU E 851 1.45 11.89 35.05
N VAL E 852 1.86 11.13 34.03
CA VAL E 852 3.20 10.55 34.08
C VAL E 852 4.27 11.63 34.01
N VAL E 853 4.18 12.54 33.03
CA VAL E 853 5.23 13.55 32.88
C VAL E 853 5.23 14.52 34.05
N LEU E 854 4.15 14.57 34.82
CA LEU E 854 4.14 15.49 35.95
C LEU E 854 4.60 14.81 37.24
N PHE E 855 4.49 13.50 37.34
CA PHE E 855 4.73 12.86 38.62
C PHE E 855 5.80 11.79 38.64
N VAL E 856 6.04 11.06 37.56
CA VAL E 856 6.98 9.94 37.63
C VAL E 856 8.41 10.43 37.85
N PRO E 857 8.83 11.62 37.38
CA PRO E 857 10.17 12.09 37.79
C PRO E 857 10.30 12.29 39.28
N LYS E 858 9.23 12.73 39.95
CA LYS E 858 9.30 12.94 41.40
C LYS E 858 9.52 11.63 42.14
N MET E 859 8.77 10.59 41.77
CA MET E 859 8.94 9.29 42.42
C MET E 859 10.14 8.51 41.88
N ARG E 860 10.79 8.98 40.81
CA ARG E 860 12.05 8.39 40.39
C ARG E 860 13.25 9.06 41.03
N ARG E 861 13.13 10.35 41.36
CA ARG E 861 14.19 11.05 42.08
C ARG E 861 14.13 10.75 43.57
N LEU E 862 12.92 10.70 44.14
CA LEU E 862 12.78 10.43 45.56
C LEU E 862 13.25 9.02 45.91
N ILE E 863 13.04 8.07 45.00
CA ILE E 863 13.49 6.69 45.20
C ILE E 863 14.91 6.60 44.66
N THR E 864 15.88 6.64 45.57
CA THR E 864 17.28 6.52 45.20
C THR E 864 17.82 5.13 45.51
N PRO F 44 -89.27 -6.76 -52.48
CA PRO F 44 -89.29 -6.26 -51.10
C PRO F 44 -88.23 -6.91 -50.22
N LEU F 45 -87.25 -6.12 -49.80
CA LEU F 45 -86.18 -6.57 -48.90
C LEU F 45 -86.35 -5.78 -47.60
N SER F 46 -87.07 -6.37 -46.65
CA SER F 46 -87.44 -5.65 -45.44
C SER F 46 -86.25 -5.54 -44.48
N ILE F 47 -86.07 -4.36 -43.90
CA ILE F 47 -85.00 -4.08 -42.95
C ILE F 47 -85.63 -3.60 -41.66
N MET F 48 -85.17 -4.13 -40.53
CA MET F 48 -85.72 -3.77 -39.22
C MET F 48 -84.97 -2.54 -38.70
N GLY F 49 -85.66 -1.41 -38.64
CA GLY F 49 -85.04 -0.19 -38.16
C GLY F 49 -85.42 0.16 -36.74
N LEU F 50 -84.45 0.09 -35.83
CA LEU F 50 -84.66 0.39 -34.42
C LEU F 50 -83.93 1.67 -34.07
N MET F 51 -84.66 2.68 -33.61
CA MET F 51 -84.06 3.94 -33.22
C MET F 51 -85.06 4.77 -32.44
N PRO F 52 -84.62 5.57 -31.48
CA PRO F 52 -85.56 6.40 -30.71
C PRO F 52 -86.12 7.55 -31.53
N LEU F 53 -87.38 7.43 -31.93
CA LEU F 53 -88.08 8.50 -32.63
C LEU F 53 -89.01 9.29 -31.74
N THR F 54 -89.30 8.79 -30.53
CA THR F 54 -90.25 9.44 -29.64
C THR F 54 -89.73 10.79 -29.19
N LYS F 55 -90.63 11.77 -29.09
CA LYS F 55 -90.24 13.10 -28.64
C LYS F 55 -89.98 13.13 -27.14
N GLU F 56 -90.57 12.20 -26.38
CA GLU F 56 -90.45 12.26 -24.93
C GLU F 56 -89.03 12.00 -24.45
N VAL F 57 -88.25 11.22 -25.19
CA VAL F 57 -86.90 10.85 -24.77
C VAL F 57 -85.91 11.87 -25.31
N ALA F 58 -84.83 12.08 -24.55
CA ALA F 58 -83.81 13.03 -24.98
C ALA F 58 -83.01 12.50 -26.15
N LYS F 59 -82.80 11.19 -26.23
CA LYS F 59 -82.07 10.59 -27.34
C LYS F 59 -82.88 10.54 -28.62
N GLY F 60 -84.16 10.94 -28.59
CA GLY F 60 -84.93 10.99 -29.80
C GLY F 60 -84.41 12.02 -30.79
N SER F 61 -83.67 13.01 -30.29
CA SER F 61 -83.01 13.97 -31.17
C SER F 61 -82.14 13.28 -32.20
N ILE F 62 -81.44 12.21 -31.79
CA ILE F 62 -80.55 11.52 -32.71
C ILE F 62 -81.35 10.89 -33.85
N GLY F 63 -82.41 10.15 -33.53
CA GLY F 63 -83.22 9.54 -34.57
C GLY F 63 -83.87 10.56 -35.48
N ARG F 64 -84.37 11.65 -34.89
CA ARG F 64 -85.08 12.64 -35.70
C ARG F 64 -84.14 13.42 -36.60
N GLY F 65 -82.90 13.64 -36.15
CA GLY F 65 -81.93 14.30 -37.01
C GLY F 65 -81.29 13.37 -38.02
N VAL F 66 -81.32 12.07 -37.74
CA VAL F 66 -80.76 11.09 -38.68
C VAL F 66 -81.74 10.77 -39.80
N LEU F 67 -83.05 10.80 -39.52
CA LEU F 67 -84.04 10.38 -40.50
C LEU F 67 -83.93 11.08 -41.86
N PRO F 68 -83.65 12.39 -41.96
CA PRO F 68 -83.46 12.97 -43.30
C PRO F 68 -82.36 12.31 -44.12
N ALA F 69 -81.26 11.91 -43.48
CA ALA F 69 -80.16 11.30 -44.22
C ALA F 69 -80.53 9.93 -44.76
N VAL F 70 -81.15 9.09 -43.92
CA VAL F 70 -81.58 7.78 -44.40
C VAL F 70 -82.65 7.92 -45.47
N GLU F 71 -83.51 8.93 -45.35
CA GLU F 71 -84.51 9.17 -46.39
C GLU F 71 -83.85 9.53 -47.72
N LEU F 72 -82.88 10.45 -47.68
CA LEU F 72 -82.13 10.79 -48.89
C LEU F 72 -81.49 9.55 -49.50
N ALA F 73 -80.84 8.74 -48.68
CA ALA F 73 -80.14 7.57 -49.19
C ALA F 73 -81.10 6.59 -49.85
N ILE F 74 -82.22 6.29 -49.20
CA ILE F 74 -83.13 5.30 -49.76
C ILE F 74 -83.81 5.84 -51.02
N GLU F 75 -84.15 7.13 -51.05
CA GLU F 75 -84.79 7.66 -52.25
C GLU F 75 -83.82 7.68 -53.42
N GLN F 76 -82.53 7.96 -53.16
CA GLN F 76 -81.56 7.92 -54.25
C GLN F 76 -81.32 6.50 -54.73
N ILE F 77 -81.28 5.54 -53.81
CA ILE F 77 -81.15 4.14 -54.21
C ILE F 77 -82.34 3.72 -55.07
N ARG F 78 -83.53 4.19 -54.72
CA ARG F 78 -84.71 3.85 -55.50
C ARG F 78 -84.69 4.52 -56.88
N ASN F 79 -84.22 5.77 -56.94
CA ASN F 79 -84.12 6.45 -58.22
C ASN F 79 -83.13 5.74 -59.14
N GLU F 80 -81.88 5.60 -58.71
CA GLU F 80 -80.89 4.95 -59.58
C GLU F 80 -81.15 3.46 -59.72
N SER F 81 -81.98 2.90 -58.85
CA SER F 81 -82.37 1.49 -58.91
C SER F 81 -81.16 0.56 -58.87
N LEU F 82 -80.43 0.63 -57.75
CA LEU F 82 -79.30 -0.26 -57.56
C LEU F 82 -79.76 -1.72 -57.47
N LEU F 83 -80.75 -1.98 -56.62
CA LEU F 83 -81.39 -3.30 -56.55
C LEU F 83 -82.42 -3.35 -57.67
N ARG F 84 -82.05 -4.00 -58.77
CA ARG F 84 -82.83 -3.89 -60.00
C ARG F 84 -84.25 -4.43 -59.86
N PRO F 85 -84.47 -5.70 -59.51
CA PRO F 85 -85.85 -6.20 -59.43
C PRO F 85 -86.53 -5.93 -58.08
N TYR F 86 -85.76 -5.71 -57.02
CA TYR F 86 -86.30 -5.52 -55.68
C TYR F 86 -86.37 -4.04 -55.35
N PHE F 87 -86.73 -3.74 -54.10
CA PHE F 87 -86.72 -2.38 -53.60
C PHE F 87 -86.56 -2.41 -52.09
N LEU F 88 -85.79 -1.47 -51.56
CA LEU F 88 -85.44 -1.46 -50.15
C LEU F 88 -86.64 -0.98 -49.33
N ASP F 89 -87.04 -1.78 -48.36
CA ASP F 89 -88.19 -1.48 -47.50
C ASP F 89 -87.69 -1.37 -46.06
N LEU F 90 -87.52 -0.15 -45.58
CA LEU F 90 -87.05 0.10 -44.23
C LEU F 90 -88.26 0.25 -43.31
N ARG F 91 -88.41 -0.68 -42.37
CA ARG F 91 -89.48 -0.65 -41.39
C ARG F 91 -88.93 -0.05 -40.10
N LEU F 92 -89.51 1.07 -39.67
CA LEU F 92 -89.04 1.77 -38.48
C LEU F 92 -89.87 1.36 -37.27
N TYR F 93 -89.22 0.83 -36.25
CA TYR F 93 -89.85 0.47 -34.99
C TYR F 93 -89.23 1.31 -33.89
N ASP F 94 -90.07 2.03 -33.16
CA ASP F 94 -89.59 3.00 -32.19
C ASP F 94 -89.22 2.32 -30.88
N THR F 95 -88.00 2.58 -30.42
CA THR F 95 -87.54 2.12 -29.11
C THR F 95 -87.09 3.35 -28.33
N GLU F 96 -87.72 3.60 -27.19
CA GLU F 96 -87.48 4.82 -26.44
C GLU F 96 -86.24 4.69 -25.56
N CYS F 97 -85.35 3.76 -25.91
CA CYS F 97 -84.12 3.46 -25.16
C CYS F 97 -84.41 2.80 -23.83
N ASP F 98 -85.68 2.50 -23.56
CA ASP F 98 -85.99 1.62 -22.44
C ASP F 98 -85.72 0.18 -22.86
N ASN F 99 -85.06 -0.58 -21.98
CA ASN F 99 -84.82 -1.98 -22.28
C ASN F 99 -86.12 -2.74 -22.43
N ALA F 100 -87.11 -2.42 -21.60
CA ALA F 100 -88.41 -3.08 -21.70
C ALA F 100 -89.08 -2.77 -23.02
N LYS F 101 -89.26 -1.48 -23.34
CA LYS F 101 -89.91 -1.11 -24.58
C LYS F 101 -89.10 -1.51 -25.79
N GLY F 102 -87.77 -1.44 -25.70
CA GLY F 102 -86.94 -1.87 -26.82
C GLY F 102 -87.07 -3.35 -27.10
N LEU F 103 -87.03 -4.18 -26.06
CA LEU F 103 -87.22 -5.60 -26.25
C LEU F 103 -88.63 -5.93 -26.73
N LYS F 104 -89.63 -5.19 -26.25
CA LYS F 104 -91.00 -5.39 -26.72
C LYS F 104 -91.12 -5.08 -28.20
N ALA F 105 -90.54 -3.96 -28.64
CA ALA F 105 -90.57 -3.60 -30.05
C ALA F 105 -89.84 -4.63 -30.89
N PHE F 106 -88.68 -5.11 -30.42
CA PHE F 106 -87.96 -6.14 -31.16
C PHE F 106 -88.79 -7.41 -31.30
N TYR F 107 -89.44 -7.83 -30.21
CA TYR F 107 -90.24 -9.05 -30.26
C TYR F 107 -91.44 -8.90 -31.18
N ASP F 108 -92.15 -7.77 -31.09
CA ASP F 108 -93.29 -7.54 -31.96
C ASP F 108 -92.87 -7.50 -33.42
N ALA F 109 -91.74 -6.86 -33.72
CA ALA F 109 -91.27 -6.83 -35.10
C ALA F 109 -90.86 -8.20 -35.58
N ILE F 110 -90.33 -9.03 -34.68
CA ILE F 110 -89.95 -10.39 -35.06
C ILE F 110 -91.19 -11.21 -35.39
N LYS F 111 -92.24 -11.08 -34.58
CA LYS F 111 -93.41 -11.92 -34.80
C LYS F 111 -94.36 -11.34 -35.84
N TYR F 112 -94.83 -10.11 -35.62
CA TYR F 112 -95.88 -9.56 -36.47
C TYR F 112 -95.35 -9.01 -37.79
N GLY F 113 -94.18 -8.37 -37.78
CA GLY F 113 -93.66 -7.74 -38.96
C GLY F 113 -93.22 -8.72 -40.02
N PRO F 114 -92.79 -8.20 -41.18
CA PRO F 114 -92.34 -9.07 -42.27
C PRO F 114 -91.06 -9.81 -41.89
N ASN F 115 -90.62 -10.68 -42.79
CA ASN F 115 -89.36 -11.39 -42.60
C ASN F 115 -88.22 -10.41 -42.86
N HIS F 116 -87.60 -9.94 -41.78
CA HIS F 116 -86.53 -8.96 -41.90
C HIS F 116 -85.22 -9.64 -42.24
N LEU F 117 -84.43 -9.02 -43.11
CA LEU F 117 -83.14 -9.58 -43.47
C LEU F 117 -82.04 -9.11 -42.52
N MET F 118 -82.10 -7.85 -42.10
CA MET F 118 -81.07 -7.27 -41.26
C MET F 118 -81.71 -6.38 -40.22
N VAL F 119 -80.89 -5.94 -39.25
CA VAL F 119 -81.27 -4.93 -38.28
C VAL F 119 -80.43 -3.69 -38.55
N PHE F 120 -81.05 -2.53 -38.49
CA PHE F 120 -80.36 -1.27 -38.77
C PHE F 120 -80.71 -0.28 -37.68
N GLY F 121 -79.69 0.26 -37.04
CA GLY F 121 -79.91 1.22 -35.97
C GLY F 121 -79.47 0.71 -34.62
N GLY F 122 -80.00 1.32 -33.57
CA GLY F 122 -79.54 1.07 -32.22
C GLY F 122 -78.69 2.24 -31.75
N VAL F 123 -79.29 3.14 -30.99
CA VAL F 123 -78.65 4.38 -30.59
C VAL F 123 -78.23 4.35 -29.13
N CYS F 124 -79.09 3.87 -28.25
CA CYS F 124 -78.75 3.82 -26.83
C CYS F 124 -78.05 2.52 -26.50
N PRO F 125 -77.07 2.52 -25.58
CA PRO F 125 -76.18 1.36 -25.44
C PRO F 125 -76.85 0.15 -24.80
N SER F 126 -77.83 0.36 -23.93
CA SER F 126 -78.47 -0.75 -23.24
C SER F 126 -79.26 -1.62 -24.22
N VAL F 127 -80.19 -1.01 -24.94
CA VAL F 127 -80.98 -1.75 -25.93
C VAL F 127 -80.08 -2.34 -27.01
N THR F 128 -79.07 -1.58 -27.42
CA THR F 128 -78.16 -2.07 -28.46
C THR F 128 -77.42 -3.31 -28.01
N SER F 129 -76.94 -3.32 -26.77
CA SER F 129 -76.27 -4.51 -26.25
C SER F 129 -77.23 -5.68 -26.16
N ILE F 130 -78.45 -5.44 -25.65
CA ILE F 130 -79.42 -6.51 -25.51
C ILE F 130 -79.70 -7.17 -26.86
N ILE F 131 -79.94 -6.35 -27.89
CA ILE F 131 -80.28 -6.90 -29.20
C ILE F 131 -79.07 -7.56 -29.84
N ALA F 132 -77.89 -6.94 -29.69
CA ALA F 132 -76.71 -7.41 -30.40
C ALA F 132 -76.22 -8.75 -29.86
N GLU F 133 -76.38 -8.97 -28.56
CA GLU F 133 -75.95 -10.26 -28.01
C GLU F 133 -76.84 -11.39 -28.50
N SER F 134 -78.10 -11.10 -28.78
CA SER F 134 -79.10 -12.12 -29.09
C SER F 134 -79.37 -12.29 -30.57
N LEU F 135 -78.84 -11.40 -31.42
CA LEU F 135 -79.07 -11.50 -32.86
C LEU F 135 -78.87 -12.91 -33.42
N GLN F 136 -77.83 -13.62 -32.94
CA GLN F 136 -77.46 -14.88 -33.58
C GLN F 136 -78.57 -15.91 -33.49
N GLY F 137 -79.49 -15.77 -32.52
CA GLY F 137 -80.58 -16.71 -32.42
C GLY F 137 -81.54 -16.64 -33.60
N TRP F 138 -81.76 -15.45 -34.14
CA TRP F 138 -82.60 -15.26 -35.31
C TRP F 138 -81.81 -15.09 -36.59
N ASN F 139 -80.50 -15.35 -36.55
CA ASN F 139 -79.61 -15.22 -37.70
C ASN F 139 -79.66 -13.85 -38.35
N LEU F 140 -79.99 -12.81 -37.58
CA LEU F 140 -80.02 -11.45 -38.09
C LEU F 140 -78.65 -10.81 -37.99
N VAL F 141 -78.42 -9.80 -38.82
CA VAL F 141 -77.17 -9.06 -38.87
C VAL F 141 -77.48 -7.59 -38.60
N GLN F 142 -76.83 -7.01 -37.60
CA GLN F 142 -77.06 -5.62 -37.25
C GLN F 142 -75.95 -4.74 -37.77
N LEU F 143 -76.32 -3.52 -38.14
CA LEU F 143 -75.37 -2.47 -38.54
C LEU F 143 -75.80 -1.20 -37.82
N SER F 144 -75.03 -0.80 -36.82
CA SER F 144 -75.35 0.38 -36.04
C SER F 144 -74.60 1.59 -36.58
N PHE F 145 -75.04 2.78 -36.14
CA PHE F 145 -74.39 4.01 -36.51
C PHE F 145 -74.26 5.01 -35.36
N ALA F 146 -74.65 4.62 -34.15
CA ALA F 146 -74.57 5.54 -33.01
C ALA F 146 -74.01 4.85 -31.77
N ALA F 147 -73.96 3.52 -31.77
CA ALA F 147 -73.52 2.76 -30.60
C ALA F 147 -72.00 2.74 -30.59
N THR F 148 -71.39 3.59 -29.76
CA THR F 148 -69.95 3.78 -29.77
C THR F 148 -69.23 3.10 -28.60
N THR F 149 -69.93 2.32 -27.79
CA THR F 149 -69.28 1.72 -26.64
C THR F 149 -68.27 0.67 -27.11
N PRO F 150 -67.13 0.55 -26.42
CA PRO F 150 -66.09 -0.38 -26.89
C PRO F 150 -66.35 -1.83 -26.58
N VAL F 151 -67.36 -2.14 -25.76
CA VAL F 151 -67.63 -3.52 -25.41
C VAL F 151 -68.23 -4.28 -26.58
N LEU F 152 -68.94 -3.57 -27.45
CA LEU F 152 -69.55 -4.21 -28.61
C LEU F 152 -68.52 -4.73 -29.61
N ALA F 153 -67.24 -4.39 -29.42
CA ALA F 153 -66.19 -4.84 -30.32
C ALA F 153 -65.77 -6.28 -30.07
N ASP F 154 -66.34 -6.95 -29.08
CA ASP F 154 -65.99 -8.33 -28.77
C ASP F 154 -66.77 -9.27 -29.69
N LYS F 155 -66.10 -9.84 -30.67
CA LYS F 155 -66.75 -10.68 -31.67
C LYS F 155 -66.86 -12.14 -31.24
N LYS F 156 -66.78 -12.42 -29.94
CA LYS F 156 -67.17 -13.71 -29.40
C LYS F 156 -68.48 -13.66 -28.62
N LYS F 157 -68.86 -12.47 -28.16
CA LYS F 157 -70.19 -12.25 -27.61
C LYS F 157 -71.12 -11.51 -28.55
N TYR F 158 -70.57 -10.83 -29.56
CA TYR F 158 -71.37 -10.07 -30.54
C TYR F 158 -70.89 -10.43 -31.94
N PRO F 159 -71.09 -11.67 -32.38
CA PRO F 159 -70.51 -12.08 -33.66
C PRO F 159 -71.19 -11.44 -34.86
N TYR F 160 -72.45 -11.03 -34.73
CA TYR F 160 -73.23 -10.52 -35.85
C TYR F 160 -73.40 -9.02 -35.82
N PHE F 161 -72.61 -8.31 -35.03
CA PHE F 161 -72.74 -6.87 -34.87
C PHE F 161 -71.71 -6.15 -35.74
N PHE F 162 -72.14 -5.09 -36.40
CA PHE F 162 -71.28 -4.26 -37.22
C PHE F 162 -71.50 -2.80 -36.87
N ARG F 163 -70.53 -1.97 -37.24
CA ARG F 163 -70.56 -0.55 -36.91
C ARG F 163 -70.00 0.27 -38.05
N THR F 164 -70.67 1.36 -38.40
CA THR F 164 -70.11 2.34 -39.33
C THR F 164 -69.47 3.51 -38.62
N VAL F 165 -69.62 3.61 -37.31
CA VAL F 165 -69.04 4.70 -36.51
C VAL F 165 -67.85 4.14 -35.75
N PRO F 166 -66.74 4.86 -35.66
CA PRO F 166 -65.60 4.36 -34.88
C PRO F 166 -65.94 4.33 -33.39
N SER F 167 -65.65 3.19 -32.76
CA SER F 167 -65.87 3.07 -31.33
C SER F 167 -64.89 3.97 -30.57
N ASP F 168 -65.23 4.24 -29.31
CA ASP F 168 -64.40 5.18 -28.56
C ASP F 168 -63.16 4.54 -27.96
N ASN F 169 -62.84 3.31 -28.33
CA ASN F 169 -61.51 2.77 -28.05
C ASN F 169 -60.66 2.68 -29.31
N ALA F 170 -61.11 3.29 -30.40
CA ALA F 170 -60.31 3.46 -31.60
C ALA F 170 -59.53 4.76 -31.59
N VAL F 171 -59.63 5.55 -30.52
CA VAL F 171 -58.82 6.75 -30.37
C VAL F 171 -57.45 6.45 -29.78
N ASN F 172 -57.14 5.18 -29.55
CA ASN F 172 -55.84 4.85 -28.95
C ASN F 172 -54.71 4.91 -29.97
N PRO F 173 -54.85 4.40 -31.20
CA PRO F 173 -53.78 4.64 -32.18
C PRO F 173 -53.62 6.09 -32.57
N ALA F 174 -54.70 6.87 -32.54
CA ALA F 174 -54.58 8.31 -32.76
C ALA F 174 -53.72 8.96 -31.69
N ILE F 175 -53.98 8.61 -30.42
CA ILE F 175 -53.16 9.13 -29.33
C ILE F 175 -51.72 8.63 -29.46
N LEU F 176 -51.54 7.40 -29.93
CA LEU F 176 -50.20 6.88 -30.11
C LEU F 176 -49.42 7.69 -31.13
N LYS F 177 -50.05 8.00 -32.26
CA LYS F 177 -49.39 8.83 -33.27
C LYS F 177 -49.16 10.24 -32.76
N LEU F 178 -50.08 10.79 -31.97
CA LEU F 178 -49.87 12.12 -31.40
C LEU F 178 -48.70 12.13 -30.43
N LEU F 179 -48.55 11.06 -29.64
CA LEU F 179 -47.42 10.97 -28.73
C LEU F 179 -46.11 10.82 -29.49
N LYS F 180 -46.11 10.03 -30.56
CA LYS F 180 -44.92 9.89 -31.38
C LYS F 180 -44.58 11.19 -32.10
N HIS F 181 -45.57 12.03 -32.34
CA HIS F 181 -45.31 13.28 -33.06
C HIS F 181 -44.56 14.29 -32.20
N TYR F 182 -44.69 14.21 -30.87
CA TYR F 182 -44.05 15.15 -29.97
C TYR F 182 -43.00 14.50 -29.08
N GLN F 183 -42.67 13.23 -29.33
CA GLN F 183 -41.64 12.51 -28.58
C GLN F 183 -41.99 12.44 -27.09
N TRP F 184 -43.27 12.18 -26.79
CA TRP F 184 -43.72 11.98 -25.41
C TRP F 184 -43.67 10.48 -25.14
N LYS F 185 -42.62 10.03 -24.47
CA LYS F 185 -42.38 8.61 -24.25
C LYS F 185 -42.65 8.17 -22.82
N ARG F 186 -43.40 8.95 -22.04
CA ARG F 186 -43.72 8.58 -20.67
C ARG F 186 -44.99 9.30 -20.27
N VAL F 187 -46.07 8.55 -20.10
CA VAL F 187 -47.39 9.11 -19.86
C VAL F 187 -48.00 8.49 -18.61
N GLY F 188 -48.94 9.21 -18.01
CA GLY F 188 -49.74 8.72 -16.93
C GLY F 188 -51.22 8.74 -17.30
N THR F 189 -52.00 7.99 -16.52
CA THR F 189 -53.42 7.82 -16.84
C THR F 189 -54.26 8.06 -15.59
N LEU F 190 -55.45 8.61 -15.82
CA LEU F 190 -56.45 8.82 -14.77
C LEU F 190 -57.78 8.32 -15.32
N THR F 191 -58.24 7.18 -14.82
CA THR F 191 -59.35 6.45 -15.42
C THR F 191 -60.49 6.31 -14.42
N GLN F 192 -61.70 6.71 -14.83
CA GLN F 192 -62.88 6.43 -14.03
C GLN F 192 -63.24 4.97 -14.15
N ASP F 193 -63.71 4.36 -13.05
CA ASP F 193 -63.87 2.92 -13.01
C ASP F 193 -65.32 2.54 -13.32
N VAL F 194 -65.67 2.62 -14.60
CA VAL F 194 -66.84 1.97 -15.15
C VAL F 194 -66.38 1.17 -16.36
N GLN F 195 -67.33 0.50 -17.01
CA GLN F 195 -66.99 -0.49 -18.02
C GLN F 195 -66.31 0.13 -19.23
N ARG F 196 -66.91 1.19 -19.78
CA ARG F 196 -66.41 1.76 -21.03
C ARG F 196 -64.98 2.28 -20.88
N PHE F 197 -64.72 3.03 -19.81
CA PHE F 197 -63.39 3.60 -19.61
C PHE F 197 -62.37 2.52 -19.24
N SER F 198 -62.77 1.53 -18.46
CA SER F 198 -61.87 0.42 -18.16
C SER F 198 -61.46 -0.31 -19.43
N GLU F 199 -62.41 -0.53 -20.35
CA GLU F 199 -62.05 -1.21 -21.59
C GLU F 199 -61.19 -0.34 -22.48
N VAL F 200 -61.46 0.96 -22.53
CA VAL F 200 -60.60 1.86 -23.30
C VAL F 200 -59.17 1.80 -22.78
N ARG F 201 -59.00 1.77 -21.45
CA ARG F 201 -57.65 1.72 -20.88
C ARG F 201 -56.99 0.36 -21.13
N ASN F 202 -57.75 -0.72 -20.98
CA ASN F 202 -57.20 -2.05 -21.23
C ASN F 202 -56.85 -2.26 -22.71
N ASP F 203 -57.42 -1.45 -23.59
CA ASP F 203 -56.99 -1.48 -24.99
C ASP F 203 -55.78 -0.58 -25.21
N LEU F 204 -55.77 0.58 -24.56
CA LEU F 204 -54.64 1.50 -24.69
C LEU F 204 -53.35 0.82 -24.28
N THR F 205 -53.37 0.05 -23.19
CA THR F 205 -52.16 -0.61 -22.74
C THR F 205 -51.67 -1.67 -23.71
N GLY F 206 -52.52 -2.15 -24.62
CA GLY F 206 -52.11 -3.14 -25.58
C GLY F 206 -51.68 -2.50 -26.88
N VAL F 207 -52.22 -1.33 -27.17
CA VAL F 207 -51.78 -0.57 -28.33
C VAL F 207 -50.33 -0.12 -28.16
N LEU F 208 -49.97 0.32 -26.96
CA LEU F 208 -48.61 0.78 -26.69
C LEU F 208 -47.62 -0.35 -26.57
N TYR F 209 -48.08 -1.60 -26.44
CA TYR F 209 -47.17 -2.72 -26.32
C TYR F 209 -46.44 -2.95 -27.63
N GLY F 210 -45.10 -2.99 -27.56
CA GLY F 210 -44.25 -3.06 -28.73
C GLY F 210 -43.56 -1.74 -29.02
N GLU F 211 -44.23 -0.62 -28.81
CA GLU F 211 -43.63 0.68 -28.91
C GLU F 211 -42.74 0.94 -27.70
N ASP F 212 -42.20 2.17 -27.62
CA ASP F 212 -41.39 2.50 -26.46
C ASP F 212 -41.99 3.69 -25.73
N ILE F 213 -43.31 3.65 -25.52
CA ILE F 213 -44.00 4.62 -24.67
C ILE F 213 -44.43 3.87 -23.43
N GLU F 214 -43.80 4.16 -22.30
CA GLU F 214 -44.07 3.47 -21.05
C GLU F 214 -45.05 4.28 -20.22
N ILE F 215 -46.04 3.60 -19.66
CA ILE F 215 -47.01 4.23 -18.76
C ILE F 215 -46.36 4.30 -17.39
N SER F 216 -45.85 5.48 -17.03
CA SER F 216 -45.17 5.64 -15.74
C SER F 216 -46.09 5.29 -14.59
N ASP F 217 -47.18 6.02 -14.43
CA ASP F 217 -48.11 5.81 -13.34
C ASP F 217 -49.51 5.57 -13.89
N THR F 218 -50.25 4.67 -13.24
CA THR F 218 -51.60 4.32 -13.63
C THR F 218 -52.52 4.53 -12.43
N GLU F 219 -53.60 5.27 -12.65
CA GLU F 219 -54.51 5.62 -11.57
C GLU F 219 -55.95 5.32 -11.98
N SER F 220 -56.81 5.21 -10.98
CA SER F 220 -58.23 4.94 -11.21
C SER F 220 -59.04 5.41 -10.01
N PHE F 221 -60.17 6.03 -10.29
CA PHE F 221 -61.04 6.54 -9.23
C PHE F 221 -62.48 6.15 -9.54
N SER F 222 -63.33 6.25 -8.52
CA SER F 222 -64.73 5.88 -8.63
C SER F 222 -65.67 7.06 -8.45
N ASN F 223 -65.51 7.82 -7.37
CA ASN F 223 -66.41 8.92 -7.05
C ASN F 223 -65.72 10.27 -7.02
N ASP F 224 -64.61 10.39 -6.30
CA ASP F 224 -63.88 11.65 -6.20
C ASP F 224 -62.46 11.45 -6.69
N PRO F 225 -62.02 12.19 -7.70
CA PRO F 225 -60.66 11.97 -8.23
C PRO F 225 -59.58 12.74 -7.49
N CYS F 226 -59.92 13.48 -6.42
CA CYS F 226 -58.93 14.31 -5.75
C CYS F 226 -57.80 13.48 -5.16
N THR F 227 -58.14 12.31 -4.61
CA THR F 227 -57.11 11.45 -4.02
C THR F 227 -56.13 10.95 -5.07
N SER F 228 -56.57 10.88 -6.32
CA SER F 228 -55.75 10.28 -7.37
C SER F 228 -54.93 11.32 -8.13
N VAL F 229 -55.44 12.54 -8.27
CA VAL F 229 -54.64 13.59 -8.88
C VAL F 229 -53.43 13.91 -8.02
N LYS F 230 -53.55 13.77 -6.70
CA LYS F 230 -52.40 13.95 -5.82
C LYS F 230 -51.34 12.89 -6.06
N LYS F 231 -51.75 11.63 -6.25
CA LYS F 231 -50.78 10.58 -6.56
C LYS F 231 -50.17 10.75 -7.94
N LEU F 232 -50.93 11.34 -8.87
CA LEU F 232 -50.34 11.65 -10.17
C LEU F 232 -49.31 12.75 -10.07
N LYS F 233 -49.59 13.78 -9.27
CA LYS F 233 -48.64 14.88 -9.10
C LYS F 233 -47.40 14.42 -8.35
N GLY F 234 -47.56 13.54 -7.36
CA GLY F 234 -46.44 13.10 -6.56
C GLY F 234 -45.48 12.16 -7.26
N ASN F 235 -45.72 11.86 -8.54
CA ASN F 235 -44.84 10.98 -9.30
C ASN F 235 -44.26 11.68 -10.53
N ASP F 236 -44.40 13.00 -10.63
CA ASP F 236 -43.91 13.78 -11.77
C ASP F 236 -44.44 13.19 -13.09
N VAL F 237 -45.75 13.21 -13.23
CA VAL F 237 -46.39 12.84 -14.50
C VAL F 237 -46.72 14.13 -15.24
N ARG F 238 -46.22 14.25 -16.47
CA ARG F 238 -46.39 15.46 -17.25
C ARG F 238 -47.50 15.34 -18.28
N ILE F 239 -47.54 14.24 -19.02
CA ILE F 239 -48.59 13.98 -20.00
C ILE F 239 -49.56 12.99 -19.39
N ILE F 240 -50.84 13.36 -19.35
CA ILE F 240 -51.86 12.59 -18.67
C ILE F 240 -52.95 12.23 -19.68
N LEU F 241 -53.24 10.94 -19.80
CA LEU F 241 -54.32 10.47 -20.66
C LEU F 241 -55.50 10.16 -19.76
N GLY F 242 -56.51 11.02 -19.81
CA GLY F 242 -57.68 10.83 -18.96
C GLY F 242 -58.81 10.13 -19.70
N GLN F 243 -59.43 9.17 -19.03
CA GLN F 243 -60.60 8.46 -19.52
C GLN F 243 -61.66 8.52 -18.43
N PHE F 244 -62.44 9.60 -18.43
CA PHE F 244 -63.48 9.79 -17.42
C PHE F 244 -64.68 10.46 -18.07
N ASP F 245 -65.74 10.61 -17.29
CA ASP F 245 -67.02 11.09 -17.77
C ASP F 245 -67.05 12.62 -17.76
N GLN F 246 -68.18 13.17 -18.22
CA GLN F 246 -68.32 14.61 -18.32
C GLN F 246 -68.49 15.26 -16.96
N ASN F 247 -69.25 14.62 -16.07
CA ASN F 247 -69.45 15.17 -14.74
C ASN F 247 -68.18 15.06 -13.90
N MET F 248 -67.37 14.03 -14.15
CA MET F 248 -66.12 13.88 -13.43
C MET F 248 -65.01 14.75 -14.00
N ALA F 249 -65.17 15.25 -15.23
CA ALA F 249 -64.13 16.08 -15.82
C ALA F 249 -63.99 17.41 -15.08
N ALA F 250 -65.13 18.00 -14.69
CA ALA F 250 -65.07 19.24 -13.91
C ALA F 250 -64.35 19.03 -12.59
N LYS F 251 -64.64 17.93 -11.90
CA LYS F 251 -63.96 17.63 -10.65
C LYS F 251 -62.47 17.40 -10.89
N VAL F 252 -62.12 16.70 -11.96
CA VAL F 252 -60.72 16.44 -12.25
C VAL F 252 -59.97 17.73 -12.50
N PHE F 253 -60.59 18.67 -13.23
CA PHE F 253 -59.90 19.91 -13.53
C PHE F 253 -59.84 20.83 -12.33
N CYS F 254 -60.86 20.81 -11.47
CA CYS F 254 -60.75 21.55 -10.21
C CYS F 254 -59.63 21.00 -9.34
N CYS F 255 -59.54 19.67 -9.23
CA CYS F 255 -58.48 19.06 -8.42
C CYS F 255 -57.12 19.28 -9.05
N ALA F 256 -57.06 19.43 -10.37
CA ALA F 256 -55.80 19.76 -11.02
C ALA F 256 -55.40 21.21 -10.77
N TYR F 257 -56.37 22.11 -10.73
CA TYR F 257 -56.07 23.49 -10.38
C TYR F 257 -55.57 23.60 -8.95
N GLU F 258 -56.20 22.86 -8.03
CA GLU F 258 -55.76 22.92 -6.63
C GLU F 258 -54.40 22.28 -6.47
N GLU F 259 -54.14 21.18 -7.17
CA GLU F 259 -52.84 20.52 -7.13
C GLU F 259 -51.80 21.22 -8.00
N ASN F 260 -52.17 22.28 -8.69
CA ASN F 260 -51.27 23.00 -9.59
C ASN F 260 -50.75 22.08 -10.69
N MET F 261 -51.63 21.23 -11.22
CA MET F 261 -51.29 20.33 -12.31
C MET F 261 -51.76 20.90 -13.64
N TYR F 262 -51.17 22.04 -14.01
CA TYR F 262 -51.51 22.71 -15.27
C TYR F 262 -50.41 23.73 -15.57
N GLY F 263 -50.65 24.54 -16.60
CA GLY F 263 -49.72 25.58 -16.95
C GLY F 263 -48.86 25.25 -18.15
N SER F 264 -47.58 25.60 -18.07
CA SER F 264 -46.67 25.51 -19.21
C SER F 264 -45.99 24.16 -19.35
N LYS F 265 -46.10 23.28 -18.35
CA LYS F 265 -45.34 22.04 -18.36
C LYS F 265 -46.21 20.80 -18.14
N TYR F 266 -47.52 20.92 -18.28
CA TYR F 266 -48.43 19.79 -18.16
C TYR F 266 -49.36 19.75 -19.36
N GLN F 267 -49.70 18.54 -19.79
CA GLN F 267 -50.59 18.33 -20.92
C GLN F 267 -51.66 17.31 -20.56
N TRP F 268 -52.91 17.64 -20.87
CA TRP F 268 -54.04 16.75 -20.65
C TRP F 268 -54.62 16.30 -21.99
N ILE F 269 -54.97 15.02 -22.09
CA ILE F 269 -55.57 14.45 -23.29
C ILE F 269 -56.80 13.68 -22.83
N ILE F 270 -57.97 14.32 -22.90
CA ILE F 270 -59.21 13.75 -22.38
C ILE F 270 -60.15 13.47 -23.55
N PRO F 271 -61.24 12.72 -23.35
CA PRO F 271 -62.15 12.44 -24.47
C PRO F 271 -62.83 13.71 -24.97
N GLY F 272 -63.22 13.68 -26.24
CA GLY F 272 -63.81 14.82 -26.89
C GLY F 272 -65.28 14.71 -27.22
N TRP F 273 -65.95 13.63 -26.80
CA TRP F 273 -67.37 13.49 -27.10
C TRP F 273 -68.26 14.23 -26.12
N TYR F 274 -67.69 15.00 -25.19
CA TYR F 274 -68.51 15.78 -24.28
C TYR F 274 -69.34 16.78 -25.07
N GLU F 275 -70.52 17.09 -24.54
CA GLU F 275 -71.40 18.03 -25.21
C GLU F 275 -70.74 19.41 -25.25
N PRO F 276 -71.05 20.22 -26.26
CA PRO F 276 -70.40 21.53 -26.37
C PRO F 276 -70.80 22.43 -25.21
N SER F 277 -69.85 23.24 -24.76
CA SER F 277 -70.05 24.15 -23.63
C SER F 277 -70.43 23.37 -22.38
N TRP F 278 -69.64 22.35 -22.06
CA TRP F 278 -69.91 21.49 -20.92
C TRP F 278 -69.32 22.04 -19.62
N TRP F 279 -68.55 23.12 -19.67
CA TRP F 279 -67.89 23.61 -18.47
C TRP F 279 -68.75 24.62 -17.72
N GLU F 280 -69.30 25.62 -18.42
CA GLU F 280 -70.10 26.62 -17.73
C GLU F 280 -71.50 26.13 -17.38
N GLN F 281 -71.88 24.94 -17.84
CA GLN F 281 -73.14 24.34 -17.45
C GLN F 281 -73.08 23.79 -16.02
N VAL F 282 -71.88 23.51 -15.52
CA VAL F 282 -71.71 23.01 -14.16
C VAL F 282 -71.83 24.17 -13.18
N HIS F 283 -72.55 23.93 -12.09
CA HIS F 283 -72.72 24.93 -11.06
C HIS F 283 -73.07 24.30 -9.72
N ARG F 290 -67.13 23.89 -6.82
CA ARG F 290 -66.16 24.12 -5.76
C ARG F 290 -65.20 25.24 -6.13
N CYS F 291 -64.69 25.21 -7.36
CA CYS F 291 -63.84 26.25 -7.89
C CYS F 291 -64.64 27.17 -8.80
N LEU F 292 -64.50 28.47 -8.56
CA LEU F 292 -65.17 29.45 -9.39
C LEU F 292 -64.65 29.38 -10.82
N ARG F 293 -65.50 29.75 -11.78
CA ARG F 293 -65.31 29.37 -13.17
C ARG F 293 -63.99 29.87 -13.75
N LYS F 294 -63.46 30.98 -13.24
CA LYS F 294 -62.21 31.50 -13.80
C LYS F 294 -61.07 30.52 -13.56
N ASN F 295 -61.02 29.90 -12.38
CA ASN F 295 -59.96 28.94 -12.11
C ASN F 295 -60.18 27.64 -12.89
N LEU F 296 -61.43 27.23 -13.05
CA LEU F 296 -61.71 26.06 -13.87
C LEU F 296 -61.25 26.25 -15.30
N LEU F 297 -61.50 27.44 -15.86
CA LEU F 297 -61.05 27.72 -17.22
C LEU F 297 -59.53 27.84 -17.29
N ALA F 298 -58.92 28.39 -16.25
CA ALA F 298 -57.46 28.50 -16.25
C ALA F 298 -56.79 27.14 -16.11
N ALA F 299 -57.51 26.16 -15.56
CA ALA F 299 -56.92 24.84 -15.37
C ALA F 299 -57.09 23.95 -16.59
N MET F 300 -58.09 24.20 -17.42
CA MET F 300 -58.39 23.35 -18.56
C MET F 300 -58.00 23.98 -19.89
N GLU F 301 -57.27 25.08 -19.88
CA GLU F 301 -56.90 25.75 -21.12
C GLU F 301 -55.74 24.99 -21.77
N GLY F 302 -56.01 24.34 -22.90
CA GLY F 302 -54.99 23.64 -23.65
C GLY F 302 -55.12 22.14 -23.68
N TYR F 303 -56.22 21.57 -23.18
CA TYR F 303 -56.38 20.13 -23.24
C TYR F 303 -56.80 19.70 -24.64
N ILE F 304 -56.29 18.55 -25.07
CA ILE F 304 -56.52 18.05 -26.42
C ILE F 304 -57.59 16.97 -26.34
N GLY F 305 -58.77 17.26 -26.87
CA GLY F 305 -59.80 16.26 -26.99
C GLY F 305 -59.59 15.40 -28.23
N VAL F 306 -60.14 14.20 -28.18
CA VAL F 306 -59.98 13.24 -29.27
C VAL F 306 -61.32 12.54 -29.49
N ASP F 307 -61.77 12.53 -30.74
CA ASP F 307 -63.11 12.07 -31.07
C ASP F 307 -63.18 11.78 -32.56
N PHE F 308 -64.22 11.05 -32.97
CA PHE F 308 -64.40 10.76 -34.39
C PHE F 308 -64.88 12.01 -35.12
N GLU F 309 -64.78 11.96 -36.46
CA GLU F 309 -65.12 13.12 -37.27
C GLU F 309 -66.46 12.92 -37.98
N PRO F 310 -67.33 13.92 -37.98
CA PRO F 310 -68.65 13.74 -38.61
C PRO F 310 -68.59 13.53 -40.11
N LEU F 311 -67.91 14.42 -40.85
CA LEU F 311 -67.90 14.36 -42.29
C LEU F 311 -66.48 14.45 -42.82
N SER F 312 -66.28 13.94 -44.03
CA SER F 312 -64.98 14.02 -44.68
C SER F 312 -64.75 15.43 -45.22
N SER F 313 -63.48 15.74 -45.47
CA SER F 313 -63.09 17.06 -45.97
C SER F 313 -62.51 17.00 -47.38
N LYS F 314 -62.58 15.85 -48.04
CA LYS F 314 -62.07 15.74 -49.40
C LYS F 314 -63.09 16.27 -50.41
N GLN F 315 -62.72 16.18 -51.68
CA GLN F 315 -63.63 16.52 -52.77
C GLN F 315 -63.79 15.38 -53.78
N ILE F 316 -63.19 14.21 -53.51
CA ILE F 316 -63.36 13.08 -54.41
C ILE F 316 -64.80 12.61 -54.39
N LYS F 317 -65.31 12.22 -55.55
CA LYS F 317 -66.70 11.82 -55.68
C LYS F 317 -66.97 10.51 -54.96
N THR F 318 -67.98 10.50 -54.10
CA THR F 318 -68.32 9.33 -53.31
C THR F 318 -69.04 8.30 -54.18
N ILE F 319 -69.53 7.24 -53.53
CA ILE F 319 -70.24 6.20 -54.26
C ILE F 319 -71.58 6.71 -54.76
N SER F 320 -72.14 7.72 -54.09
CA SER F 320 -73.41 8.30 -54.51
C SER F 320 -73.28 9.19 -55.73
N GLY F 321 -72.06 9.47 -56.20
CA GLY F 321 -71.87 10.41 -57.28
C GLY F 321 -71.80 11.85 -56.85
N LYS F 322 -71.84 12.13 -55.55
CA LYS F 322 -71.76 13.48 -55.02
C LYS F 322 -70.52 13.62 -54.14
N THR F 323 -70.25 14.84 -53.73
CA THR F 323 -69.18 15.15 -52.82
C THR F 323 -69.74 15.43 -51.44
N PRO F 324 -68.93 15.24 -50.38
CA PRO F 324 -69.43 15.49 -49.02
C PRO F 324 -70.03 16.87 -48.82
N GLN F 325 -69.49 17.90 -49.47
CA GLN F 325 -70.05 19.24 -49.31
C GLN F 325 -71.46 19.32 -49.91
N GLN F 326 -71.66 18.73 -51.08
CA GLN F 326 -72.98 18.74 -51.68
C GLN F 326 -73.97 17.93 -50.85
N TYR F 327 -73.52 16.80 -50.29
CA TYR F 327 -74.40 16.01 -49.44
C TYR F 327 -74.80 16.80 -48.21
N GLU F 328 -73.85 17.47 -47.57
CA GLU F 328 -74.19 18.26 -46.40
C GLU F 328 -75.14 19.39 -46.76
N ARG F 329 -74.95 20.01 -47.93
CA ARG F 329 -75.85 21.07 -48.36
C ARG F 329 -77.28 20.56 -48.54
N GLU F 330 -77.43 19.42 -49.22
CA GLU F 330 -78.77 18.92 -49.47
C GLU F 330 -79.41 18.38 -48.20
N TYR F 331 -78.62 17.83 -47.28
CA TYR F 331 -79.16 17.41 -46.00
C TYR F 331 -79.63 18.60 -45.19
N ASN F 332 -78.85 19.69 -45.19
CA ASN F 332 -79.23 20.85 -44.40
C ASN F 332 -80.41 21.59 -45.01
N ASN F 333 -80.59 21.52 -46.33
CA ASN F 333 -81.78 22.14 -46.91
C ASN F 333 -82.97 21.20 -46.97
N LYS F 334 -82.78 19.90 -46.70
CA LYS F 334 -83.91 18.99 -46.64
C LYS F 334 -84.63 19.08 -45.30
N ARG F 335 -83.95 18.79 -44.20
CA ARG F 335 -84.55 18.98 -42.89
C ARG F 335 -84.79 20.46 -42.66
N SER F 336 -86.02 20.81 -42.29
CA SER F 336 -86.37 22.23 -42.17
C SER F 336 -85.96 22.78 -40.81
N GLY F 337 -86.52 22.25 -39.73
CA GLY F 337 -86.25 22.76 -38.40
C GLY F 337 -85.72 21.71 -37.45
N VAL F 338 -85.65 20.46 -37.90
CA VAL F 338 -85.15 19.38 -37.08
C VAL F 338 -83.69 19.64 -36.73
N GLY F 339 -83.31 19.32 -35.49
CA GLY F 339 -81.98 19.55 -35.02
C GLY F 339 -80.94 18.71 -35.73
N PRO F 340 -79.79 19.28 -36.03
CA PRO F 340 -78.74 18.53 -36.74
C PRO F 340 -78.04 17.57 -35.80
N SER F 341 -77.98 16.31 -36.20
CA SER F 341 -77.29 15.28 -35.44
C SER F 341 -75.86 15.12 -35.96
N LYS F 342 -75.07 14.35 -35.23
CA LYS F 342 -73.70 14.08 -35.64
C LYS F 342 -73.57 12.81 -36.47
N PHE F 343 -74.59 11.97 -36.48
CA PHE F 343 -74.50 10.66 -37.13
C PHE F 343 -75.23 10.61 -38.46
N HIS F 344 -75.52 11.74 -39.09
CA HIS F 344 -76.26 11.69 -40.34
C HIS F 344 -75.40 11.15 -41.47
N GLY F 345 -74.13 11.55 -41.52
CA GLY F 345 -73.23 10.97 -42.50
C GLY F 345 -73.03 9.49 -42.30
N TYR F 346 -72.92 9.05 -41.05
CA TYR F 346 -72.76 7.63 -40.78
C TYR F 346 -74.02 6.85 -41.10
N ALA F 347 -75.19 7.47 -41.00
CA ALA F 347 -76.42 6.81 -41.42
C ALA F 347 -76.53 6.69 -42.92
N TYR F 348 -76.15 7.75 -43.65
CA TYR F 348 -76.06 7.66 -45.10
C TYR F 348 -75.15 6.51 -45.52
N ASP F 349 -73.95 6.47 -44.96
CA ASP F 349 -73.02 5.39 -45.28
C ASP F 349 -73.57 4.03 -44.88
N GLY F 350 -74.31 3.97 -43.77
CA GLY F 350 -74.85 2.69 -43.35
C GLY F 350 -75.92 2.16 -44.29
N ILE F 351 -76.78 3.04 -44.78
CA ILE F 351 -77.78 2.62 -45.76
C ILE F 351 -77.10 2.18 -47.04
N TRP F 352 -76.06 2.90 -47.47
CA TRP F 352 -75.36 2.47 -48.69
C TRP F 352 -74.65 1.14 -48.48
N VAL F 353 -74.12 0.91 -47.28
CA VAL F 353 -73.51 -0.38 -46.97
C VAL F 353 -74.55 -1.49 -47.04
N ILE F 354 -75.74 -1.25 -46.49
CA ILE F 354 -76.79 -2.26 -46.53
C ILE F 354 -77.18 -2.57 -47.97
N ALA F 355 -77.35 -1.53 -48.80
CA ALA F 355 -77.70 -1.76 -50.19
C ALA F 355 -76.62 -2.55 -50.92
N LYS F 356 -75.36 -2.16 -50.77
CA LYS F 356 -74.29 -2.84 -51.47
C LYS F 356 -74.13 -4.29 -51.00
N THR F 357 -74.30 -4.55 -49.70
CA THR F 357 -74.13 -5.91 -49.21
C THR F 357 -75.29 -6.79 -49.63
N LEU F 358 -76.51 -6.25 -49.67
CA LEU F 358 -77.63 -7.02 -50.21
C LEU F 358 -77.42 -7.33 -51.68
N GLN F 359 -76.89 -6.36 -52.43
CA GLN F 359 -76.61 -6.59 -53.85
C GLN F 359 -75.60 -7.72 -54.02
N ARG F 360 -74.45 -7.60 -53.35
CA ARG F 360 -73.41 -8.63 -53.53
C ARG F 360 -73.78 -9.95 -52.85
N ALA F 361 -74.81 -9.96 -52.00
CA ALA F 361 -75.31 -11.24 -51.48
C ALA F 361 -76.26 -11.89 -52.46
N MET F 362 -77.08 -11.09 -53.16
CA MET F 362 -77.91 -11.65 -54.22
C MET F 362 -77.06 -12.10 -55.41
N GLU F 363 -75.89 -11.49 -55.60
CA GLU F 363 -75.03 -11.89 -56.70
C GLU F 363 -74.57 -13.34 -56.56
N THR F 364 -74.24 -13.76 -55.33
CA THR F 364 -73.76 -15.12 -55.10
C THR F 364 -74.89 -16.12 -54.92
N LEU F 365 -76.11 -15.80 -55.34
CA LEU F 365 -77.23 -16.72 -55.24
C LEU F 365 -77.82 -17.03 -56.61
N ILE F 374 -84.08 -20.52 -52.07
CA ILE F 374 -82.73 -20.16 -51.64
C ILE F 374 -82.75 -18.81 -50.94
N GLN F 375 -83.61 -17.91 -51.43
CA GLN F 375 -83.61 -16.52 -50.99
C GLN F 375 -84.53 -16.27 -49.80
N ASP F 376 -85.47 -17.16 -49.53
CA ASP F 376 -86.40 -16.96 -48.42
C ASP F 376 -85.63 -16.94 -47.09
N PHE F 377 -86.17 -16.18 -46.13
CA PHE F 377 -85.55 -16.04 -44.82
C PHE F 377 -86.63 -16.10 -43.75
N ASN F 378 -86.76 -17.24 -43.09
CA ASN F 378 -87.72 -17.42 -42.01
C ASN F 378 -87.05 -17.56 -40.65
N TYR F 379 -85.96 -16.83 -40.44
CA TYR F 379 -85.15 -16.81 -39.21
C TYR F 379 -84.57 -18.18 -38.87
N THR F 380 -84.72 -19.17 -39.75
CA THR F 380 -84.12 -20.48 -39.55
C THR F 380 -82.91 -20.69 -40.45
N ASP F 381 -82.78 -19.88 -41.50
CA ASP F 381 -81.72 -20.01 -42.49
C ASP F 381 -80.37 -19.58 -41.95
N HIS F 382 -79.58 -20.54 -41.51
CA HIS F 382 -78.21 -20.24 -41.10
C HIS F 382 -77.37 -19.83 -42.30
N THR F 383 -77.63 -20.44 -43.46
CA THR F 383 -76.81 -20.18 -44.63
C THR F 383 -76.97 -18.74 -45.12
N LEU F 384 -78.19 -18.22 -45.11
CA LEU F 384 -78.38 -16.84 -45.53
C LEU F 384 -77.72 -15.85 -44.56
N GLY F 385 -77.79 -16.13 -43.26
CA GLY F 385 -77.08 -15.30 -42.30
C GLY F 385 -75.58 -15.30 -42.54
N ARG F 386 -75.01 -16.49 -42.81
CA ARG F 386 -73.58 -16.55 -43.07
C ARG F 386 -73.22 -15.84 -44.37
N ILE F 387 -74.10 -15.93 -45.37
CA ILE F 387 -73.84 -15.24 -46.64
C ILE F 387 -73.86 -13.73 -46.43
N ILE F 388 -74.82 -13.23 -45.65
CA ILE F 388 -74.87 -11.79 -45.42
C ILE F 388 -73.68 -11.33 -44.59
N LEU F 389 -73.24 -12.13 -43.62
CA LEU F 389 -72.02 -11.81 -42.89
C LEU F 389 -70.82 -11.69 -43.82
N ASN F 390 -70.60 -12.73 -44.64
CA ASN F 390 -69.43 -12.74 -45.50
C ASN F 390 -69.51 -11.66 -46.57
N ALA F 391 -70.72 -11.21 -46.92
CA ALA F 391 -70.84 -10.12 -47.86
C ALA F 391 -70.59 -8.77 -47.19
N MET F 392 -70.98 -8.65 -45.91
CA MET F 392 -70.75 -7.41 -45.19
C MET F 392 -69.27 -7.23 -44.86
N ASN F 393 -68.55 -8.34 -44.67
CA ASN F 393 -67.12 -8.25 -44.42
C ASN F 393 -66.37 -7.66 -45.61
N GLU F 394 -66.98 -7.68 -46.79
CA GLU F 394 -66.33 -7.26 -48.02
C GLU F 394 -66.62 -5.80 -48.38
N THR F 395 -67.20 -5.03 -47.49
CA THR F 395 -67.57 -3.65 -47.79
C THR F 395 -66.32 -2.79 -47.92
N ASN F 396 -66.17 -2.13 -49.06
CA ASN F 396 -65.04 -1.22 -49.28
C ASN F 396 -65.45 -0.21 -50.35
N PHE F 397 -65.80 0.99 -49.92
CA PHE F 397 -66.13 2.05 -50.86
C PHE F 397 -65.96 3.39 -50.15
N PHE F 398 -65.77 4.43 -50.96
CA PHE F 398 -65.61 5.78 -50.42
C PHE F 398 -67.00 6.38 -50.20
N GLY F 399 -67.41 6.45 -48.94
CA GLY F 399 -68.66 7.08 -48.58
C GLY F 399 -68.49 8.55 -48.31
N VAL F 400 -69.53 9.15 -47.73
CA VAL F 400 -69.48 10.58 -47.45
C VAL F 400 -68.64 10.87 -46.21
N THR F 401 -68.40 9.88 -45.36
CA THR F 401 -67.58 10.04 -44.17
C THR F 401 -66.19 9.43 -44.34
N GLY F 402 -65.72 9.32 -45.57
CA GLY F 402 -64.46 8.66 -45.85
C GLY F 402 -64.68 7.28 -46.42
N GLN F 403 -63.59 6.51 -46.43
CA GLN F 403 -63.67 5.15 -46.94
C GLN F 403 -64.26 4.22 -45.89
N VAL F 404 -65.17 3.35 -46.32
CA VAL F 404 -65.91 2.48 -45.42
C VAL F 404 -65.25 1.10 -45.47
N VAL F 405 -64.44 0.79 -44.46
CA VAL F 405 -63.75 -0.47 -44.36
C VAL F 405 -64.00 -1.04 -42.97
N PHE F 406 -64.17 -2.36 -42.89
CA PHE F 406 -64.44 -3.05 -41.63
C PHE F 406 -63.26 -3.94 -41.26
N ARG F 407 -62.79 -3.80 -40.02
CA ARG F 407 -61.78 -4.69 -39.46
C ARG F 407 -62.44 -5.41 -38.29
N ASN F 408 -62.91 -6.64 -38.55
CA ASN F 408 -63.63 -7.44 -37.57
C ASN F 408 -64.85 -6.68 -37.04
N GLY F 409 -65.69 -6.22 -37.98
CA GLY F 409 -66.90 -5.52 -37.65
C GLY F 409 -66.72 -4.07 -37.23
N GLU F 410 -65.49 -3.61 -37.07
CA GLU F 410 -65.23 -2.26 -36.59
C GLU F 410 -64.80 -1.36 -37.75
N ARG F 411 -65.41 -0.18 -37.84
CA ARG F 411 -65.13 0.72 -38.95
C ARG F 411 -63.78 1.39 -38.76
N MET F 412 -63.03 1.51 -39.85
CA MET F 412 -61.75 2.22 -39.88
C MET F 412 -62.00 3.61 -40.43
N GLY F 413 -62.13 4.59 -39.54
CA GLY F 413 -62.48 5.92 -39.97
C GLY F 413 -61.45 6.96 -39.60
N THR F 414 -61.85 8.22 -39.54
CA THR F 414 -60.96 9.32 -39.21
C THR F 414 -61.27 9.84 -37.82
N ILE F 415 -60.25 10.01 -37.00
CA ILE F 415 -60.37 10.51 -35.64
C ILE F 415 -59.79 11.91 -35.61
N LYS F 416 -60.57 12.88 -35.19
CA LYS F 416 -60.09 14.25 -35.19
C LYS F 416 -59.61 14.66 -33.80
N PHE F 417 -58.66 15.59 -33.78
CA PHE F 417 -58.13 16.16 -32.55
C PHE F 417 -58.63 17.59 -32.41
N THR F 418 -58.97 17.97 -31.19
CA THR F 418 -59.42 19.33 -30.92
C THR F 418 -58.79 19.81 -29.63
N GLN F 419 -58.44 21.08 -29.59
CA GLN F 419 -57.72 21.66 -28.47
C GLN F 419 -58.51 22.82 -27.90
N PHE F 420 -58.68 22.82 -26.58
CA PHE F 420 -59.43 23.87 -25.91
C PHE F 420 -58.58 25.14 -25.86
N GLN F 421 -58.81 26.03 -26.80
CA GLN F 421 -58.21 27.36 -26.70
C GLN F 421 -59.12 28.24 -25.83
N ASP F 422 -58.83 29.54 -25.84
CA ASP F 422 -59.24 30.47 -24.78
C ASP F 422 -60.62 30.19 -24.20
N SER F 423 -61.64 30.10 -25.05
CA SER F 423 -62.99 29.81 -24.55
C SER F 423 -63.78 28.91 -25.48
N ARG F 424 -63.11 28.13 -26.34
CA ARG F 424 -63.80 27.30 -27.31
C ARG F 424 -62.84 26.25 -27.83
N GLU F 425 -63.39 25.13 -28.27
CA GLU F 425 -62.58 24.07 -28.85
C GLU F 425 -62.43 24.29 -30.34
N VAL F 426 -61.21 24.13 -30.85
CA VAL F 426 -60.90 24.31 -32.26
C VAL F 426 -60.24 23.05 -32.79
N LYS F 427 -60.42 22.78 -34.07
CA LYS F 427 -59.85 21.59 -34.68
C LYS F 427 -58.36 21.80 -34.93
N VAL F 428 -57.55 20.80 -34.57
CA VAL F 428 -56.10 20.91 -34.66
C VAL F 428 -55.47 19.72 -35.37
N GLY F 429 -56.24 18.90 -36.04
CA GLY F 429 -55.66 17.81 -36.79
C GLY F 429 -56.63 16.65 -36.92
N GLU F 430 -56.21 15.66 -37.72
CA GLU F 430 -56.99 14.47 -37.97
C GLU F 430 -56.05 13.27 -37.97
N TYR F 431 -56.64 12.09 -37.84
CA TYR F 431 -55.91 10.83 -37.92
C TYR F 431 -56.70 9.87 -38.81
N ASN F 432 -56.15 9.58 -39.99
CA ASN F 432 -56.78 8.64 -40.92
C ASN F 432 -56.33 7.24 -40.57
N ALA F 433 -57.26 6.44 -40.03
CA ALA F 433 -56.89 5.13 -39.51
C ALA F 433 -56.66 4.10 -40.60
N VAL F 434 -57.17 4.34 -41.81
CA VAL F 434 -56.97 3.38 -42.89
C VAL F 434 -55.54 3.46 -43.41
N ALA F 435 -55.04 4.68 -43.63
CA ALA F 435 -53.66 4.88 -44.04
C ALA F 435 -52.71 4.99 -42.86
N ASP F 436 -53.23 5.10 -41.64
CA ASP F 436 -52.42 5.21 -40.42
C ASP F 436 -51.50 6.41 -40.50
N THR F 437 -52.09 7.58 -40.73
CA THR F 437 -51.35 8.82 -40.88
C THR F 437 -52.00 9.91 -40.05
N LEU F 438 -51.18 10.63 -39.30
CA LEU F 438 -51.63 11.75 -38.50
C LEU F 438 -51.09 13.04 -39.09
N GLU F 439 -51.99 13.96 -39.42
CA GLU F 439 -51.62 15.28 -39.90
C GLU F 439 -52.15 16.31 -38.92
N ILE F 440 -51.27 17.19 -38.45
CA ILE F 440 -51.61 18.20 -37.45
C ILE F 440 -51.74 19.54 -38.18
N ILE F 441 -52.92 20.14 -38.10
CA ILE F 441 -53.16 21.42 -38.75
C ILE F 441 -52.36 22.48 -38.00
N ASN F 442 -51.30 22.98 -38.61
CA ASN F 442 -50.53 24.05 -38.02
C ASN F 442 -51.34 25.35 -38.05
N ASP F 443 -50.80 26.37 -37.37
CA ASP F 443 -51.43 27.68 -37.22
C ASP F 443 -52.61 27.57 -36.25
N THR F 444 -52.93 26.36 -35.80
CA THR F 444 -54.05 26.14 -34.89
C THR F 444 -53.58 25.66 -33.52
N ILE F 445 -52.81 24.57 -33.49
CA ILE F 445 -52.37 24.00 -32.22
C ILE F 445 -51.33 24.92 -31.61
N ARG F 446 -51.45 25.15 -30.30
CA ARG F 446 -50.55 26.06 -29.61
C ARG F 446 -50.31 25.54 -28.19
N PHE F 447 -49.26 26.06 -27.57
CA PHE F 447 -48.91 25.71 -26.21
C PHE F 447 -48.61 26.99 -25.43
N GLN F 448 -48.86 26.94 -24.13
CA GLN F 448 -48.65 28.11 -23.29
C GLN F 448 -47.17 28.47 -23.20
N GLY F 449 -46.30 27.47 -23.12
CA GLY F 449 -44.88 27.72 -23.28
C GLY F 449 -44.51 27.81 -24.75
N SER F 450 -43.23 28.09 -24.99
CA SER F 450 -42.76 28.18 -26.37
C SER F 450 -42.79 26.82 -27.05
N GLU F 451 -42.21 25.81 -26.41
CA GLU F 451 -42.12 24.47 -26.95
C GLU F 451 -43.17 23.56 -26.32
N PRO F 452 -43.48 22.43 -26.94
CA PRO F 452 -44.40 21.47 -26.34
C PRO F 452 -43.88 20.99 -24.98
N PRO F 453 -44.76 20.86 -23.99
CA PRO F 453 -44.32 20.39 -22.67
C PRO F 453 -43.71 19.01 -22.74
N LYS F 454 -42.53 18.84 -22.15
CA LYS F 454 -41.83 17.57 -22.18
C LYS F 454 -41.97 16.85 -20.85
N ASP F 455 -41.98 15.53 -20.90
CA ASP F 455 -42.01 14.72 -19.70
C ASP F 455 -40.60 14.61 -19.11
N LYS F 456 -40.50 13.85 -18.01
CA LYS F 456 -39.21 13.34 -17.56
C LYS F 456 -38.19 14.45 -17.34
N THR F 457 -38.41 15.26 -16.31
CA THR F 457 -37.49 16.35 -15.97
C THR F 457 -36.04 15.94 -16.13
N ILE F 458 -35.25 16.80 -16.76
CA ILE F 458 -33.90 16.43 -17.17
C ILE F 458 -33.03 16.20 -15.94
N ILE F 459 -32.22 15.15 -15.99
CA ILE F 459 -31.37 14.75 -14.87
C ILE F 459 -29.93 15.09 -15.24
N LEU F 460 -29.32 15.96 -14.44
CA LEU F 460 -27.92 16.32 -14.62
C LEU F 460 -27.02 15.34 -13.90
N GLU F 461 -25.72 15.57 -14.04
CA GLU F 461 -24.70 14.84 -13.27
C GLU F 461 -23.59 15.85 -12.95
N GLN F 462 -23.71 16.49 -11.79
CA GLN F 462 -22.75 17.50 -11.39
C GLN F 462 -21.69 16.89 -10.49
N LEU F 463 -20.44 17.30 -10.70
CA LEU F 463 -19.36 16.88 -9.82
C LEU F 463 -19.41 17.64 -8.52
N ARG F 464 -19.22 16.92 -7.41
CA ARG F 464 -19.08 17.54 -6.10
C ARG F 464 -17.68 18.14 -6.02
N LYS F 465 -17.57 19.38 -6.47
CA LYS F 465 -16.29 20.00 -6.75
C LYS F 465 -15.64 20.55 -5.48
N ILE F 466 -14.32 20.65 -5.51
CA ILE F 466 -13.58 21.35 -4.45
C ILE F 466 -13.65 22.84 -4.71
N SER F 467 -14.00 23.61 -3.69
CA SER F 467 -14.18 25.05 -3.84
C SER F 467 -12.92 25.68 -4.41
N LEU F 468 -13.10 26.68 -5.26
CA LEU F 468 -11.97 27.36 -5.89
C LEU F 468 -11.28 28.34 -4.96
N PRO F 469 -12.01 29.16 -4.18
CA PRO F 469 -11.32 30.02 -3.21
C PRO F 469 -10.51 29.25 -2.18
N LEU F 470 -11.01 28.10 -1.70
CA LEU F 470 -10.24 27.30 -0.76
C LEU F 470 -8.97 26.80 -1.40
N TYR F 471 -9.06 26.29 -2.63
CA TYR F 471 -7.88 25.84 -3.34
C TYR F 471 -6.88 26.97 -3.53
N SER F 472 -7.36 28.16 -3.88
CA SER F 472 -6.46 29.29 -4.08
C SER F 472 -5.78 29.70 -2.79
N ILE F 473 -6.53 29.74 -1.68
CA ILE F 473 -5.94 30.13 -0.41
C ILE F 473 -4.88 29.12 0.03
N LEU F 474 -5.19 27.83 -0.09
CA LEU F 474 -4.22 26.83 0.36
C LEU F 474 -3.02 26.77 -0.58
N SER F 475 -3.21 27.05 -1.87
CA SER F 475 -2.07 27.12 -2.78
C SER F 475 -1.19 28.33 -2.47
N ALA F 476 -1.81 29.46 -2.12
CA ALA F 476 -1.03 30.61 -1.69
C ALA F 476 -0.21 30.29 -0.44
N LEU F 477 -0.84 29.63 0.55
CA LEU F 477 -0.11 29.29 1.76
C LEU F 477 1.03 28.31 1.47
N THR F 478 0.80 27.34 0.59
CA THR F 478 1.86 26.38 0.34
C THR F 478 2.99 26.96 -0.51
N ILE F 479 2.69 27.90 -1.42
CA ILE F 479 3.81 28.53 -2.13
C ILE F 479 4.55 29.48 -1.22
N LEU F 480 3.87 30.09 -0.26
CA LEU F 480 4.59 30.89 0.74
C LEU F 480 5.52 30.00 1.57
N GLY F 481 5.02 28.85 2.02
CA GLY F 481 5.88 27.90 2.70
C GLY F 481 7.04 27.44 1.84
N MET F 482 6.81 27.27 0.54
CA MET F 482 7.87 26.80 -0.35
C MET F 482 8.94 27.86 -0.56
N ILE F 483 8.54 29.13 -0.70
CA ILE F 483 9.55 30.17 -0.84
C ILE F 483 10.29 30.40 0.48
N MET F 484 9.63 30.17 1.63
CA MET F 484 10.36 30.25 2.89
C MET F 484 11.37 29.12 3.02
N ALA F 485 10.99 27.91 2.59
CA ALA F 485 11.94 26.81 2.57
C ALA F 485 13.11 27.10 1.63
N SER F 486 12.84 27.76 0.50
CA SER F 486 13.91 28.11 -0.42
C SER F 486 14.84 29.16 0.19
N ALA F 487 14.27 30.13 0.90
CA ALA F 487 15.10 31.12 1.59
C ALA F 487 15.96 30.45 2.65
N PHE F 488 15.42 29.45 3.34
CA PHE F 488 16.23 28.69 4.29
C PHE F 488 17.37 27.97 3.58
N LEU F 489 17.08 27.33 2.45
CA LEU F 489 18.12 26.67 1.68
C LEU F 489 19.21 27.65 1.26
N PHE F 490 18.81 28.85 0.86
CA PHE F 490 19.79 29.86 0.46
C PHE F 490 20.65 30.29 1.62
N PHE F 491 20.03 30.80 2.69
CA PHE F 491 20.78 31.25 3.85
C PHE F 491 21.56 30.13 4.51
N ASN F 492 21.28 28.88 4.17
CA ASN F 492 22.14 27.79 4.65
C ASN F 492 23.33 27.59 3.72
N ILE F 493 23.10 27.62 2.40
CA ILE F 493 24.18 27.33 1.47
C ILE F 493 25.13 28.51 1.29
N LYS F 494 24.70 29.73 1.63
CA LYS F 494 25.61 30.86 1.54
C LYS F 494 26.55 30.90 2.72
N ASN F 495 26.06 30.52 3.91
CA ASN F 495 26.87 30.48 5.12
C ASN F 495 27.36 29.07 5.44
N ARG F 496 27.69 28.29 4.42
CA ARG F 496 28.18 26.93 4.59
C ARG F 496 29.58 26.86 5.18
N ASN F 497 30.19 27.99 5.55
CA ASN F 497 31.56 27.99 6.02
C ASN F 497 31.71 28.35 7.49
N GLN F 498 30.78 29.09 8.08
CA GLN F 498 30.81 29.31 9.51
C GLN F 498 30.74 27.96 10.22
N LYS F 499 31.61 27.79 11.21
CA LYS F 499 31.77 26.49 11.86
C LYS F 499 30.48 25.98 12.44
N LEU F 500 29.69 26.87 13.00
CA LEU F 500 28.42 26.44 13.58
C LEU F 500 27.56 25.73 12.54
N ILE F 501 27.45 26.31 11.35
CA ILE F 501 26.74 25.64 10.26
C ILE F 501 27.51 24.44 9.73
N LYS F 502 28.82 24.35 10.01
CA LYS F 502 29.61 23.24 9.51
C LYS F 502 29.53 22.02 10.42
N MET F 503 29.33 22.21 11.72
CA MET F 503 29.19 21.07 12.62
C MET F 503 27.93 20.27 12.30
N SER F 504 26.84 20.98 11.99
CA SER F 504 25.61 20.35 11.51
C SER F 504 25.74 20.12 10.01
N SER F 505 25.77 18.86 9.60
CA SER F 505 25.99 18.48 8.20
C SER F 505 25.08 19.26 7.26
N PRO F 506 25.64 20.16 6.44
CA PRO F 506 24.77 20.97 5.57
C PRO F 506 24.17 20.20 4.41
N TYR F 507 24.83 19.13 3.95
CA TYR F 507 24.26 18.35 2.85
C TYR F 507 23.01 17.60 3.27
N MET F 508 23.00 17.04 4.48
CA MET F 508 21.77 16.45 4.99
C MET F 508 20.69 17.51 5.20
N ASN F 509 21.09 18.74 5.52
CA ASN F 509 20.11 19.81 5.64
C ASN F 509 19.50 20.15 4.29
N ASN F 510 20.30 20.15 3.24
CA ASN F 510 19.75 20.31 1.89
C ASN F 510 18.83 19.15 1.53
N LEU F 511 19.18 17.94 1.97
CA LEU F 511 18.27 16.81 1.75
C LEU F 511 16.92 17.02 2.43
N ILE F 512 16.93 17.49 3.68
CA ILE F 512 15.65 17.66 4.37
C ILE F 512 14.87 18.83 3.78
N ILE F 513 15.55 19.86 3.27
CA ILE F 513 14.78 20.93 2.63
C ILE F 513 14.20 20.46 1.30
N LEU F 514 14.91 19.57 0.59
CA LEU F 514 14.35 18.98 -0.61
C LEU F 514 13.11 18.15 -0.27
N GLY F 515 13.18 17.37 0.80
CA GLY F 515 12.01 16.61 1.23
C GLY F 515 10.84 17.50 1.62
N GLY F 516 11.12 18.60 2.32
CA GLY F 516 10.06 19.52 2.69
C GLY F 516 9.39 20.18 1.51
N MET F 517 10.17 20.60 0.51
CA MET F 517 9.54 21.18 -0.67
C MET F 517 8.83 20.13 -1.52
N LEU F 518 9.30 18.89 -1.53
CA LEU F 518 8.53 17.83 -2.17
C LEU F 518 7.18 17.65 -1.49
N SER F 519 7.16 17.63 -0.15
CA SER F 519 5.89 17.46 0.55
C SER F 519 4.97 18.66 0.33
N TYR F 520 5.53 19.87 0.29
CA TYR F 520 4.73 21.02 -0.10
C TYR F 520 4.16 20.89 -1.50
N ALA F 521 4.91 20.29 -2.43
CA ALA F 521 4.44 20.16 -3.80
C ALA F 521 3.27 19.19 -3.93
N SER F 522 2.98 18.42 -2.89
CA SER F 522 1.87 17.47 -2.95
C SER F 522 0.54 18.08 -2.53
N ILE F 523 0.54 19.36 -2.16
CA ILE F 523 -0.72 20.03 -1.83
C ILE F 523 -1.57 20.22 -3.08
N PHE F 524 -0.93 20.58 -4.20
CA PHE F 524 -1.69 20.82 -5.42
C PHE F 524 -2.31 19.55 -5.96
N LEU F 525 -1.63 18.42 -5.83
CA LEU F 525 -2.13 17.17 -6.39
C LEU F 525 -3.27 16.57 -5.58
N PHE F 526 -3.79 17.27 -4.58
CA PHE F 526 -4.99 16.82 -3.89
C PHE F 526 -6.23 17.55 -4.37
N GLY F 527 -6.13 18.86 -4.61
CA GLY F 527 -7.28 19.63 -5.05
C GLY F 527 -7.74 19.33 -6.46
N LEU F 528 -6.86 18.81 -7.30
CA LEU F 528 -7.23 18.43 -8.66
C LEU F 528 -8.21 17.27 -8.59
N ASP F 529 -9.45 17.52 -9.01
CA ASP F 529 -10.54 16.57 -8.85
C ASP F 529 -11.09 16.03 -10.15
N GLY F 530 -11.15 16.84 -11.20
CA GLY F 530 -11.76 16.41 -12.44
C GLY F 530 -12.48 17.54 -13.14
N SER F 531 -12.67 18.66 -12.45
CA SER F 531 -13.12 19.87 -13.10
C SER F 531 -11.97 20.67 -13.69
N PHE F 532 -10.73 20.33 -13.34
CA PHE F 532 -9.54 20.87 -13.97
C PHE F 532 -8.76 19.84 -14.76
N VAL F 533 -9.09 18.56 -14.63
CA VAL F 533 -8.27 17.47 -15.14
C VAL F 533 -9.15 16.53 -15.96
N SER F 534 -8.54 15.89 -16.95
CA SER F 534 -9.23 14.86 -17.72
C SER F 534 -9.43 13.61 -16.87
N GLU F 535 -10.01 12.58 -17.47
CA GLU F 535 -10.28 11.35 -16.76
C GLU F 535 -9.11 10.38 -16.79
N LYS F 536 -8.07 10.67 -17.57
CA LYS F 536 -6.90 9.81 -17.62
C LYS F 536 -5.70 10.38 -16.87
N THR F 537 -5.49 11.69 -16.87
CA THR F 537 -4.42 12.28 -16.08
C THR F 537 -4.70 12.11 -14.59
N PHE F 538 -5.97 12.05 -14.21
CA PHE F 538 -6.34 11.93 -12.80
C PHE F 538 -5.82 10.63 -12.20
N GLU F 539 -5.92 9.53 -12.94
CA GLU F 539 -5.50 8.24 -12.41
C GLU F 539 -4.00 8.17 -12.23
N THR F 540 -3.24 8.95 -13.00
CA THR F 540 -1.80 9.02 -12.81
C THR F 540 -1.41 10.02 -11.74
N LEU F 541 -2.17 11.10 -11.57
CA LEU F 541 -1.95 11.99 -10.44
C LEU F 541 -2.14 11.24 -9.12
N CYS F 542 -3.16 10.37 -9.07
CA CYS F 542 -3.44 9.62 -7.86
C CYS F 542 -2.33 8.68 -7.45
N THR F 543 -1.29 8.50 -8.27
CA THR F 543 -0.11 7.77 -7.85
C THR F 543 1.16 8.63 -7.81
N VAL F 544 1.23 9.68 -8.63
CA VAL F 544 2.38 10.57 -8.55
C VAL F 544 2.36 11.33 -7.24
N ARG F 545 1.17 11.64 -6.70
CA ARG F 545 1.13 12.33 -5.42
C ARG F 545 1.59 11.42 -4.29
N THR F 546 1.24 10.14 -4.35
CA THR F 546 1.74 9.18 -3.37
C THR F 546 3.25 9.06 -3.44
N TRP F 547 3.77 8.86 -4.66
CA TRP F 547 5.22 8.87 -4.88
C TRP F 547 5.87 10.07 -4.20
N ILE F 548 5.44 11.27 -4.61
CA ILE F 548 6.09 12.50 -4.15
C ILE F 548 6.02 12.62 -2.64
N LEU F 549 4.84 12.42 -2.05
CA LEU F 549 4.69 12.62 -0.62
C LEU F 549 5.56 11.65 0.16
N THR F 550 5.51 10.36 -0.18
CA THR F 550 6.25 9.40 0.63
C THR F 550 7.76 9.58 0.46
N VAL F 551 8.23 9.92 -0.75
CA VAL F 551 9.67 10.07 -0.90
C VAL F 551 10.15 11.35 -0.23
N GLY F 552 9.36 12.43 -0.28
CA GLY F 552 9.75 13.63 0.44
C GLY F 552 9.85 13.39 1.94
N TYR F 553 8.84 12.71 2.50
CA TYR F 553 8.87 12.45 3.94
C TYR F 553 10.05 11.58 4.32
N THR F 554 10.24 10.45 3.60
CA THR F 554 11.32 9.56 3.97
C THR F 554 12.68 10.23 3.77
N THR F 555 12.85 11.04 2.72
CA THR F 555 14.10 11.76 2.55
C THR F 555 14.38 12.68 3.72
N ALA F 556 13.42 13.54 4.06
CA ALA F 556 13.63 14.48 5.15
C ALA F 556 13.98 13.76 6.45
N PHE F 557 13.14 12.82 6.86
CA PHE F 557 13.34 12.25 8.20
C PHE F 557 14.51 11.28 8.23
N GLY F 558 14.80 10.59 7.13
CA GLY F 558 15.98 9.74 7.11
C GLY F 558 17.27 10.52 7.11
N ALA F 559 17.30 11.67 6.42
CA ALA F 559 18.46 12.53 6.49
C ALA F 559 18.67 13.05 7.91
N MET F 560 17.58 13.48 8.56
CA MET F 560 17.70 13.93 9.94
C MET F 560 18.23 12.82 10.85
N PHE F 561 17.70 11.61 10.70
CA PHE F 561 18.09 10.52 11.59
C PHE F 561 19.52 10.05 11.32
N ALA F 562 19.98 10.09 10.07
CA ALA F 562 21.38 9.77 9.81
C ALA F 562 22.30 10.85 10.36
N LYS F 563 21.92 12.12 10.19
CA LYS F 563 22.71 13.21 10.73
C LYS F 563 22.91 13.05 12.22
N THR F 564 21.86 12.64 12.94
CA THR F 564 22.03 12.44 14.38
C THR F 564 22.66 11.08 14.71
N TRP F 565 22.52 10.07 13.86
CA TRP F 565 23.13 8.79 14.12
C TRP F 565 24.64 8.86 14.05
N ARG F 566 25.17 9.71 13.16
CA ARG F 566 26.62 9.89 13.10
C ARG F 566 27.15 10.41 14.44
N VAL F 567 26.43 11.37 14.98
CA VAL F 567 26.79 11.99 16.23
C VAL F 567 26.79 10.91 17.29
N HIS F 568 25.85 9.96 17.20
CA HIS F 568 25.83 8.97 18.23
C HIS F 568 27.07 8.17 18.21
N ALA F 569 27.51 7.79 17.03
CA ALA F 569 28.66 6.93 16.95
C ALA F 569 30.00 7.49 17.42
N ILE F 570 30.30 8.70 16.99
CA ILE F 570 31.57 9.35 17.32
C ILE F 570 31.77 9.57 18.80
N PHE F 571 30.72 10.08 19.44
CA PHE F 571 30.69 10.35 20.87
C PHE F 571 30.74 9.10 21.75
N LYS F 572 30.05 8.04 21.36
CA LYS F 572 30.04 6.86 22.20
C LYS F 572 31.39 6.22 22.29
N ASN F 573 32.10 6.10 21.19
CA ASN F 573 33.40 5.48 21.28
C ASN F 573 34.54 6.26 20.66
N VAL F 574 35.54 6.58 21.45
CA VAL F 574 36.71 7.25 20.94
C VAL F 574 37.83 6.24 20.99
N LYS F 575 37.49 5.01 21.32
CA LYS F 575 38.57 4.05 21.46
C LYS F 575 39.34 4.28 20.20
N MET F 576 38.59 4.51 19.12
CA MET F 576 39.19 4.85 17.85
C MET F 576 38.76 6.29 17.65
N LYS F 577 39.73 7.19 17.61
CA LYS F 577 39.49 8.61 17.35
C LYS F 577 39.03 8.92 15.91
N LYS F 578 39.63 8.19 14.96
CA LYS F 578 39.40 8.38 13.52
C LYS F 578 38.24 7.62 12.86
N LYS F 579 38.32 7.52 11.53
CA LYS F 579 37.32 6.86 10.67
C LYS F 579 35.90 7.44 10.72
N ILE F 580 35.82 8.77 10.72
CA ILE F 580 34.54 9.47 10.77
C ILE F 580 33.66 9.12 9.56
N ILE F 581 34.30 8.95 8.41
CA ILE F 581 33.66 8.54 7.16
C ILE F 581 33.08 9.67 6.32
N LYS F 582 33.03 10.86 6.91
CA LYS F 582 32.54 12.06 6.25
C LYS F 582 31.13 11.89 5.63
N ASP F 583 30.94 12.52 4.48
CA ASP F 583 29.68 12.49 3.72
C ASP F 583 29.22 11.18 3.05
N GLN F 584 30.16 10.45 2.46
CA GLN F 584 29.83 9.25 1.68
C GLN F 584 29.02 8.17 2.40
N LYS F 585 29.31 7.90 3.66
CA LYS F 585 28.60 6.87 4.40
C LYS F 585 27.10 7.19 4.55
N LEU F 586 26.80 8.46 4.78
CA LEU F 586 25.43 8.92 4.98
C LEU F 586 24.44 8.80 3.82
N LEU F 587 24.86 9.26 2.65
CA LEU F 587 23.97 9.23 1.53
C LEU F 587 23.63 7.78 1.26
N VAL F 588 24.40 6.88 1.88
CA VAL F 588 24.20 5.47 1.59
C VAL F 588 22.98 4.94 2.32
N ILE F 589 22.87 5.22 3.62
CA ILE F 589 21.73 4.66 4.34
C ILE F 589 20.43 5.41 4.01
N VAL F 590 20.51 6.70 3.68
CA VAL F 590 19.27 7.36 3.28
C VAL F 590 18.82 6.80 1.94
N GLY F 591 19.75 6.47 1.05
CA GLY F 591 19.38 5.80 -0.18
C GLY F 591 18.87 4.39 0.05
N GLY F 592 19.35 3.73 1.10
CA GLY F 592 18.82 2.43 1.46
C GLY F 592 17.37 2.50 1.88
N MET F 593 17.04 3.50 2.71
CA MET F 593 15.66 3.67 3.11
C MET F 593 14.77 4.10 1.95
N LEU F 594 15.27 4.97 1.08
CA LEU F 594 14.52 5.29 -0.14
C LEU F 594 14.34 4.06 -1.01
N LEU F 595 15.34 3.18 -1.06
CA LEU F 595 15.21 1.97 -1.86
C LEU F 595 14.15 1.04 -1.28
N ILE F 596 14.09 0.92 0.04
CA ILE F 596 13.09 0.03 0.62
C ILE F 596 11.68 0.59 0.42
N ASP F 597 11.48 1.90 0.60
CA ASP F 597 10.13 2.39 0.34
C ASP F 597 9.81 2.37 -1.14
N LEU F 598 10.83 2.52 -1.99
CA LEU F 598 10.62 2.41 -3.43
C LEU F 598 10.19 1.01 -3.82
N CYS F 599 10.77 -0.01 -3.20
CA CYS F 599 10.38 -1.37 -3.56
C CYS F 599 8.97 -1.67 -3.07
N ILE F 600 8.63 -1.25 -1.85
CA ILE F 600 7.27 -1.49 -1.37
C ILE F 600 6.26 -0.73 -2.23
N LEU F 601 6.63 0.46 -2.69
CA LEU F 601 5.70 1.25 -3.48
C LEU F 601 5.57 0.71 -4.90
N ILE F 602 6.66 0.17 -5.45
CA ILE F 602 6.57 -0.37 -6.80
C ILE F 602 5.83 -1.70 -6.79
N CYS F 603 5.97 -2.51 -5.73
CA CYS F 603 5.16 -3.71 -5.68
C CYS F 603 3.69 -3.39 -5.44
N TRP F 604 3.39 -2.33 -4.68
CA TRP F 604 2.01 -1.88 -4.58
C TRP F 604 1.48 -1.48 -5.95
N GLN F 605 2.21 -0.63 -6.67
CA GLN F 605 1.75 -0.18 -7.98
C GLN F 605 1.65 -1.34 -8.97
N ALA F 606 2.43 -2.40 -8.77
CA ALA F 606 2.36 -3.54 -9.67
C ALA F 606 1.16 -4.43 -9.34
N VAL F 607 0.86 -4.63 -8.06
CA VAL F 607 -0.24 -5.49 -7.67
C VAL F 607 -1.56 -4.77 -7.83
N ASP F 608 -1.73 -3.65 -7.13
CA ASP F 608 -2.96 -2.86 -7.19
C ASP F 608 -2.62 -1.48 -7.75
N PRO F 609 -2.87 -1.24 -9.02
CA PRO F 609 -2.44 0.02 -9.64
C PRO F 609 -3.23 1.24 -9.20
N LEU F 610 -4.16 1.06 -8.25
CA LEU F 610 -4.92 2.16 -7.66
C LEU F 610 -5.65 2.94 -8.76
N ARG F 611 -6.62 2.25 -9.35
CA ARG F 611 -7.39 2.82 -10.45
C ARG F 611 -8.38 3.87 -9.94
N ARG F 612 -9.18 4.39 -10.86
CA ARG F 612 -10.17 5.42 -10.56
C ARG F 612 -11.55 4.80 -10.49
N THR F 613 -12.33 5.20 -9.48
CA THR F 613 -13.71 4.78 -9.34
C THR F 613 -14.56 5.99 -8.99
N VAL F 614 -15.81 5.97 -9.45
CA VAL F 614 -16.76 7.06 -9.22
C VAL F 614 -17.99 6.49 -8.54
N GLU F 615 -18.52 7.23 -7.57
CA GLU F 615 -19.74 6.85 -6.88
C GLU F 615 -20.79 7.94 -7.04
N LYS F 616 -22.06 7.54 -6.92
CA LYS F 616 -23.19 8.44 -7.06
C LYS F 616 -24.14 8.25 -5.90
N TYR F 617 -24.88 9.31 -5.57
CA TYR F 617 -25.85 9.25 -4.49
C TYR F 617 -26.76 10.47 -4.53
N SER F 618 -27.91 10.35 -3.87
CA SER F 618 -28.81 11.47 -3.63
C SER F 618 -29.27 12.14 -4.92
N MET F 619 -30.07 11.44 -5.72
CA MET F 619 -30.52 12.01 -6.98
C MET F 619 -31.44 13.22 -6.77
N GLU F 620 -32.20 13.24 -5.67
CA GLU F 620 -33.31 14.18 -5.56
C GLU F 620 -32.93 15.65 -5.42
N PRO F 621 -31.78 16.05 -4.87
CA PRO F 621 -31.48 17.49 -4.73
C PRO F 621 -31.82 18.31 -5.96
N ASP F 622 -32.27 19.54 -5.72
CA ASP F 622 -32.82 20.38 -6.76
C ASP F 622 -32.15 21.76 -6.77
N PRO F 623 -32.06 22.38 -7.94
CA PRO F 623 -31.50 23.74 -8.03
C PRO F 623 -32.52 24.79 -7.61
N ALA F 624 -32.17 26.07 -7.82
CA ALA F 624 -32.99 27.19 -7.40
C ALA F 624 -34.35 27.25 -8.09
N GLY F 625 -34.66 26.27 -8.94
CA GLY F 625 -35.95 26.21 -9.57
C GLY F 625 -35.89 26.07 -11.07
N ARG F 626 -34.73 25.63 -11.58
CA ARG F 626 -34.53 25.51 -13.02
C ARG F 626 -35.08 24.21 -13.59
N ASP F 627 -35.78 23.40 -12.79
CA ASP F 627 -36.35 22.14 -13.23
C ASP F 627 -35.29 21.14 -13.67
N ILE F 628 -34.40 20.76 -12.77
CA ILE F 628 -33.46 19.66 -13.00
C ILE F 628 -33.37 18.83 -11.73
N SER F 629 -33.17 17.52 -11.89
CA SER F 629 -32.82 16.65 -10.76
C SER F 629 -31.31 16.48 -10.80
N ILE F 630 -30.61 17.34 -10.06
CA ILE F 630 -29.15 17.37 -10.08
C ILE F 630 -28.62 16.19 -9.28
N ARG F 631 -28.15 15.16 -9.96
CA ARG F 631 -27.52 14.05 -9.26
C ARG F 631 -26.05 14.35 -9.05
N PRO F 632 -25.59 14.47 -7.80
CA PRO F 632 -24.17 14.73 -7.56
C PRO F 632 -23.39 13.43 -7.46
N LEU F 633 -22.27 13.37 -8.17
CA LEU F 633 -21.37 12.24 -8.10
C LEU F 633 -19.97 12.74 -7.75
N LEU F 634 -19.13 11.83 -7.27
CA LEU F 634 -17.83 12.19 -6.74
C LEU F 634 -16.79 11.19 -7.22
N GLU F 635 -15.64 11.71 -7.67
CA GLU F 635 -14.56 10.88 -8.19
C GLU F 635 -13.59 10.54 -7.06
N HIS F 636 -13.17 9.27 -7.01
CA HIS F 636 -12.30 8.77 -5.96
C HIS F 636 -11.18 7.96 -6.59
N CYS F 637 -10.22 7.53 -5.75
CA CYS F 637 -9.15 6.63 -6.16
C CYS F 637 -9.00 5.53 -5.10
N GLU F 638 -9.76 4.45 -5.28
CA GLU F 638 -9.66 3.30 -4.40
C GLU F 638 -9.04 2.12 -5.13
N ASN F 639 -8.98 0.99 -4.44
CA ASN F 639 -8.56 -0.28 -5.03
C ASN F 639 -9.30 -1.38 -4.27
N THR F 640 -8.84 -2.62 -4.43
CA THR F 640 -9.46 -3.74 -3.73
C THR F 640 -9.18 -3.66 -2.23
N HIS F 641 -7.91 -3.61 -1.85
CA HIS F 641 -7.50 -3.60 -0.44
C HIS F 641 -6.61 -2.38 -0.21
N MET F 642 -7.24 -1.24 0.08
CA MET F 642 -6.49 -0.02 0.36
C MET F 642 -5.89 -0.05 1.75
N THR F 643 -6.62 -0.62 2.71
CA THR F 643 -6.19 -0.58 4.10
C THR F 643 -4.87 -1.32 4.32
N ILE F 644 -4.68 -2.47 3.66
CA ILE F 644 -3.46 -3.24 3.87
C ILE F 644 -2.24 -2.47 3.41
N TRP F 645 -2.29 -1.91 2.20
CA TRP F 645 -1.15 -1.18 1.68
C TRP F 645 -0.88 0.09 2.49
N LEU F 646 -1.93 0.85 2.79
CA LEU F 646 -1.71 2.05 3.61
C LEU F 646 -1.18 1.70 4.99
N GLY F 647 -1.61 0.57 5.55
CA GLY F 647 -1.14 0.18 6.85
C GLY F 647 0.32 -0.24 6.85
N ILE F 648 0.74 -0.97 5.82
CA ILE F 648 2.16 -1.34 5.79
C ILE F 648 3.04 -0.13 5.52
N VAL F 649 2.55 0.82 4.71
CA VAL F 649 3.32 2.04 4.50
C VAL F 649 3.48 2.80 5.82
N TYR F 650 2.38 3.02 6.54
CA TYR F 650 2.50 3.68 7.83
C TYR F 650 3.30 2.87 8.82
N ALA F 651 3.29 1.55 8.71
CA ALA F 651 4.09 0.73 9.62
C ALA F 651 5.57 0.94 9.39
N TYR F 652 6.01 0.93 8.13
CA TYR F 652 7.41 1.19 7.84
C TYR F 652 7.82 2.60 8.28
N LYS F 653 6.99 3.60 7.97
CA LYS F 653 7.33 4.96 8.35
C LYS F 653 7.40 5.11 9.87
N GLY F 654 6.44 4.52 10.59
CA GLY F 654 6.48 4.56 12.04
C GLY F 654 7.64 3.80 12.64
N LEU F 655 8.07 2.73 11.98
CA LEU F 655 9.24 2.00 12.46
C LEU F 655 10.50 2.86 12.37
N LEU F 656 10.70 3.50 11.22
CA LEU F 656 11.87 4.38 11.13
C LEU F 656 11.74 5.57 12.08
N MET F 657 10.52 6.07 12.28
CA MET F 657 10.31 7.15 13.24
C MET F 657 10.67 6.71 14.65
N LEU F 658 10.28 5.49 15.02
CA LEU F 658 10.56 4.99 16.36
C LEU F 658 12.05 4.78 16.56
N PHE F 659 12.75 4.23 15.56
CA PHE F 659 14.19 4.08 15.71
C PHE F 659 14.90 5.43 15.78
N GLY F 660 14.44 6.39 15.01
CA GLY F 660 14.98 7.74 15.12
C GLY F 660 14.78 8.33 16.49
N CYS F 661 13.58 8.19 17.05
CA CYS F 661 13.32 8.73 18.38
C CYS F 661 14.15 8.03 19.44
N PHE F 662 14.29 6.70 19.33
CA PHE F 662 15.17 5.97 20.24
C PHE F 662 16.59 6.51 20.19
N LEU F 663 17.17 6.61 19.00
CA LEU F 663 18.56 7.03 18.90
C LEU F 663 18.71 8.49 19.29
N ALA F 664 17.67 9.30 19.13
CA ALA F 664 17.74 10.69 19.56
C ALA F 664 17.69 10.79 21.08
N TRP F 665 16.95 9.89 21.73
CA TRP F 665 16.97 9.86 23.19
C TRP F 665 18.30 9.35 23.72
N GLU F 666 18.91 8.39 23.03
CA GLU F 666 20.17 7.84 23.50
C GLU F 666 21.29 8.87 23.45
N THR F 667 21.18 9.87 22.57
CA THR F 667 22.17 10.93 22.45
C THR F 667 21.73 12.19 23.18
N ARG F 668 20.87 12.07 24.17
CA ARG F 668 20.33 13.25 24.84
C ARG F 668 21.42 13.98 25.63
N ASN F 669 22.35 13.25 26.23
CA ASN F 669 23.26 13.80 27.23
C ASN F 669 24.60 14.24 26.66
N VAL F 670 24.72 14.39 25.35
CA VAL F 670 25.97 14.91 24.79
C VAL F 670 26.21 16.35 25.24
N SER F 671 25.17 17.17 25.17
CA SER F 671 25.15 18.50 25.79
C SER F 671 26.24 19.42 25.25
N ILE F 672 26.49 19.40 23.95
CA ILE F 672 27.36 20.39 23.32
C ILE F 672 26.46 21.45 22.72
N PRO F 673 26.75 22.74 22.93
CA PRO F 673 25.81 23.79 22.48
C PRO F 673 25.72 23.95 20.96
N ALA F 674 26.37 23.06 20.21
CA ALA F 674 26.39 23.17 18.76
C ALA F 674 25.60 22.09 18.02
N LEU F 675 25.58 20.85 18.53
CA LEU F 675 24.89 19.80 17.78
C LEU F 675 24.11 18.82 18.65
N ASN F 676 23.70 19.21 19.86
CA ASN F 676 22.87 18.31 20.66
C ASN F 676 21.55 18.02 19.96
N ASP F 677 20.71 19.05 19.80
CA ASP F 677 19.55 19.09 18.93
C ASP F 677 18.61 17.90 19.05
N SER F 678 18.67 17.16 20.16
CA SER F 678 17.76 16.04 20.34
C SER F 678 16.38 16.52 20.76
N LYS F 679 16.31 17.67 21.43
CA LYS F 679 15.01 18.27 21.74
C LYS F 679 14.20 18.51 20.48
N TYR F 680 14.85 19.03 19.44
CA TYR F 680 14.15 19.32 18.19
C TYR F 680 13.71 18.04 17.49
N ILE F 681 14.54 17.00 17.50
CA ILE F 681 14.12 15.73 16.95
C ILE F 681 12.88 15.22 17.67
N GLY F 682 12.91 15.25 19.00
CA GLY F 682 11.76 14.78 19.76
C GLY F 682 10.50 15.56 19.45
N MET F 683 10.59 16.89 19.47
CA MET F 683 9.40 17.71 19.23
C MET F 683 8.86 17.52 17.82
N SER F 684 9.75 17.49 16.82
CA SER F 684 9.31 17.34 15.45
C SER F 684 8.67 15.98 15.21
N VAL F 685 9.28 14.90 15.71
CA VAL F 685 8.67 13.60 15.47
C VAL F 685 7.37 13.46 16.25
N TYR F 686 7.26 14.08 17.42
CA TYR F 686 5.99 14.04 18.15
C TYR F 686 4.88 14.72 17.35
N ASN F 687 5.13 15.96 16.92
CA ASN F 687 4.12 16.69 16.16
C ASN F 687 3.77 15.94 14.88
N VAL F 688 4.77 15.46 14.14
CA VAL F 688 4.51 14.77 12.89
C VAL F 688 3.69 13.50 13.13
N GLY F 689 4.10 12.69 14.11
CA GLY F 689 3.36 11.48 14.38
C GLY F 689 1.91 11.74 14.72
N ILE F 690 1.67 12.64 15.68
CA ILE F 690 0.29 12.85 16.13
C ILE F 690 -0.55 13.47 15.01
N MET F 691 0.00 14.44 14.26
CA MET F 691 -0.79 15.10 13.24
C MET F 691 -1.04 14.19 12.05
N CYS F 692 -0.07 13.36 11.66
CA CYS F 692 -0.32 12.44 10.56
C CYS F 692 -1.29 11.34 10.95
N ILE F 693 -1.26 10.88 12.20
CA ILE F 693 -2.25 9.89 12.63
C ILE F 693 -3.64 10.51 12.61
N ILE F 694 -3.80 11.72 13.15
CA ILE F 694 -5.10 12.37 13.14
C ILE F 694 -5.57 12.62 11.71
N GLY F 695 -4.66 13.07 10.84
CA GLY F 695 -5.05 13.32 9.46
C GLY F 695 -5.46 12.06 8.73
N ALA F 696 -4.72 10.96 8.92
CA ALA F 696 -5.07 9.71 8.26
C ALA F 696 -6.37 9.12 8.81
N ALA F 697 -6.70 9.42 10.06
CA ALA F 697 -7.98 8.95 10.60
C ALA F 697 -9.12 9.82 10.11
N VAL F 698 -8.91 11.13 10.00
CA VAL F 698 -9.99 12.04 9.66
C VAL F 698 -10.30 11.99 8.17
N SER F 699 -9.28 11.85 7.33
CA SER F 699 -9.51 11.85 5.89
C SER F 699 -10.39 10.69 5.46
N PHE F 700 -10.18 9.51 6.05
CA PHE F 700 -11.04 8.37 5.73
C PHE F 700 -12.46 8.55 6.24
N LEU F 701 -12.66 9.29 7.32
CA LEU F 701 -13.99 9.44 7.89
C LEU F 701 -14.78 10.57 7.24
N THR F 702 -14.16 11.38 6.39
CA THR F 702 -14.85 12.46 5.70
C THR F 702 -14.74 12.29 4.18
N ARG F 703 -14.93 11.07 3.69
CA ARG F 703 -14.83 10.83 2.26
C ARG F 703 -15.89 11.58 1.48
N ASP F 704 -17.12 11.60 1.98
CA ASP F 704 -18.23 12.25 1.29
C ASP F 704 -18.21 13.77 1.41
N GLN F 705 -17.15 14.36 1.96
CA GLN F 705 -16.99 15.81 2.03
C GLN F 705 -15.63 16.16 1.45
N PRO F 706 -15.57 16.53 0.17
CA PRO F 706 -14.27 16.79 -0.46
C PRO F 706 -13.58 18.04 0.08
N ASN F 707 -14.33 19.11 0.32
CA ASN F 707 -13.72 20.34 0.80
C ASN F 707 -13.08 20.16 2.18
N VAL F 708 -13.82 19.53 3.10
CA VAL F 708 -13.29 19.33 4.44
C VAL F 708 -12.11 18.37 4.42
N GLN F 709 -12.20 17.29 3.65
CA GLN F 709 -11.08 16.36 3.52
C GLN F 709 -9.84 17.06 3.00
N PHE F 710 -9.99 17.86 1.94
CA PHE F 710 -8.85 18.55 1.36
C PHE F 710 -8.26 19.57 2.33
N CYS F 711 -9.13 20.33 3.02
CA CYS F 711 -8.63 21.32 3.97
C CYS F 711 -7.86 20.64 5.10
N ILE F 712 -8.39 19.53 5.60
CA ILE F 712 -7.71 18.81 6.69
C ILE F 712 -6.35 18.34 6.23
N VAL F 713 -6.28 17.63 5.10
CA VAL F 713 -5.00 17.06 4.69
C VAL F 713 -4.01 18.16 4.31
N ALA F 714 -4.47 19.24 3.70
CA ALA F 714 -3.58 20.32 3.32
C ALA F 714 -3.01 21.01 4.56
N LEU F 715 -3.86 21.30 5.55
CA LEU F 715 -3.34 21.92 6.76
C LEU F 715 -2.41 20.99 7.51
N VAL F 716 -2.68 19.68 7.52
CA VAL F 716 -1.78 18.74 8.17
C VAL F 716 -0.40 18.77 7.51
N ILE F 717 -0.36 18.67 6.18
CA ILE F 717 0.91 18.67 5.48
C ILE F 717 1.65 19.98 5.71
N ILE F 718 0.95 21.10 5.56
CA ILE F 718 1.58 22.40 5.74
C ILE F 718 2.18 22.53 7.14
N PHE F 719 1.39 22.23 8.17
CA PHE F 719 1.85 22.40 9.53
C PHE F 719 3.04 21.48 9.83
N CYS F 720 2.92 20.20 9.49
CA CYS F 720 4.01 19.27 9.79
C CYS F 720 5.31 19.68 9.08
N SER F 721 5.22 20.04 7.80
CA SER F 721 6.43 20.36 7.06
C SER F 721 7.05 21.66 7.56
N THR F 722 6.22 22.68 7.81
CA THR F 722 6.79 23.95 8.27
C THR F 722 7.40 23.80 9.66
N ILE F 723 6.84 22.94 10.51
CA ILE F 723 7.43 22.74 11.82
C ILE F 723 8.74 21.96 11.72
N THR F 724 8.75 20.86 10.98
CA THR F 724 9.98 20.09 10.87
C THR F 724 11.06 20.83 10.08
N LEU F 725 10.71 21.93 9.40
CA LEU F 725 11.73 22.76 8.79
C LEU F 725 12.21 23.85 9.74
N CYS F 726 11.28 24.58 10.36
CA CYS F 726 11.65 25.67 11.25
C CYS F 726 12.45 25.15 12.44
N LEU F 727 11.93 24.14 13.14
CA LEU F 727 12.62 23.67 14.34
C LEU F 727 14.01 23.11 14.06
N VAL F 728 14.44 23.08 12.80
CA VAL F 728 15.78 22.62 12.47
C VAL F 728 16.61 23.79 11.96
N PHE F 729 15.98 24.72 11.23
CA PHE F 729 16.75 25.77 10.57
C PHE F 729 16.72 27.11 11.29
N VAL F 730 15.64 27.46 12.00
CA VAL F 730 15.58 28.76 12.67
C VAL F 730 16.48 28.82 13.90
N PRO F 731 16.75 27.75 14.65
CA PRO F 731 17.69 27.90 15.78
C PRO F 731 19.10 28.24 15.34
N LYS F 732 19.53 27.81 14.15
CA LYS F 732 20.83 28.23 13.64
C LYS F 732 20.85 29.72 13.34
N LEU F 733 19.97 30.16 12.44
CA LEU F 733 19.97 31.55 11.98
C LEU F 733 19.54 32.55 13.04
N ILE F 734 19.18 32.10 14.24
CA ILE F 734 18.88 33.07 15.29
C ILE F 734 20.16 33.44 16.05
N THR F 735 21.15 32.55 16.08
CA THR F 735 22.43 32.87 16.68
C THR F 735 23.29 33.76 15.79
N LEU F 736 23.19 33.60 14.48
CA LEU F 736 24.01 34.35 13.54
C LEU F 736 23.45 35.76 13.34
N ARG F 737 23.32 36.46 14.46
CA ARG F 737 22.80 37.82 14.46
C ARG F 737 23.12 38.52 15.78
#